data_4NBB
#
_entry.id   4NBB
#
_cell.length_a   98.424
_cell.length_b   90.083
_cell.length_c   105.324
_cell.angle_alpha   90.00
_cell.angle_beta   104.26
_cell.angle_gamma   90.00
#
_symmetry.space_group_name_H-M   'P 1 21 1'
#
loop_
_entity.id
_entity.type
_entity.pdbx_description
1 polymer 'Terminal oxygenase component of carbazole'
2 polymer 'Ferredoxin CarAc'
3 non-polymer 'FE (II) ION'
4 non-polymer 'FE2/S2 (INORGANIC) CLUSTER'
5 non-polymer 'OXYGEN MOLECULE'
6 non-polymer 9H-CARBAZOLE
7 water water
#
loop_
_entity_poly.entity_id
_entity_poly.type
_entity_poly.pdbx_seq_one_letter_code
_entity_poly.pdbx_strand_id
1 'polypeptide(L)'
;MANVDEAILKRVKGWAPYVDAKLGFRNHWYPVMFSKEINEGEPKTLKLLGENLLVNRIDGKLYCLKDRCLHRGVQLSVKV
ECKTKSTITCWYHAWTYRWEDGVLCDILTNPTSAQIGRQKLKTYPVQEAKGCVFIYLGDGDPPPLARDTPPNFLDDDMEI
LGKNQIIKSNWRLAVENGFDPSHIYIHKDSILVKDNDLALPLGFAPGGDRKQQTRVVDDDVVGRKGVYDLIGEHGVPVFE
GTIGGEVVREGAYGEKIVANDVSIWLPGVLKVNPFPNPDMMQFEWYVPIDENTHYYFQTLGKPCANDEERKKYEQEFESK
WKPMALEGFNNDDIWAREAMVDFYADDKGWVNEILFESDEAIVAWRKLASEHNQGIQTQAHVSGLEHHHHHH
;
A,B,C
2 'polypeptide(L)'
;MNQIWLKVCAASDMQPGTIRRVNRVGAAPLAVYRVGDQFYATEDTCTHGIASLSEGTLDGDVIECPFHGGAFNVCTGMPA
SSPCTVPLGVFEVEVKEGEVYVAGEKKLEHHHHHH
;
D,E,F
#
# COMPACT_ATOMS: atom_id res chain seq x y z
N ALA A 2 -14.36 10.94 -7.15
CA ALA A 2 -13.99 9.59 -7.66
C ALA A 2 -12.57 9.21 -7.22
N ASN A 3 -11.64 10.16 -7.37
CA ASN A 3 -10.25 9.92 -7.02
C ASN A 3 -9.87 10.30 -5.59
N VAL A 4 -10.74 11.03 -4.92
CA VAL A 4 -10.46 11.47 -3.55
C VAL A 4 -11.58 11.11 -2.58
N ASP A 5 -11.21 10.93 -1.31
CA ASP A 5 -12.16 10.61 -0.25
C ASP A 5 -13.33 11.58 -0.36
N GLU A 6 -14.54 11.03 -0.48
CA GLU A 6 -15.73 11.86 -0.60
C GLU A 6 -15.94 12.80 0.58
N ALA A 7 -15.47 12.43 1.77
CA ALA A 7 -15.62 13.28 2.95
C ALA A 7 -14.78 14.55 2.81
N ILE A 8 -13.72 14.46 2.01
CA ILE A 8 -12.85 15.61 1.76
C ILE A 8 -13.47 16.49 0.69
N LEU A 9 -13.90 15.87 -0.42
CA LEU A 9 -14.50 16.63 -1.50
C LEU A 9 -15.71 17.41 -1.01
N LYS A 10 -16.47 16.80 -0.11
CA LYS A 10 -17.67 17.43 0.44
C LYS A 10 -17.34 18.78 1.11
N ARG A 11 -16.18 18.85 1.74
CA ARG A 11 -15.72 20.07 2.43
C ARG A 11 -15.28 21.20 1.50
N VAL A 12 -14.76 20.84 0.32
CA VAL A 12 -14.28 21.81 -0.65
C VAL A 12 -15.38 22.19 -1.65
N LYS A 13 -16.17 23.19 -1.29
CA LYS A 13 -17.29 23.60 -2.13
C LYS A 13 -16.95 24.50 -3.32
N GLY A 14 -15.82 25.18 -3.25
CA GLY A 14 -15.44 26.06 -4.34
C GLY A 14 -14.68 25.41 -5.48
N TRP A 15 -14.03 24.28 -5.22
CA TRP A 15 -13.28 23.63 -6.29
C TRP A 15 -13.06 22.13 -6.09
N ALA A 16 -14.14 21.43 -5.73
CA ALA A 16 -14.06 19.99 -5.51
C ALA A 16 -13.55 19.22 -6.73
N PRO A 17 -14.05 19.56 -7.94
CA PRO A 17 -13.60 18.86 -9.15
C PRO A 17 -12.08 18.97 -9.36
N TYR A 18 -11.52 20.13 -9.03
CA TYR A 18 -10.07 20.35 -9.17
C TYR A 18 -9.32 19.43 -8.20
N VAL A 19 -9.82 19.33 -6.97
CA VAL A 19 -9.18 18.48 -5.97
C VAL A 19 -9.31 17.01 -6.39
N ASP A 20 -10.40 16.70 -7.09
CA ASP A 20 -10.65 15.34 -7.56
C ASP A 20 -9.77 14.99 -8.76
N ALA A 21 -9.34 16.01 -9.50
CA ALA A 21 -8.52 15.84 -10.71
C ALA A 21 -7.04 15.54 -10.49
N LYS A 22 -6.73 14.57 -9.63
CA LYS A 22 -5.33 14.27 -9.36
C LYS A 22 -4.61 13.67 -10.56
N LEU A 23 -5.35 13.04 -11.49
CA LEU A 23 -4.74 12.47 -12.69
C LEU A 23 -4.79 13.43 -13.88
N GLY A 24 -5.34 14.62 -13.67
CA GLY A 24 -5.43 15.57 -14.77
C GLY A 24 -6.81 15.66 -15.41
N PHE A 25 -6.93 16.59 -16.36
CA PHE A 25 -8.20 16.81 -17.06
C PHE A 25 -8.21 16.13 -18.43
N ARG A 26 -9.21 15.29 -18.65
CA ARG A 26 -9.35 14.59 -19.91
C ARG A 26 -9.96 15.54 -20.95
N ASN A 27 -9.76 15.21 -22.23
CA ASN A 27 -10.27 15.98 -23.35
C ASN A 27 -9.61 17.36 -23.55
N HIS A 28 -8.29 17.39 -23.45
CA HIS A 28 -7.48 18.58 -23.65
C HIS A 28 -6.21 18.14 -24.39
N TRP A 29 -5.57 19.09 -25.07
CA TRP A 29 -4.33 18.84 -25.79
C TRP A 29 -3.19 19.03 -24.79
N TYR A 30 -2.13 18.23 -24.92
CA TYR A 30 -0.98 18.32 -24.03
C TYR A 30 0.31 18.12 -24.80
N PRO A 31 1.33 18.96 -24.56
CA PRO A 31 2.60 18.79 -25.26
C PRO A 31 3.36 17.70 -24.49
N VAL A 32 4.02 16.78 -25.20
CA VAL A 32 4.74 15.71 -24.50
C VAL A 32 6.19 15.55 -24.93
N MET A 33 6.54 16.11 -26.07
CA MET A 33 7.91 16.04 -26.57
C MET A 33 8.09 17.02 -27.71
N PHE A 34 9.34 17.15 -28.18
CA PHE A 34 9.63 18.05 -29.29
C PHE A 34 9.69 17.21 -30.57
N SER A 35 9.30 17.82 -31.69
CA SER A 35 9.29 17.14 -32.97
C SER A 35 10.57 16.39 -33.32
N LYS A 36 11.71 17.03 -33.08
CA LYS A 36 13.00 16.41 -33.40
C LYS A 36 13.29 15.14 -32.60
N GLU A 37 12.51 14.90 -31.55
CA GLU A 37 12.71 13.73 -30.70
C GLU A 37 12.14 12.43 -31.30
N ILE A 38 11.29 12.56 -32.30
CA ILE A 38 10.69 11.38 -32.92
C ILE A 38 10.94 11.37 -34.42
N ASN A 39 11.62 10.33 -34.89
CA ASN A 39 11.93 10.20 -36.31
C ASN A 39 11.07 9.16 -37.03
N GLU A 40 11.18 9.19 -38.35
CA GLU A 40 10.43 8.29 -39.24
C GLU A 40 10.62 6.83 -38.85
N GLY A 41 9.50 6.13 -38.67
CA GLY A 41 9.52 4.72 -38.30
C GLY A 41 10.21 4.31 -37.01
N GLU A 42 10.32 5.23 -36.06
CA GLU A 42 10.94 4.91 -34.78
C GLU A 42 9.97 5.23 -33.64
N PRO A 43 9.05 4.29 -33.33
CA PRO A 43 8.04 4.47 -32.27
C PRO A 43 8.65 4.88 -30.92
N LYS A 44 7.96 5.81 -30.24
CA LYS A 44 8.41 6.27 -28.93
C LYS A 44 7.32 6.07 -27.88
N THR A 45 7.73 5.65 -26.69
CA THR A 45 6.80 5.42 -25.61
C THR A 45 6.77 6.61 -24.65
N LEU A 46 5.67 6.73 -23.91
CA LEU A 46 5.50 7.79 -22.93
C LEU A 46 4.21 7.49 -22.17
N LYS A 47 4.03 8.14 -21.04
CA LYS A 47 2.82 7.97 -20.24
C LYS A 47 2.20 9.36 -20.05
N LEU A 48 0.91 9.46 -20.36
CA LEU A 48 0.18 10.72 -20.25
C LEU A 48 -1.18 10.47 -19.58
N LEU A 49 -1.44 11.21 -18.51
CA LEU A 49 -2.68 11.07 -17.75
C LEU A 49 -2.85 9.64 -17.23
N GLY A 50 -1.73 9.00 -16.94
CA GLY A 50 -1.72 7.64 -16.43
C GLY A 50 -1.79 6.55 -17.51
N GLU A 51 -1.93 6.97 -18.77
CA GLU A 51 -2.02 6.03 -19.88
C GLU A 51 -0.73 5.81 -20.64
N ASN A 52 -0.37 4.55 -20.88
CA ASN A 52 0.84 4.25 -21.64
C ASN A 52 0.53 4.41 -23.14
N LEU A 53 1.29 5.27 -23.80
CA LEU A 53 1.05 5.54 -25.22
C LEU A 53 2.28 5.31 -26.10
N LEU A 54 2.02 5.09 -27.39
CA LEU A 54 3.06 4.87 -28.38
C LEU A 54 2.85 5.90 -29.50
N VAL A 55 3.92 6.58 -29.89
CA VAL A 55 3.85 7.57 -30.95
C VAL A 55 4.82 7.18 -32.04
N ASN A 56 4.38 7.28 -33.29
CA ASN A 56 5.24 6.91 -34.43
C ASN A 56 5.05 7.94 -35.53
N ARG A 57 6.06 8.09 -36.38
CA ARG A 57 6.01 9.02 -37.49
C ARG A 57 6.06 8.20 -38.78
N ILE A 58 4.99 8.26 -39.56
CA ILE A 58 4.92 7.50 -40.81
C ILE A 58 4.66 8.47 -41.96
N ASP A 59 5.61 8.52 -42.89
CA ASP A 59 5.53 9.44 -44.03
C ASP A 59 5.41 10.87 -43.53
N GLY A 60 6.21 11.19 -42.52
CA GLY A 60 6.22 12.53 -41.95
C GLY A 60 5.12 12.86 -40.94
N LYS A 61 4.03 12.11 -40.95
CA LYS A 61 2.92 12.36 -40.04
C LYS A 61 2.94 11.53 -38.75
N LEU A 62 2.53 12.14 -37.65
CA LEU A 62 2.52 11.46 -36.35
C LEU A 62 1.19 10.76 -36.05
N TYR A 63 1.31 9.58 -35.44
CA TYR A 63 0.15 8.78 -35.06
C TYR A 63 0.38 8.30 -33.62
N CYS A 64 -0.70 8.19 -32.85
CA CYS A 64 -0.61 7.75 -31.46
C CYS A 64 -1.56 6.61 -31.14
N LEU A 65 -1.01 5.52 -30.62
CA LEU A 65 -1.78 4.34 -30.24
C LEU A 65 -1.56 4.06 -28.77
N LYS A 66 -2.57 3.51 -28.10
CA LYS A 66 -2.41 3.15 -26.70
C LYS A 66 -1.41 1.99 -26.67
N ASP A 67 -0.44 2.08 -25.77
CA ASP A 67 0.59 1.04 -25.65
C ASP A 67 0.12 -0.09 -24.73
N ARG A 68 -0.96 -0.75 -25.13
CA ARG A 68 -1.52 -1.88 -24.39
C ARG A 68 -2.31 -2.75 -25.36
N CYS A 69 -1.84 -3.98 -25.57
CA CYS A 69 -2.52 -4.89 -26.49
C CYS A 69 -3.88 -5.23 -25.93
N LEU A 70 -4.87 -5.32 -26.82
CA LEU A 70 -6.24 -5.65 -26.43
C LEU A 70 -6.40 -7.08 -25.91
N HIS A 71 -5.52 -7.97 -26.37
CA HIS A 71 -5.59 -9.38 -26.02
C HIS A 71 -5.27 -9.67 -24.54
N ARG A 72 -4.00 -9.63 -24.16
CA ARG A 72 -3.64 -9.91 -22.78
C ARG A 72 -3.08 -8.70 -22.01
N GLY A 73 -3.28 -7.51 -22.56
CA GLY A 73 -2.85 -6.28 -21.90
C GLY A 73 -1.37 -5.95 -21.79
N VAL A 74 -0.53 -6.61 -22.57
CA VAL A 74 0.89 -6.31 -22.51
C VAL A 74 1.20 -5.04 -23.30
N GLN A 75 2.30 -4.37 -22.94
CA GLN A 75 2.69 -3.18 -23.69
C GLN A 75 3.33 -3.70 -24.96
N LEU A 76 2.88 -3.20 -26.10
CA LEU A 76 3.43 -3.59 -27.39
C LEU A 76 4.91 -3.23 -27.45
N SER A 77 5.25 -2.12 -26.79
CA SER A 77 6.62 -1.61 -26.78
C SER A 77 7.68 -2.46 -26.11
N VAL A 78 7.28 -3.53 -25.41
CA VAL A 78 8.25 -4.40 -24.76
C VAL A 78 9.18 -4.96 -25.84
N LYS A 79 8.60 -5.28 -27.00
CA LYS A 79 9.35 -5.79 -28.13
C LYS A 79 8.59 -5.31 -29.37
N VAL A 80 8.98 -4.13 -29.86
CA VAL A 80 8.31 -3.54 -31.02
C VAL A 80 8.48 -4.37 -32.28
N GLU A 81 7.37 -4.57 -32.99
CA GLU A 81 7.39 -5.31 -34.24
C GLU A 81 6.51 -4.62 -35.28
N CYS A 82 7.13 -3.74 -36.06
CA CYS A 82 6.42 -3.05 -37.11
C CYS A 82 6.82 -3.79 -38.38
N LYS A 83 5.96 -4.70 -38.82
CA LYS A 83 6.24 -5.53 -39.99
C LYS A 83 5.87 -4.94 -41.34
N THR A 84 5.08 -3.87 -41.33
CA THR A 84 4.73 -3.16 -42.55
C THR A 84 4.73 -1.72 -42.09
N LYS A 85 4.97 -0.81 -43.02
CA LYS A 85 5.02 0.60 -42.68
C LYS A 85 3.81 1.14 -41.93
N SER A 86 2.62 0.63 -42.24
CA SER A 86 1.39 1.12 -41.61
C SER A 86 0.85 0.33 -40.42
N THR A 87 1.59 -0.66 -39.94
CA THR A 87 1.08 -1.45 -38.82
C THR A 87 2.12 -1.75 -37.75
N ILE A 88 1.62 -2.26 -36.62
CA ILE A 88 2.46 -2.70 -35.52
C ILE A 88 1.87 -4.03 -35.07
N THR A 89 2.75 -5.02 -34.89
CA THR A 89 2.34 -6.36 -34.49
C THR A 89 2.78 -6.68 -33.07
N CYS A 90 1.83 -7.09 -32.23
CA CYS A 90 2.17 -7.44 -30.86
C CYS A 90 3.14 -8.61 -30.88
N TRP A 91 4.17 -8.51 -30.05
CA TRP A 91 5.19 -9.54 -29.96
C TRP A 91 4.72 -10.85 -29.34
N TYR A 92 3.57 -10.81 -28.66
CA TYR A 92 3.07 -11.99 -27.96
C TYR A 92 2.33 -13.01 -28.83
N HIS A 93 1.15 -12.63 -29.31
CA HIS A 93 0.37 -13.53 -30.17
C HIS A 93 0.11 -12.93 -31.55
N ALA A 94 0.94 -11.95 -31.91
CA ALA A 94 0.87 -11.30 -33.22
C ALA A 94 -0.40 -10.55 -33.63
N TRP A 95 -1.20 -10.06 -32.68
CA TRP A 95 -2.36 -9.28 -33.09
C TRP A 95 -1.77 -8.05 -33.76
N THR A 96 -2.28 -7.70 -34.93
CA THR A 96 -1.74 -6.58 -35.68
C THR A 96 -2.72 -5.44 -35.81
N TYR A 97 -2.24 -4.23 -35.55
CA TYR A 97 -3.05 -3.02 -35.57
C TYR A 97 -2.55 -1.97 -36.55
N ARG A 98 -3.48 -1.21 -37.12
CA ARG A 98 -3.14 -0.13 -38.04
C ARG A 98 -2.89 1.15 -37.22
N TRP A 99 -1.77 1.82 -37.49
CA TRP A 99 -1.45 3.06 -36.80
C TRP A 99 -2.51 4.12 -37.06
N GLU A 100 -3.06 4.08 -38.27
CA GLU A 100 -4.08 5.01 -38.75
C GLU A 100 -5.37 5.10 -37.95
N ASP A 101 -5.96 3.96 -37.61
CA ASP A 101 -7.21 3.97 -36.87
C ASP A 101 -7.25 2.96 -35.75
N GLY A 102 -6.11 2.33 -35.49
CA GLY A 102 -6.02 1.35 -34.42
C GLY A 102 -6.78 0.06 -34.66
N VAL A 103 -7.37 -0.09 -35.84
CA VAL A 103 -8.11 -1.31 -36.14
C VAL A 103 -7.25 -2.57 -36.19
N LEU A 104 -7.77 -3.64 -35.59
CA LEU A 104 -7.10 -4.93 -35.57
C LEU A 104 -7.32 -5.54 -36.96
N CYS A 105 -6.36 -5.34 -37.85
CA CYS A 105 -6.45 -5.80 -39.24
C CYS A 105 -5.94 -7.21 -39.53
N ASP A 106 -5.14 -7.77 -38.64
CA ASP A 106 -4.59 -9.11 -38.85
C ASP A 106 -4.14 -9.77 -37.54
N ILE A 107 -4.06 -11.10 -37.56
CA ILE A 107 -3.57 -11.89 -36.43
C ILE A 107 -2.75 -12.99 -37.07
N LEU A 108 -1.42 -12.83 -37.08
CA LEU A 108 -0.54 -13.81 -37.69
C LEU A 108 -0.68 -15.23 -37.15
N THR A 109 -1.01 -15.37 -35.87
CA THR A 109 -1.15 -16.71 -35.28
C THR A 109 -2.47 -17.39 -35.61
N ASN A 110 -3.42 -16.63 -36.13
CA ASN A 110 -4.72 -17.18 -36.53
C ASN A 110 -5.39 -16.25 -37.52
N PRO A 111 -5.04 -16.39 -38.81
CA PRO A 111 -5.59 -15.58 -39.89
C PRO A 111 -7.11 -15.72 -40.09
N THR A 112 -7.71 -16.74 -39.49
CA THR A 112 -9.17 -16.93 -39.65
C THR A 112 -9.96 -16.49 -38.43
N SER A 113 -9.32 -15.78 -37.50
CA SER A 113 -10.01 -15.35 -36.29
C SER A 113 -11.19 -14.40 -36.54
N ALA A 114 -12.28 -14.61 -35.81
CA ALA A 114 -13.46 -13.78 -35.92
C ALA A 114 -13.23 -12.39 -35.31
N GLN A 115 -12.12 -12.22 -34.58
CA GLN A 115 -11.82 -10.93 -33.96
C GLN A 115 -11.26 -9.93 -34.97
N ILE A 116 -10.67 -10.43 -36.05
CA ILE A 116 -10.10 -9.55 -37.07
C ILE A 116 -11.13 -8.58 -37.64
N GLY A 117 -10.81 -7.29 -37.61
CA GLY A 117 -11.71 -6.28 -38.11
C GLY A 117 -12.86 -5.93 -37.18
N ARG A 118 -12.92 -6.59 -36.02
CA ARG A 118 -14.00 -6.34 -35.07
C ARG A 118 -13.54 -5.79 -33.72
N GLN A 119 -12.29 -5.38 -33.63
CA GLN A 119 -11.77 -4.80 -32.40
C GLN A 119 -10.94 -3.61 -32.81
N LYS A 120 -10.78 -2.66 -31.90
CA LYS A 120 -10.02 -1.46 -32.22
C LYS A 120 -9.23 -0.96 -31.01
N LEU A 121 -7.94 -0.75 -31.20
CA LEU A 121 -7.07 -0.24 -30.16
C LEU A 121 -7.28 1.27 -30.09
N LYS A 122 -7.30 1.83 -28.89
CA LYS A 122 -7.50 3.26 -28.73
C LYS A 122 -6.43 4.09 -29.39
N THR A 123 -6.85 5.15 -30.08
CA THR A 123 -5.92 6.08 -30.74
C THR A 123 -6.27 7.47 -30.23
N TYR A 124 -5.29 8.36 -30.27
CA TYR A 124 -5.50 9.74 -29.84
C TYR A 124 -4.94 10.66 -30.90
N PRO A 125 -5.61 11.80 -31.14
CA PRO A 125 -5.13 12.75 -32.15
C PRO A 125 -3.77 13.33 -31.72
N VAL A 126 -2.91 13.59 -32.70
CA VAL A 126 -1.58 14.14 -32.43
C VAL A 126 -1.33 15.24 -33.44
N GLN A 127 -0.84 16.38 -32.96
CA GLN A 127 -0.55 17.53 -33.83
C GLN A 127 0.78 18.18 -33.45
N GLU A 128 1.56 18.53 -34.46
CA GLU A 128 2.83 19.20 -34.24
C GLU A 128 2.65 20.68 -34.50
N ALA A 129 3.21 21.50 -33.64
CA ALA A 129 3.11 22.95 -33.79
C ALA A 129 4.29 23.58 -33.06
N LYS A 130 4.94 24.53 -33.72
CA LYS A 130 6.08 25.21 -33.12
C LYS A 130 7.16 24.24 -32.67
N GLY A 131 7.33 23.15 -33.42
CA GLY A 131 8.33 22.16 -33.07
C GLY A 131 7.96 21.30 -31.87
N CYS A 132 6.73 21.45 -31.39
CA CYS A 132 6.24 20.70 -30.23
C CYS A 132 5.19 19.66 -30.62
N VAL A 133 5.21 18.52 -29.94
CA VAL A 133 4.26 17.45 -30.22
C VAL A 133 3.12 17.48 -29.21
N PHE A 134 1.89 17.70 -29.68
CA PHE A 134 0.73 17.75 -28.80
C PHE A 134 -0.16 16.55 -29.04
N ILE A 135 -0.68 15.99 -27.96
CA ILE A 135 -1.58 14.85 -28.03
C ILE A 135 -2.91 15.22 -27.42
N TYR A 136 -3.99 14.90 -28.11
CA TYR A 136 -5.31 15.18 -27.55
C TYR A 136 -5.68 13.95 -26.72
N LEU A 137 -5.50 14.03 -25.40
CA LEU A 137 -5.82 12.89 -24.55
C LEU A 137 -7.30 13.01 -24.23
N GLY A 138 -8.13 12.62 -25.20
CA GLY A 138 -9.56 12.71 -25.04
C GLY A 138 -10.30 11.89 -26.08
N ASP A 139 -11.63 11.90 -25.98
CA ASP A 139 -12.47 11.12 -26.87
C ASP A 139 -13.22 11.99 -27.87
N GLY A 140 -13.54 11.43 -29.03
CA GLY A 140 -14.28 12.19 -30.04
C GLY A 140 -13.41 13.20 -30.78
N ASP A 141 -14.05 13.99 -31.64
CA ASP A 141 -13.34 15.00 -32.43
C ASP A 141 -12.74 16.07 -31.54
N PRO A 142 -11.45 16.35 -31.73
CA PRO A 142 -10.74 17.35 -30.94
C PRO A 142 -11.04 18.79 -31.35
N PRO A 143 -10.93 19.72 -30.40
CA PRO A 143 -11.19 21.11 -30.70
C PRO A 143 -9.89 21.66 -31.26
N PRO A 144 -9.87 22.91 -31.70
CA PRO A 144 -8.62 23.46 -32.24
C PRO A 144 -7.57 23.47 -31.14
N LEU A 145 -6.31 23.28 -31.51
CA LEU A 145 -5.22 23.29 -30.55
C LEU A 145 -5.14 24.65 -29.85
N ALA A 146 -5.56 25.69 -30.57
CA ALA A 146 -5.54 27.05 -30.03
C ALA A 146 -6.30 27.19 -28.72
N ARG A 147 -7.38 26.41 -28.56
CA ARG A 147 -8.17 26.47 -27.35
C ARG A 147 -7.36 26.15 -26.11
N ASP A 148 -6.41 25.23 -26.24
CA ASP A 148 -5.58 24.79 -25.11
C ASP A 148 -4.17 25.36 -25.06
N THR A 149 -3.94 26.47 -25.75
CA THR A 149 -2.62 27.09 -25.74
C THR A 149 -2.80 28.55 -25.33
N PRO A 150 -1.77 29.15 -24.69
CA PRO A 150 -1.88 30.55 -24.28
C PRO A 150 -1.82 31.47 -25.50
N PRO A 151 -2.41 32.67 -25.38
CA PRO A 151 -2.40 33.64 -26.48
C PRO A 151 -0.99 33.86 -27.02
N ASN A 152 -0.90 34.02 -28.34
CA ASN A 152 0.35 34.27 -29.06
C ASN A 152 1.34 33.12 -29.23
N PHE A 153 1.15 32.01 -28.51
CA PHE A 153 2.05 30.86 -28.64
C PHE A 153 2.08 30.39 -30.09
N LEU A 154 0.91 30.41 -30.73
CA LEU A 154 0.78 29.96 -32.10
C LEU A 154 0.97 31.05 -33.17
N ASP A 155 1.40 32.25 -32.78
CA ASP A 155 1.61 33.32 -33.75
C ASP A 155 2.62 32.92 -34.82
N ASP A 156 2.29 33.24 -36.07
CA ASP A 156 3.14 32.90 -37.22
C ASP A 156 4.63 33.17 -37.05
N ASP A 157 4.99 34.37 -36.59
CA ASP A 157 6.39 34.74 -36.44
C ASP A 157 7.04 34.38 -35.10
N MET A 158 6.30 33.73 -34.23
CA MET A 158 6.82 33.36 -32.92
C MET A 158 7.75 32.14 -33.01
N GLU A 159 9.01 32.32 -32.65
CA GLU A 159 9.98 31.23 -32.69
C GLU A 159 10.02 30.56 -31.31
N ILE A 160 9.67 29.28 -31.27
CA ILE A 160 9.63 28.53 -30.02
C ILE A 160 10.80 27.56 -29.84
N LEU A 161 11.49 27.68 -28.71
CA LEU A 161 12.60 26.79 -28.37
C LEU A 161 12.34 26.37 -26.93
N GLY A 162 12.69 25.14 -26.57
CA GLY A 162 12.44 24.73 -25.21
C GLY A 162 13.18 23.53 -24.66
N LYS A 163 12.70 23.08 -23.50
CA LYS A 163 13.27 21.96 -22.78
C LYS A 163 12.13 21.22 -22.09
N ASN A 164 12.29 19.91 -21.93
CA ASN A 164 11.28 19.08 -21.28
C ASN A 164 11.96 18.06 -20.38
N GLN A 165 11.31 17.74 -19.25
CA GLN A 165 11.83 16.77 -18.31
C GLN A 165 10.72 16.30 -17.38
N ILE A 166 10.97 15.20 -16.68
CA ILE A 166 10.00 14.65 -15.75
C ILE A 166 10.30 15.13 -14.34
N ILE A 167 9.27 15.66 -13.67
CA ILE A 167 9.41 16.17 -12.32
C ILE A 167 8.53 15.37 -11.36
N LYS A 168 9.08 15.07 -10.19
CA LYS A 168 8.34 14.29 -9.20
C LYS A 168 7.40 15.05 -8.27
N SER A 169 6.26 15.48 -8.81
CA SER A 169 5.22 16.14 -8.04
C SER A 169 3.99 16.09 -8.89
N ASN A 170 2.82 16.10 -8.24
CA ASN A 170 1.56 16.11 -8.95
C ASN A 170 1.53 17.42 -9.76
N TRP A 171 0.91 17.38 -10.93
CA TRP A 171 0.83 18.55 -11.81
C TRP A 171 0.22 19.81 -11.20
N ARG A 172 -0.72 19.63 -10.28
CA ARG A 172 -1.37 20.80 -9.68
C ARG A 172 -0.43 21.63 -8.81
N LEU A 173 0.47 20.96 -8.11
CA LEU A 173 1.42 21.65 -7.26
C LEU A 173 2.29 22.53 -8.16
N ALA A 174 2.63 22.01 -9.33
CA ALA A 174 3.44 22.76 -10.30
C ALA A 174 2.69 24.01 -10.79
N VAL A 175 1.44 23.83 -11.20
CA VAL A 175 0.62 24.94 -11.68
C VAL A 175 0.51 26.04 -10.64
N GLU A 176 0.14 25.65 -9.42
CA GLU A 176 -0.02 26.64 -8.37
C GLU A 176 1.28 27.37 -8.04
N ASN A 177 2.39 26.65 -8.03
CA ASN A 177 3.66 27.32 -7.74
C ASN A 177 3.96 28.35 -8.82
N GLY A 178 3.79 27.97 -10.08
CA GLY A 178 4.07 28.89 -11.18
C GLY A 178 3.22 30.15 -11.22
N PHE A 179 1.95 30.02 -10.87
CA PHE A 179 1.01 31.14 -10.89
C PHE A 179 0.97 31.92 -9.56
N ASP A 180 1.67 31.41 -8.56
CA ASP A 180 1.73 32.01 -7.21
C ASP A 180 2.47 33.34 -7.21
N PRO A 181 1.76 34.47 -7.02
CA PRO A 181 2.41 35.78 -7.02
C PRO A 181 3.51 35.97 -5.98
N SER A 182 3.32 35.41 -4.79
CA SER A 182 4.33 35.57 -3.73
C SER A 182 5.47 34.56 -3.75
N HIS A 183 5.43 33.56 -4.64
CA HIS A 183 6.50 32.58 -4.66
C HIS A 183 7.80 33.19 -5.21
N ILE A 184 7.67 34.36 -5.82
CA ILE A 184 8.80 35.08 -6.39
C ILE A 184 9.95 35.21 -5.37
N TYR A 185 9.61 35.08 -4.08
CA TYR A 185 10.59 35.17 -3.01
C TYR A 185 11.69 34.10 -3.18
N ILE A 186 11.33 32.91 -3.66
CA ILE A 186 12.31 31.85 -3.83
C ILE A 186 13.32 32.12 -4.94
N HIS A 187 13.06 33.15 -5.74
CA HIS A 187 13.93 33.48 -6.87
C HIS A 187 14.87 34.64 -6.59
N LYS A 188 14.84 35.17 -5.36
CA LYS A 188 15.66 36.32 -5.02
C LYS A 188 17.15 36.22 -5.28
N ASP A 189 17.71 35.01 -5.23
CA ASP A 189 19.15 34.82 -5.46
C ASP A 189 19.47 34.15 -6.80
N SER A 190 18.51 34.08 -7.71
CA SER A 190 18.73 33.47 -9.01
C SER A 190 19.82 34.20 -9.81
N ILE A 191 20.68 33.44 -10.50
CA ILE A 191 21.75 34.05 -11.28
C ILE A 191 21.18 34.95 -12.37
N LEU A 192 20.00 34.61 -12.88
CA LEU A 192 19.36 35.41 -13.91
C LEU A 192 19.10 36.84 -13.43
N VAL A 193 18.67 36.97 -12.18
CA VAL A 193 18.37 38.28 -11.62
C VAL A 193 19.57 39.22 -11.68
N LYS A 194 20.72 38.72 -11.22
CA LYS A 194 21.93 39.52 -11.24
C LYS A 194 22.53 39.61 -12.65
N ASP A 195 22.75 38.47 -13.29
CA ASP A 195 23.35 38.45 -14.62
C ASP A 195 22.54 39.06 -15.77
N ASN A 196 21.25 39.31 -15.54
CA ASN A 196 20.43 39.92 -16.59
C ASN A 196 19.80 41.20 -16.06
N ASP A 197 20.39 41.71 -14.97
CA ASP A 197 19.98 42.94 -14.33
C ASP A 197 18.46 43.14 -14.23
N LEU A 198 17.77 42.18 -13.63
CA LEU A 198 16.32 42.26 -13.49
C LEU A 198 15.88 42.98 -12.21
N ALA A 199 14.70 43.60 -12.29
CA ALA A 199 14.11 44.25 -11.15
C ALA A 199 13.21 43.12 -10.63
N LEU A 200 13.34 42.77 -9.35
CA LEU A 200 12.52 41.70 -8.81
C LEU A 200 12.22 41.96 -7.34
N PRO A 201 10.95 42.25 -7.04
CA PRO A 201 10.56 42.51 -5.66
C PRO A 201 10.51 41.18 -4.89
N LEU A 202 10.38 41.26 -3.57
CA LEU A 202 10.29 40.06 -2.75
C LEU A 202 8.84 39.59 -2.71
N GLY A 203 7.93 40.51 -3.03
CA GLY A 203 6.50 40.20 -3.03
C GLY A 203 5.66 41.44 -3.28
N PHE A 204 4.38 41.40 -2.88
CA PHE A 204 3.49 42.52 -3.07
C PHE A 204 2.53 42.76 -1.91
N ALA A 205 2.26 44.03 -1.61
CA ALA A 205 1.30 44.38 -0.59
C ALA A 205 0.07 44.67 -1.45
N PRO A 206 -0.94 43.79 -1.42
CA PRO A 206 -2.16 43.97 -2.22
C PRO A 206 -2.88 45.29 -2.07
N GLY A 207 -3.44 45.78 -3.17
CA GLY A 207 -4.19 47.02 -3.17
C GLY A 207 -5.49 46.83 -3.94
N GLY A 208 -6.54 47.57 -3.59
CA GLY A 208 -7.80 47.42 -4.29
C GLY A 208 -8.64 46.28 -3.73
N ASP A 209 -9.74 45.94 -4.39
CA ASP A 209 -10.59 44.86 -3.91
C ASP A 209 -10.21 43.47 -4.45
N ARG A 210 -10.86 42.45 -3.90
CA ARG A 210 -10.61 41.05 -4.28
C ARG A 210 -10.77 40.78 -5.77
N LYS A 211 -11.83 41.32 -6.35
CA LYS A 211 -12.11 41.13 -7.77
C LYS A 211 -11.10 41.82 -8.68
N GLN A 212 -10.37 42.80 -8.15
CA GLN A 212 -9.38 43.52 -8.93
C GLN A 212 -8.03 42.79 -8.94
N GLN A 213 -7.90 41.76 -8.12
CA GLN A 213 -6.67 41.00 -8.02
C GLN A 213 -6.40 40.09 -9.21
N THR A 214 -7.45 39.70 -9.91
CA THR A 214 -7.29 38.84 -11.07
C THR A 214 -8.26 39.23 -12.16
N ARG A 215 -8.04 38.65 -13.33
CA ARG A 215 -8.92 38.88 -14.47
C ARG A 215 -9.13 37.50 -15.09
N VAL A 216 -10.34 36.98 -14.93
CA VAL A 216 -10.69 35.67 -15.46
C VAL A 216 -11.19 35.82 -16.90
N VAL A 217 -10.69 34.96 -17.77
CA VAL A 217 -11.11 34.96 -19.18
C VAL A 217 -11.94 33.69 -19.33
N ASP A 218 -13.26 33.83 -19.38
CA ASP A 218 -14.16 32.70 -19.50
C ASP A 218 -14.25 32.21 -20.92
N ASP A 219 -14.02 33.12 -21.86
CA ASP A 219 -14.07 32.76 -23.27
C ASP A 219 -13.18 33.66 -24.11
N ASP A 220 -12.50 33.04 -25.07
CA ASP A 220 -11.61 33.74 -25.99
C ASP A 220 -12.20 33.46 -27.36
N VAL A 221 -11.55 33.97 -28.41
CA VAL A 221 -12.02 33.74 -29.76
C VAL A 221 -11.99 32.23 -30.02
N VAL A 222 -11.05 31.54 -29.38
CA VAL A 222 -10.91 30.10 -29.56
C VAL A 222 -11.37 29.24 -28.37
N GLY A 223 -12.10 29.84 -27.44
CA GLY A 223 -12.58 29.08 -26.29
C GLY A 223 -11.59 28.90 -25.15
N ARG A 224 -10.53 29.71 -25.13
CA ARG A 224 -9.53 29.64 -24.07
C ARG A 224 -10.16 29.95 -22.73
N LYS A 225 -9.61 29.36 -21.67
CA LYS A 225 -10.09 29.57 -20.31
C LYS A 225 -8.82 29.80 -19.47
N GLY A 226 -8.75 30.95 -18.80
CA GLY A 226 -7.58 31.24 -18.00
C GLY A 226 -7.77 32.39 -17.02
N VAL A 227 -6.71 32.75 -16.32
CA VAL A 227 -6.73 33.83 -15.33
C VAL A 227 -5.43 34.63 -15.38
N TYR A 228 -5.55 35.96 -15.36
CA TYR A 228 -4.36 36.84 -15.34
C TYR A 228 -4.15 37.29 -13.90
N ASP A 229 -2.89 37.35 -13.49
CA ASP A 229 -2.54 37.82 -12.14
C ASP A 229 -2.37 39.34 -12.19
N LEU A 230 -3.26 40.06 -11.51
CA LEU A 230 -3.22 41.52 -11.51
C LEU A 230 -2.82 42.11 -10.16
N ILE A 231 -2.09 41.36 -9.35
CA ILE A 231 -1.70 41.84 -8.04
C ILE A 231 -0.85 43.13 -8.12
N GLY A 232 -0.11 43.29 -9.21
CA GLY A 232 0.73 44.47 -9.36
C GLY A 232 0.02 45.68 -9.93
N GLU A 233 -1.27 45.54 -10.25
CA GLU A 233 -2.03 46.65 -10.82
C GLU A 233 -2.23 47.77 -9.80
N HIS A 234 -2.64 47.41 -8.59
CA HIS A 234 -2.88 48.39 -7.52
C HIS A 234 -2.08 48.02 -6.28
N GLY A 235 -1.25 46.98 -6.40
CA GLY A 235 -0.45 46.55 -5.27
C GLY A 235 0.89 47.25 -5.20
N VAL A 236 1.50 47.24 -4.01
CA VAL A 236 2.78 47.87 -3.79
C VAL A 236 3.91 46.85 -3.78
N PRO A 237 4.86 46.98 -4.72
CA PRO A 237 5.99 46.06 -4.78
C PRO A 237 6.77 46.14 -3.48
N VAL A 238 7.13 44.99 -2.92
CA VAL A 238 7.90 44.95 -1.69
C VAL A 238 9.37 44.71 -2.06
N PHE A 239 10.22 45.69 -1.75
CA PHE A 239 11.63 45.58 -2.07
C PHE A 239 12.51 45.37 -0.84
N GLU A 240 11.98 45.66 0.35
CA GLU A 240 12.76 45.43 1.55
C GLU A 240 11.95 44.60 2.55
N GLY A 241 12.49 43.43 2.90
CA GLY A 241 11.84 42.56 3.85
C GLY A 241 12.27 42.93 5.26
N THR A 242 11.30 43.09 6.14
CA THR A 242 11.60 43.45 7.52
C THR A 242 11.01 42.47 8.52
N ILE A 243 11.72 42.31 9.64
CA ILE A 243 11.31 41.47 10.73
C ILE A 243 11.42 42.35 11.96
N GLY A 244 10.31 42.56 12.65
CA GLY A 244 10.33 43.39 13.83
C GLY A 244 10.75 44.80 13.48
N GLY A 245 10.46 45.20 12.25
CA GLY A 245 10.81 46.54 11.80
C GLY A 245 12.22 46.72 11.27
N GLU A 246 13.05 45.67 11.36
CA GLU A 246 14.43 45.74 10.88
C GLU A 246 14.57 45.08 9.51
N VAL A 247 15.27 45.76 8.61
CA VAL A 247 15.49 45.24 7.26
C VAL A 247 16.44 44.06 7.32
N VAL A 248 16.00 42.91 6.82
CA VAL A 248 16.84 41.72 6.82
C VAL A 248 17.11 41.21 5.42
N ARG A 249 16.41 41.78 4.44
CA ARG A 249 16.57 41.36 3.06
C ARG A 249 16.03 42.40 2.09
N GLU A 250 16.65 42.48 0.91
CA GLU A 250 16.21 43.43 -0.10
C GLU A 250 15.95 42.73 -1.43
N GLY A 251 15.07 43.32 -2.22
CA GLY A 251 14.75 42.78 -3.53
C GLY A 251 15.85 43.20 -4.49
N ALA A 252 15.66 42.94 -5.77
CA ALA A 252 16.65 43.30 -6.78
C ALA A 252 16.23 44.58 -7.51
N TYR A 253 17.13 45.56 -7.53
CA TYR A 253 16.87 46.85 -8.17
C TYR A 253 17.39 46.96 -9.60
N GLY A 254 17.29 45.88 -10.36
CA GLY A 254 17.76 45.90 -11.74
C GLY A 254 16.97 46.87 -12.61
N GLU A 255 17.43 47.06 -13.84
CA GLU A 255 16.76 47.98 -14.76
C GLU A 255 15.69 47.33 -15.64
N LYS A 256 15.87 46.05 -15.95
CA LYS A 256 14.90 45.36 -16.80
C LYS A 256 13.63 44.96 -16.07
N ILE A 257 12.50 45.42 -16.61
CA ILE A 257 11.19 45.13 -16.04
C ILE A 257 10.61 43.95 -16.83
N VAL A 258 10.42 42.82 -16.17
CA VAL A 258 9.86 41.64 -16.83
C VAL A 258 8.60 41.16 -16.10
N ALA A 259 7.93 40.16 -16.67
CA ALA A 259 6.72 39.61 -16.08
C ALA A 259 5.63 40.67 -15.95
N ASN A 260 5.45 41.45 -17.01
CA ASN A 260 4.42 42.48 -17.08
C ASN A 260 3.08 41.79 -16.76
N ASP A 261 2.79 40.72 -17.49
CA ASP A 261 1.58 39.96 -17.26
C ASP A 261 1.86 38.47 -17.16
N VAL A 262 1.17 37.85 -16.21
CA VAL A 262 1.30 36.43 -15.93
C VAL A 262 -0.10 35.85 -15.97
N SER A 263 -0.29 34.82 -16.78
CA SER A 263 -1.60 34.20 -16.87
C SER A 263 -1.49 32.69 -16.92
N ILE A 264 -2.47 32.01 -16.32
CA ILE A 264 -2.47 30.57 -16.34
C ILE A 264 -3.71 30.17 -17.15
N TRP A 265 -3.57 29.13 -17.96
CA TRP A 265 -4.67 28.66 -18.81
C TRP A 265 -4.90 27.16 -18.73
N LEU A 266 -6.15 26.73 -18.93
CA LEU A 266 -6.45 25.31 -18.93
C LEU A 266 -5.76 24.79 -20.18
N PRO A 267 -5.30 23.52 -20.17
CA PRO A 267 -5.40 22.56 -19.09
C PRO A 267 -4.33 22.72 -18.02
N GLY A 268 -3.47 23.72 -18.18
CA GLY A 268 -2.43 23.94 -17.20
C GLY A 268 -1.13 24.41 -17.81
N VAL A 269 -1.16 25.62 -18.39
CA VAL A 269 0.02 26.20 -19.01
C VAL A 269 0.12 27.67 -18.61
N LEU A 270 1.31 28.06 -18.14
CA LEU A 270 1.57 29.41 -17.70
C LEU A 270 2.23 30.25 -18.78
N LYS A 271 1.86 31.53 -18.85
CA LYS A 271 2.45 32.48 -19.80
C LYS A 271 3.00 33.65 -19.00
N VAL A 272 4.30 33.88 -19.13
CA VAL A 272 4.93 35.00 -18.43
C VAL A 272 5.48 35.91 -19.52
N ASN A 273 4.94 37.13 -19.57
CA ASN A 273 5.34 38.09 -20.59
C ASN A 273 5.61 39.49 -20.04
N PRO A 274 6.82 40.04 -20.30
CA PRO A 274 7.91 39.40 -21.03
C PRO A 274 8.84 38.67 -20.07
N PHE A 275 9.51 37.63 -20.53
CA PHE A 275 10.41 36.86 -19.69
C PHE A 275 11.22 35.89 -20.54
N PRO A 276 12.52 35.70 -20.23
CA PRO A 276 13.30 36.31 -19.14
C PRO A 276 13.95 37.64 -19.54
N ASN A 277 13.66 38.09 -20.75
CA ASN A 277 14.20 39.36 -21.26
C ASN A 277 13.02 40.14 -21.84
N PRO A 278 13.07 41.47 -21.79
CA PRO A 278 12.01 42.34 -22.30
C PRO A 278 11.49 42.03 -23.71
N ASP A 279 12.26 41.30 -24.50
CA ASP A 279 11.85 40.98 -25.87
C ASP A 279 11.42 39.54 -26.11
N MET A 280 11.19 38.78 -25.04
CA MET A 280 10.78 37.38 -25.15
C MET A 280 9.63 37.08 -24.20
N MET A 281 9.09 35.88 -24.29
CA MET A 281 8.04 35.45 -23.40
C MET A 281 8.18 33.96 -23.11
N GLN A 282 7.71 33.54 -21.94
CA GLN A 282 7.83 32.15 -21.55
C GLN A 282 6.48 31.46 -21.43
N PHE A 283 6.39 30.26 -22.00
CA PHE A 283 5.18 29.46 -21.93
C PHE A 283 5.62 28.10 -21.38
N GLU A 284 5.04 27.69 -20.26
CA GLU A 284 5.39 26.40 -19.69
C GLU A 284 4.19 25.59 -19.25
N TRP A 285 4.21 24.31 -19.62
CA TRP A 285 3.16 23.35 -19.29
C TRP A 285 3.60 22.46 -18.13
N TYR A 286 2.62 21.98 -17.36
CA TYR A 286 2.85 21.06 -16.25
C TYR A 286 1.90 19.93 -16.64
N VAL A 287 2.42 19.00 -17.43
CA VAL A 287 1.64 17.88 -17.97
C VAL A 287 1.56 16.67 -17.06
N PRO A 288 0.33 16.25 -16.68
CA PRO A 288 0.18 15.07 -15.81
C PRO A 288 0.60 13.76 -16.48
N ILE A 289 1.54 13.07 -15.85
CA ILE A 289 2.04 11.77 -16.31
C ILE A 289 1.29 10.71 -15.50
N ASP A 290 1.32 10.85 -14.17
CA ASP A 290 0.55 9.98 -13.30
C ASP A 290 0.24 10.84 -12.08
N GLU A 291 -0.29 10.26 -11.01
CA GLU A 291 -0.64 11.08 -9.85
C GLU A 291 0.54 11.72 -9.13
N ASN A 292 1.75 11.19 -9.31
CA ASN A 292 2.92 11.74 -8.62
C ASN A 292 3.94 12.46 -9.47
N THR A 293 3.73 12.52 -10.79
CA THR A 293 4.71 13.16 -11.65
C THR A 293 4.11 13.93 -12.81
N HIS A 294 4.90 14.84 -13.37
CA HIS A 294 4.46 15.63 -14.50
C HIS A 294 5.61 15.98 -15.42
N TYR A 295 5.27 16.38 -16.63
CA TYR A 295 6.27 16.82 -17.57
C TYR A 295 6.37 18.31 -17.34
N TYR A 296 7.57 18.83 -17.16
CA TYR A 296 7.76 20.26 -17.00
C TYR A 296 8.26 20.69 -18.38
N PHE A 297 7.31 21.02 -19.25
CA PHE A 297 7.56 21.42 -20.63
C PHE A 297 7.72 22.92 -20.76
N GLN A 298 8.97 23.37 -20.80
CA GLN A 298 9.32 24.79 -20.89
C GLN A 298 9.59 25.25 -22.32
N THR A 299 9.11 26.45 -22.66
CA THR A 299 9.38 27.02 -23.98
C THR A 299 9.59 28.52 -23.84
N LEU A 300 10.47 29.05 -24.68
CA LEU A 300 10.74 30.49 -24.71
C LEU A 300 10.46 30.91 -26.14
N GLY A 301 9.65 31.95 -26.29
CA GLY A 301 9.30 32.42 -27.61
C GLY A 301 9.78 33.82 -27.90
N LYS A 302 10.12 34.05 -29.16
CA LYS A 302 10.56 35.37 -29.59
C LYS A 302 10.18 35.58 -31.04
N PRO A 303 9.56 36.72 -31.35
CA PRO A 303 9.17 36.98 -32.74
C PRO A 303 10.42 37.04 -33.62
N CYS A 304 10.40 36.35 -34.74
CA CYS A 304 11.51 36.34 -35.68
C CYS A 304 10.93 36.42 -37.08
N ALA A 305 11.47 37.31 -37.91
CA ALA A 305 10.98 37.50 -39.27
C ALA A 305 11.67 36.64 -40.31
N ASN A 306 12.99 36.65 -40.32
CA ASN A 306 13.76 35.89 -41.29
C ASN A 306 14.45 34.70 -40.66
N ASP A 307 15.26 33.99 -41.45
CA ASP A 307 15.99 32.83 -40.97
C ASP A 307 17.26 33.24 -40.24
N GLU A 308 17.68 34.49 -40.42
CA GLU A 308 18.88 34.99 -39.76
C GLU A 308 18.60 35.20 -38.28
N GLU A 309 17.51 35.90 -37.97
CA GLU A 309 17.14 36.16 -36.59
C GLU A 309 16.89 34.87 -35.82
N ARG A 310 16.20 33.93 -36.47
CA ARG A 310 15.91 32.65 -35.85
C ARG A 310 17.22 31.95 -35.49
N LYS A 311 18.18 32.02 -36.41
CA LYS A 311 19.48 31.41 -36.19
C LYS A 311 20.11 32.06 -34.95
N LYS A 312 20.15 33.38 -34.96
CA LYS A 312 20.71 34.15 -33.85
C LYS A 312 20.02 33.78 -32.54
N TYR A 313 18.69 33.74 -32.59
CA TYR A 313 17.89 33.40 -31.42
C TYR A 313 18.26 32.03 -30.89
N GLU A 314 18.37 31.05 -31.79
CA GLU A 314 18.73 29.70 -31.37
C GLU A 314 20.10 29.70 -30.69
N GLN A 315 21.00 30.57 -31.15
CA GLN A 315 22.33 30.65 -30.57
C GLN A 315 22.24 31.23 -29.16
N GLU A 316 21.48 32.31 -29.02
CA GLU A 316 21.32 32.96 -27.73
C GLU A 316 20.65 32.01 -26.74
N PHE A 317 19.65 31.27 -27.22
CA PHE A 317 18.94 30.32 -26.37
C PHE A 317 19.89 29.29 -25.76
N GLU A 318 20.66 28.63 -26.61
CA GLU A 318 21.59 27.60 -26.16
C GLU A 318 22.72 28.10 -25.28
N SER A 319 23.17 29.33 -25.53
CA SER A 319 24.28 29.87 -24.76
C SER A 319 23.91 30.71 -23.55
N LYS A 320 22.68 31.24 -23.51
CA LYS A 320 22.28 32.09 -22.41
C LYS A 320 20.94 31.78 -21.73
N TRP A 321 19.85 31.93 -22.47
CA TRP A 321 18.52 31.73 -21.94
C TRP A 321 18.26 30.35 -21.33
N LYS A 322 18.64 29.28 -22.03
CA LYS A 322 18.41 27.94 -21.51
C LYS A 322 19.10 27.73 -20.16
N PRO A 323 20.44 27.94 -20.10
CA PRO A 323 21.16 27.75 -18.84
C PRO A 323 20.93 28.80 -17.75
N MET A 324 20.78 30.07 -18.15
CA MET A 324 20.57 31.12 -17.16
C MET A 324 19.11 31.27 -16.70
N ALA A 325 18.18 31.08 -17.61
CA ALA A 325 16.77 31.22 -17.26
C ALA A 325 16.07 29.88 -17.00
N LEU A 326 15.85 29.09 -18.05
CA LEU A 326 15.17 27.81 -17.91
C LEU A 326 15.71 26.97 -16.76
N GLU A 327 17.03 27.02 -16.55
CA GLU A 327 17.64 26.24 -15.48
C GLU A 327 18.05 27.17 -14.32
N GLY A 328 18.82 28.21 -14.62
CA GLY A 328 19.27 29.12 -13.57
C GLY A 328 18.15 29.76 -12.76
N PHE A 329 16.99 29.96 -13.38
CA PHE A 329 15.88 30.58 -12.68
C PHE A 329 14.87 29.55 -12.19
N ASN A 330 14.34 28.75 -13.12
CA ASN A 330 13.32 27.76 -12.79
C ASN A 330 13.72 26.53 -12.00
N ASN A 331 15.02 26.26 -11.85
CA ASN A 331 15.41 25.09 -11.07
C ASN A 331 14.89 25.19 -9.64
N ASP A 332 14.79 26.41 -9.11
CA ASP A 332 14.28 26.56 -7.74
C ASP A 332 12.79 26.23 -7.67
N ASP A 333 12.07 26.39 -8.78
CA ASP A 333 10.65 26.05 -8.79
C ASP A 333 10.50 24.54 -8.65
N ILE A 334 11.45 23.80 -9.24
CA ILE A 334 11.39 22.34 -9.17
C ILE A 334 11.40 21.80 -7.75
N TRP A 335 12.39 22.20 -6.95
CA TRP A 335 12.41 21.68 -5.59
C TRP A 335 11.31 22.29 -4.71
N ALA A 336 10.81 23.46 -5.09
CA ALA A 336 9.73 24.08 -4.32
C ALA A 336 8.48 23.23 -4.51
N ARG A 337 8.25 22.75 -5.73
CA ARG A 337 7.09 21.90 -6.03
C ARG A 337 7.19 20.61 -5.24
N GLU A 338 8.37 20.02 -5.27
CA GLU A 338 8.62 18.78 -4.58
C GLU A 338 8.43 18.93 -3.07
N ALA A 339 8.67 20.12 -2.54
CA ALA A 339 8.52 20.34 -1.09
C ALA A 339 7.07 20.33 -0.62
N MET A 340 6.11 20.55 -1.54
CA MET A 340 4.70 20.53 -1.18
C MET A 340 4.04 19.14 -1.30
N VAL A 341 4.77 18.17 -1.86
CA VAL A 341 4.23 16.82 -2.03
C VAL A 341 3.63 16.16 -0.79
N ASP A 342 4.41 16.08 0.29
CA ASP A 342 3.90 15.44 1.51
C ASP A 342 2.60 15.99 2.07
N PHE A 343 2.47 17.31 2.15
CA PHE A 343 1.29 17.94 2.72
C PHE A 343 0.01 17.62 1.94
N TYR A 344 0.13 17.46 0.64
CA TYR A 344 -1.04 17.17 -0.20
C TYR A 344 -1.18 15.69 -0.57
N ALA A 345 -0.14 14.90 -0.32
CA ALA A 345 -0.15 13.48 -0.65
C ALA A 345 -1.33 12.69 -0.08
N ASP A 346 -1.76 13.03 1.13
CA ASP A 346 -2.88 12.31 1.73
C ASP A 346 -4.19 13.06 1.46
N ASP A 347 -4.11 14.06 0.59
CA ASP A 347 -5.25 14.89 0.21
C ASP A 347 -5.73 15.79 1.36
N LYS A 348 -5.06 15.72 2.52
CA LYS A 348 -5.48 16.55 3.65
C LYS A 348 -5.04 18.01 3.52
N GLY A 349 -3.97 18.25 2.77
CA GLY A 349 -3.48 19.61 2.58
C GLY A 349 -4.54 20.51 1.93
N TRP A 350 -5.40 19.91 1.10
CA TRP A 350 -6.46 20.66 0.44
C TRP A 350 -7.49 21.19 1.44
N VAL A 351 -7.39 20.73 2.68
CA VAL A 351 -8.31 21.17 3.74
C VAL A 351 -7.56 22.01 4.77
N ASN A 352 -6.33 21.59 5.09
CA ASN A 352 -5.55 22.24 6.12
C ASN A 352 -4.70 23.46 5.76
N GLU A 353 -4.48 23.70 4.47
CA GLU A 353 -3.69 24.86 4.03
C GLU A 353 -4.24 26.16 4.62
N ILE A 354 -3.35 27.08 5.00
CA ILE A 354 -3.78 28.39 5.51
C ILE A 354 -3.31 29.42 4.50
N LEU A 355 -4.27 29.90 3.70
CA LEU A 355 -3.98 30.84 2.64
C LEU A 355 -3.91 32.30 3.09
N PHE A 356 -3.21 33.13 2.31
CA PHE A 356 -3.18 34.54 2.61
C PHE A 356 -3.54 35.32 1.34
N GLU A 357 -3.56 36.65 1.43
CA GLU A 357 -3.99 37.48 0.31
C GLU A 357 -3.59 37.17 -1.13
N SER A 358 -2.29 37.05 -1.41
CA SER A 358 -1.87 36.78 -2.79
C SER A 358 -2.42 35.48 -3.34
N ASP A 359 -2.91 34.60 -2.46
CA ASP A 359 -3.48 33.33 -2.91
C ASP A 359 -4.81 33.51 -3.65
N GLU A 360 -5.33 34.73 -3.72
CA GLU A 360 -6.57 34.98 -4.45
C GLU A 360 -6.36 34.50 -5.89
N ALA A 361 -5.14 34.67 -6.39
CA ALA A 361 -4.83 34.25 -7.76
C ALA A 361 -5.02 32.73 -7.90
N ILE A 362 -4.51 31.98 -6.94
CA ILE A 362 -4.63 30.53 -6.95
C ILE A 362 -6.09 30.09 -6.84
N VAL A 363 -6.84 30.73 -5.94
CA VAL A 363 -8.25 30.39 -5.78
C VAL A 363 -9.00 30.61 -7.09
N ALA A 364 -8.72 31.71 -7.78
CA ALA A 364 -9.37 32.01 -9.06
C ALA A 364 -9.08 30.91 -10.08
N TRP A 365 -7.86 30.37 -10.06
CA TRP A 365 -7.47 29.31 -10.98
C TRP A 365 -8.20 28.01 -10.63
N ARG A 366 -8.23 27.68 -9.34
CA ARG A 366 -8.90 26.46 -8.91
C ARG A 366 -10.39 26.46 -9.32
N LYS A 367 -11.05 27.61 -9.16
CA LYS A 367 -12.46 27.71 -9.52
C LYS A 367 -12.66 27.65 -11.03
N LEU A 368 -11.82 28.36 -11.77
CA LEU A 368 -11.93 28.36 -13.21
C LEU A 368 -11.69 26.94 -13.72
N ALA A 369 -10.67 26.29 -13.18
CA ALA A 369 -10.33 24.92 -13.58
C ALA A 369 -11.51 23.98 -13.30
N SER A 370 -12.11 24.12 -12.13
CA SER A 370 -13.24 23.29 -11.73
C SER A 370 -14.47 23.51 -12.60
N GLU A 371 -14.70 24.76 -12.99
CA GLU A 371 -15.86 25.10 -13.80
C GLU A 371 -15.73 24.89 -15.30
N HIS A 372 -14.51 24.97 -15.84
CA HIS A 372 -14.35 24.84 -17.27
C HIS A 372 -13.51 23.70 -17.84
N ASN A 373 -13.06 22.77 -16.98
CA ASN A 373 -12.28 21.65 -17.46
C ASN A 373 -13.22 20.78 -18.33
N GLN A 374 -12.64 20.01 -19.25
CA GLN A 374 -13.44 19.18 -20.14
C GLN A 374 -13.59 17.72 -19.72
N GLY A 375 -13.30 17.42 -18.45
CA GLY A 375 -13.42 16.05 -17.99
C GLY A 375 -12.38 15.64 -16.98
N ILE A 376 -12.78 14.82 -16.01
CA ILE A 376 -11.87 14.36 -14.97
C ILE A 376 -11.33 12.98 -15.31
N GLN A 377 -10.01 12.85 -15.43
CA GLN A 377 -9.42 11.56 -15.72
C GLN A 377 -9.53 10.69 -14.46
N THR A 378 -9.97 9.45 -14.63
CA THR A 378 -10.13 8.53 -13.50
C THR A 378 -9.29 7.28 -13.73
N GLN A 379 -8.99 6.55 -12.66
CA GLN A 379 -8.19 5.35 -12.80
C GLN A 379 -8.92 4.36 -13.70
N ALA A 380 -10.24 4.50 -13.79
CA ALA A 380 -11.05 3.63 -14.62
C ALA A 380 -10.75 3.90 -16.10
N HIS A 381 -10.43 5.14 -16.44
CA HIS A 381 -10.08 5.46 -17.83
C HIS A 381 -8.78 4.73 -18.15
N VAL A 382 -7.94 4.60 -17.15
CA VAL A 382 -6.65 3.94 -17.30
C VAL A 382 -6.77 2.43 -17.45
N SER A 383 -7.53 1.78 -16.59
CA SER A 383 -7.66 0.33 -16.68
C SER A 383 -8.78 -0.11 -17.64
N GLY A 384 -9.79 0.74 -17.80
CA GLY A 384 -10.90 0.43 -18.68
C GLY A 384 -12.18 0.88 -18.00
N LEU A 385 -12.92 1.77 -18.65
CA LEU A 385 -14.17 2.28 -18.07
C LEU A 385 -15.09 1.18 -17.58
N GLU A 386 -15.78 1.45 -16.47
CA GLU A 386 -16.67 0.47 -15.87
C GLU A 386 -18.07 1.03 -15.65
N HIS A 387 -19.07 0.20 -15.95
CA HIS A 387 -20.47 0.56 -15.74
C HIS A 387 -21.30 -0.72 -15.80
N HIS A 388 -22.00 -1.00 -14.70
CA HIS A 388 -22.81 -2.21 -14.59
C HIS A 388 -24.31 -1.93 -14.79
N ALA B 2 -9.26 5.26 16.17
CA ALA B 2 -8.40 4.06 16.39
C ALA B 2 -7.41 3.88 15.25
N ASN B 3 -6.25 3.33 15.57
CA ASN B 3 -5.19 3.09 14.59
C ASN B 3 -5.25 1.62 14.16
N VAL B 4 -6.13 0.86 14.79
CA VAL B 4 -6.27 -0.56 14.49
C VAL B 4 -7.70 -1.00 14.25
N ASP B 5 -7.86 -2.02 13.41
CA ASP B 5 -9.16 -2.59 13.08
C ASP B 5 -9.93 -2.82 14.38
N GLU B 6 -11.17 -2.33 14.43
CA GLU B 6 -12.00 -2.47 15.63
C GLU B 6 -12.24 -3.93 16.01
N ALA B 7 -12.25 -4.81 15.01
CA ALA B 7 -12.48 -6.24 15.26
C ALA B 7 -11.35 -6.82 16.12
N ILE B 8 -10.14 -6.31 15.93
CA ILE B 8 -9.00 -6.78 16.71
C ILE B 8 -9.04 -6.19 18.11
N LEU B 9 -9.32 -4.90 18.21
CA LEU B 9 -9.37 -4.24 19.51
C LEU B 9 -10.46 -4.85 20.39
N LYS B 10 -11.60 -5.18 19.78
CA LYS B 10 -12.71 -5.79 20.51
C LYS B 10 -12.28 -7.11 21.16
N ARG B 11 -11.32 -7.80 20.54
CA ARG B 11 -10.81 -9.08 21.04
C ARG B 11 -9.82 -8.94 22.20
N VAL B 12 -9.08 -7.84 22.23
CA VAL B 12 -8.08 -7.65 23.28
C VAL B 12 -8.66 -6.80 24.41
N LYS B 13 -9.41 -7.44 25.30
CA LYS B 13 -10.05 -6.74 26.39
C LYS B 13 -9.15 -6.25 27.51
N GLY B 14 -7.98 -6.84 27.65
CA GLY B 14 -7.08 -6.43 28.72
C GLY B 14 -6.13 -5.28 28.41
N TRP B 15 -5.87 -5.00 27.14
CA TRP B 15 -4.94 -3.93 26.80
C TRP B 15 -5.12 -3.35 25.40
N ALA B 16 -6.37 -3.17 25.00
CA ALA B 16 -6.70 -2.61 23.68
C ALA B 16 -6.06 -1.24 23.44
N PRO B 17 -6.06 -0.35 24.44
CA PRO B 17 -5.44 0.95 24.22
C PRO B 17 -3.99 0.81 23.75
N TYR B 18 -3.27 -0.11 24.39
CA TYR B 18 -1.87 -0.36 24.06
C TYR B 18 -1.72 -0.86 22.63
N VAL B 19 -2.60 -1.76 22.23
CA VAL B 19 -2.55 -2.30 20.86
C VAL B 19 -2.88 -1.18 19.88
N ASP B 20 -3.75 -0.27 20.29
CA ASP B 20 -4.16 0.86 19.45
C ASP B 20 -3.07 1.95 19.36
N ALA B 21 -2.16 1.99 20.33
CA ALA B 21 -1.10 3.00 20.37
C ALA B 21 0.08 2.72 19.45
N LYS B 22 -0.22 2.48 18.16
CA LYS B 22 0.81 2.19 17.17
C LYS B 22 1.79 3.35 16.97
N LEU B 23 1.30 4.59 17.13
CA LEU B 23 2.15 5.77 16.95
C LEU B 23 2.75 6.30 18.26
N GLY B 24 2.48 5.60 19.36
CA GLY B 24 3.02 6.03 20.64
C GLY B 24 2.02 6.82 21.47
N PHE B 25 2.43 7.16 22.70
CA PHE B 25 1.56 7.90 23.60
C PHE B 25 1.86 9.39 23.59
N ARG B 26 0.82 10.19 23.38
CA ARG B 26 0.98 11.63 23.35
C ARG B 26 0.92 12.14 24.80
N ASN B 27 1.46 13.34 25.01
CA ASN B 27 1.48 13.97 26.33
C ASN B 27 2.45 13.32 27.33
N HIS B 28 3.66 13.02 26.84
CA HIS B 28 4.75 12.46 27.62
C HIS B 28 6.06 13.08 27.11
N TRP B 29 7.09 13.07 27.95
CA TRP B 29 8.41 13.58 27.57
C TRP B 29 9.18 12.43 26.89
N TYR B 30 9.96 12.74 25.87
CA TYR B 30 10.76 11.74 25.16
C TYR B 30 12.14 12.29 24.80
N PRO B 31 13.20 11.49 25.00
CA PRO B 31 14.55 11.95 24.67
C PRO B 31 14.76 11.70 23.18
N VAL B 32 15.38 12.65 22.48
CA VAL B 32 15.59 12.50 21.05
C VAL B 32 17.02 12.65 20.59
N MET B 33 17.85 13.27 21.42
CA MET B 33 19.27 13.46 21.09
C MET B 33 20.01 13.91 22.34
N PHE B 34 21.33 14.03 22.22
CA PHE B 34 22.17 14.48 23.32
C PHE B 34 22.43 15.97 23.16
N SER B 35 22.52 16.69 24.28
CA SER B 35 22.77 18.14 24.27
C SER B 35 23.93 18.55 23.35
N LYS B 36 24.99 17.77 23.36
CA LYS B 36 26.18 18.09 22.56
C LYS B 36 25.95 18.01 21.06
N GLU B 37 24.82 17.42 20.65
CA GLU B 37 24.52 17.29 19.23
C GLU B 37 23.82 18.51 18.64
N ILE B 38 23.35 19.42 19.49
CA ILE B 38 22.67 20.62 19.03
C ILE B 38 23.41 21.89 19.46
N ASN B 39 23.97 22.59 18.49
CA ASN B 39 24.73 23.81 18.76
C ASN B 39 23.93 25.10 18.60
N GLU B 40 24.43 26.17 19.22
CA GLU B 40 23.82 27.49 19.18
C GLU B 40 23.56 27.95 17.75
N GLY B 41 22.33 28.34 17.46
CA GLY B 41 21.98 28.83 16.14
C GLY B 41 22.01 27.83 14.99
N GLU B 42 22.06 26.53 15.28
CA GLU B 42 22.08 25.54 14.21
C GLU B 42 20.89 24.58 14.35
N PRO B 43 19.74 24.94 13.76
CA PRO B 43 18.54 24.11 13.82
C PRO B 43 18.75 22.67 13.36
N LYS B 44 18.19 21.73 14.12
CA LYS B 44 18.31 20.32 13.79
C LYS B 44 16.89 19.76 13.57
N THR B 45 16.76 18.85 12.62
CA THR B 45 15.46 18.24 12.33
C THR B 45 15.36 16.85 12.92
N LEU B 46 14.12 16.39 13.09
CA LEU B 46 13.86 15.06 13.63
C LEU B 46 12.36 14.80 13.55
N LYS B 47 11.99 13.54 13.59
CA LYS B 47 10.60 13.15 13.56
C LYS B 47 10.29 12.43 14.87
N LEU B 48 9.24 12.87 15.57
CA LEU B 48 8.84 12.32 16.86
C LEU B 48 7.35 12.02 16.81
N LEU B 49 6.97 10.77 17.08
CA LEU B 49 5.56 10.36 17.05
C LEU B 49 4.91 10.72 15.71
N GLY B 50 5.70 10.61 14.64
CA GLY B 50 5.20 10.92 13.30
C GLY B 50 5.26 12.38 12.90
N GLU B 51 5.57 13.24 13.85
CA GLU B 51 5.63 14.68 13.57
C GLU B 51 7.04 15.19 13.28
N ASN B 52 7.18 15.98 12.21
CA ASN B 52 8.47 16.57 11.84
C ASN B 52 8.69 17.79 12.71
N LEU B 53 9.81 17.82 13.44
CA LEU B 53 10.11 18.92 14.33
C LEU B 53 11.45 19.56 14.04
N LEU B 54 11.61 20.78 14.55
CA LEU B 54 12.84 21.54 14.41
C LEU B 54 13.26 22.00 15.81
N VAL B 55 14.52 21.75 16.14
CA VAL B 55 15.04 22.17 17.43
C VAL B 55 16.22 23.12 17.19
N ASN B 56 16.24 24.22 17.94
CA ASN B 56 17.32 25.21 17.82
C ASN B 56 17.74 25.69 19.21
N ARG B 57 18.99 26.08 19.34
CA ARG B 57 19.52 26.58 20.60
C ARG B 57 19.79 28.08 20.45
N ILE B 58 19.12 28.87 21.27
CA ILE B 58 19.27 30.32 21.24
C ILE B 58 19.66 30.78 22.64
N ASP B 59 20.83 31.40 22.76
CA ASP B 59 21.35 31.85 24.05
C ASP B 59 21.42 30.69 25.03
N GLY B 60 21.85 29.54 24.52
CA GLY B 60 21.97 28.37 25.36
C GLY B 60 20.68 27.60 25.63
N LYS B 61 19.52 28.21 25.40
CA LYS B 61 18.24 27.54 25.65
C LYS B 61 17.62 26.90 24.40
N LEU B 62 17.05 25.71 24.58
CA LEU B 62 16.44 25.00 23.46
C LEU B 62 14.97 25.34 23.23
N TYR B 63 14.59 25.39 21.95
CA TYR B 63 13.22 25.67 21.54
C TYR B 63 12.82 24.66 20.46
N CYS B 64 11.54 24.33 20.40
CA CYS B 64 11.06 23.36 19.44
C CYS B 64 9.83 23.86 18.69
N LEU B 65 9.94 23.84 17.37
CA LEU B 65 8.88 24.26 16.48
C LEU B 65 8.54 23.11 15.53
N LYS B 66 7.27 22.97 15.19
CA LYS B 66 6.89 21.94 14.25
C LYS B 66 7.49 22.36 12.90
N ASP B 67 8.13 21.42 12.23
CA ASP B 67 8.78 21.66 10.95
C ASP B 67 7.80 21.53 9.78
N ARG B 68 6.80 22.41 9.77
CA ARG B 68 5.79 22.44 8.71
C ARG B 68 5.13 23.81 8.69
N CYS B 69 5.42 24.59 7.66
CA CYS B 69 4.84 25.92 7.53
C CYS B 69 3.32 25.84 7.48
N LEU B 70 2.66 26.80 8.13
CA LEU B 70 1.20 26.86 8.18
C LEU B 70 0.57 27.15 6.82
N HIS B 71 1.33 27.81 5.96
CA HIS B 71 0.82 28.21 4.65
C HIS B 71 0.54 27.04 3.69
N ARG B 72 1.59 26.50 3.08
CA ARG B 72 1.41 25.41 2.13
C ARG B 72 1.97 24.07 2.63
N GLY B 73 2.26 23.98 3.93
CA GLY B 73 2.74 22.74 4.52
C GLY B 73 4.11 22.19 4.17
N VAL B 74 5.01 23.05 3.73
CA VAL B 74 6.36 22.61 3.40
C VAL B 74 7.19 22.58 4.66
N GLN B 75 8.25 21.80 4.67
CA GLN B 75 9.13 21.76 5.82
C GLN B 75 10.05 22.97 5.69
N LEU B 76 10.11 23.78 6.74
CA LEU B 76 10.96 24.96 6.76
C LEU B 76 12.42 24.52 6.58
N SER B 77 12.74 23.34 7.06
CA SER B 77 14.11 22.82 6.99
C SER B 77 14.63 22.53 5.58
N VAL B 78 13.77 22.54 4.56
CA VAL B 78 14.25 22.29 3.21
C VAL B 78 15.32 23.34 2.91
N LYS B 79 15.12 24.56 3.38
CA LYS B 79 16.07 25.64 3.19
C LYS B 79 15.91 26.58 4.38
N VAL B 80 16.71 26.34 5.41
CA VAL B 80 16.65 27.12 6.63
C VAL B 80 17.07 28.58 6.48
N GLU B 81 16.15 29.47 6.85
CA GLU B 81 16.40 30.90 6.79
C GLU B 81 16.08 31.55 8.14
N CYS B 82 17.07 31.61 9.02
CA CYS B 82 16.88 32.25 10.32
C CYS B 82 17.48 33.64 10.12
N LYS B 83 16.62 34.62 9.84
CA LYS B 83 17.08 35.98 9.56
C LYS B 83 17.35 36.86 10.77
N THR B 84 16.75 36.55 11.91
CA THR B 84 17.05 37.28 13.14
C THR B 84 17.23 36.18 14.17
N LYS B 85 17.97 36.48 15.22
CA LYS B 85 18.25 35.52 16.28
C LYS B 85 17.02 34.79 16.84
N SER B 86 15.91 35.51 16.99
CA SER B 86 14.71 34.92 17.58
C SER B 86 13.64 34.38 16.62
N THR B 87 13.92 34.34 15.33
CA THR B 87 12.91 33.87 14.38
C THR B 87 13.43 32.95 13.30
N ILE B 88 12.49 32.38 12.55
CA ILE B 88 12.80 31.53 11.41
C ILE B 88 11.81 31.95 10.32
N THR B 89 12.32 32.15 9.11
CA THR B 89 11.53 32.57 7.97
C THR B 89 11.40 31.43 6.94
N CYS B 90 10.16 31.06 6.60
CA CYS B 90 9.94 30.01 5.60
C CYS B 90 10.59 30.46 4.31
N TRP B 91 11.25 29.54 3.64
CA TRP B 91 11.95 29.84 2.39
C TRP B 91 11.01 30.07 1.20
N TYR B 92 9.75 29.65 1.33
CA TYR B 92 8.78 29.74 0.24
C TYR B 92 8.14 31.13 0.05
N HIS B 93 7.27 31.53 0.98
CA HIS B 93 6.63 32.85 0.88
C HIS B 93 6.99 33.73 2.07
N ALA B 94 8.07 33.35 2.75
CA ALA B 94 8.59 34.12 3.87
C ALA B 94 7.74 34.34 5.11
N TRP B 95 6.81 33.44 5.42
CA TRP B 95 6.04 33.61 6.65
C TRP B 95 7.10 33.43 7.74
N THR B 96 7.13 34.34 8.72
CA THR B 96 8.13 34.31 9.79
C THR B 96 7.56 34.03 11.19
N TYR B 97 8.15 33.06 11.87
CA TYR B 97 7.71 32.63 13.20
C TYR B 97 8.74 32.85 14.31
N ARG B 98 8.25 33.14 15.51
CA ARG B 98 9.13 33.31 16.66
C ARG B 98 9.38 31.95 17.29
N TRP B 99 10.64 31.64 17.58
CA TRP B 99 10.97 30.37 18.19
C TRP B 99 10.31 30.19 19.56
N GLU B 100 10.22 31.26 20.35
CA GLU B 100 9.66 31.15 21.70
C GLU B 100 8.17 30.82 21.82
N ASP B 101 7.35 31.35 20.92
CA ASP B 101 5.92 31.04 21.01
C ASP B 101 5.27 30.63 19.70
N GLY B 102 6.07 30.49 18.65
CA GLY B 102 5.55 30.08 17.35
C GLY B 102 4.62 31.06 16.65
N VAL B 103 4.46 32.26 17.22
CA VAL B 103 3.58 33.24 16.60
C VAL B 103 4.09 33.74 15.24
N LEU B 104 3.17 33.86 14.28
CA LEU B 104 3.49 34.36 12.95
C LEU B 104 3.64 35.87 13.17
N CYS B 105 4.88 36.34 13.23
CA CYS B 105 5.16 37.75 13.50
C CYS B 105 5.40 38.66 12.31
N ASP B 106 5.72 38.07 11.15
CA ASP B 106 5.99 38.86 9.94
C ASP B 106 5.85 37.99 8.71
N ILE B 107 5.65 38.63 7.57
CA ILE B 107 5.57 37.95 6.29
C ILE B 107 6.27 38.90 5.34
N LEU B 108 7.48 38.54 4.92
CA LEU B 108 8.26 39.39 4.04
C LEU B 108 7.64 39.66 2.67
N THR B 109 6.86 38.70 2.17
CA THR B 109 6.23 38.86 0.86
C THR B 109 4.97 39.74 0.90
N ASN B 110 4.50 40.06 2.10
CA ASN B 110 3.32 40.92 2.26
C ASN B 110 3.19 41.37 3.70
N PRO B 111 3.93 42.42 4.07
CA PRO B 111 3.90 42.94 5.44
C PRO B 111 2.57 43.53 5.91
N THR B 112 1.57 43.55 5.03
CA THR B 112 0.26 44.08 5.40
C THR B 112 -0.78 42.96 5.57
N SER B 113 -0.37 41.71 5.41
CA SER B 113 -1.29 40.59 5.53
C SER B 113 -2.05 40.52 6.85
N ALA B 114 -3.32 40.14 6.77
CA ALA B 114 -4.16 40.02 7.96
C ALA B 114 -3.78 38.80 8.80
N GLN B 115 -3.01 37.88 8.24
CA GLN B 115 -2.61 36.69 8.99
C GLN B 115 -1.55 37.00 10.04
N ILE B 116 -0.80 38.07 9.84
CA ILE B 116 0.26 38.46 10.77
C ILE B 116 -0.27 38.68 12.19
N GLY B 117 0.34 38.00 13.15
CA GLY B 117 -0.08 38.13 14.54
C GLY B 117 -1.34 37.36 14.85
N ARG B 118 -1.94 36.73 13.83
CA ARG B 118 -3.18 35.99 14.04
C ARG B 118 -3.07 34.46 13.92
N GLN B 119 -1.90 33.96 13.54
CA GLN B 119 -1.70 32.51 13.41
C GLN B 119 -0.53 32.12 14.29
N LYS B 120 -0.49 30.85 14.69
CA LYS B 120 0.57 30.36 15.53
C LYS B 120 0.99 28.94 15.13
N LEU B 121 2.29 28.74 14.95
CA LEU B 121 2.82 27.43 14.57
C LEU B 121 3.00 26.63 15.87
N LYS B 122 2.73 25.34 15.81
CA LYS B 122 2.84 24.49 16.98
C LYS B 122 4.25 24.48 17.58
N THR B 123 4.33 24.68 18.90
CA THR B 123 5.62 24.63 19.59
C THR B 123 5.51 23.52 20.64
N TYR B 124 6.64 22.91 20.97
CA TYR B 124 6.66 21.85 21.99
C TYR B 124 7.71 22.16 23.04
N PRO B 125 7.42 21.89 24.33
CA PRO B 125 8.37 22.15 25.41
C PRO B 125 9.62 21.30 25.23
N VAL B 126 10.77 21.88 25.58
CA VAL B 126 12.05 21.18 25.46
C VAL B 126 12.85 21.42 26.74
N GLN B 127 13.42 20.36 27.27
CA GLN B 127 14.21 20.45 28.50
C GLN B 127 15.42 19.53 28.40
N GLU B 128 16.57 20.03 28.86
CA GLU B 128 17.80 19.27 28.85
C GLU B 128 18.10 18.77 30.26
N ALA B 129 18.50 17.52 30.36
CA ALA B 129 18.83 16.92 31.64
C ALA B 129 19.79 15.76 31.40
N LYS B 130 20.82 15.67 32.25
CA LYS B 130 21.83 14.62 32.15
C LYS B 130 22.43 14.60 30.75
N GLY B 131 22.54 15.79 30.15
CA GLY B 131 23.10 15.89 28.83
C GLY B 131 22.22 15.27 27.77
N CYS B 132 20.93 15.12 28.07
CA CYS B 132 19.96 14.53 27.15
C CYS B 132 18.87 15.54 26.80
N VAL B 133 18.44 15.54 25.54
CA VAL B 133 17.39 16.46 25.11
C VAL B 133 16.01 15.78 25.11
N PHE B 134 15.14 16.25 25.99
CA PHE B 134 13.79 15.69 26.08
C PHE B 134 12.77 16.67 25.48
N ILE B 135 11.82 16.14 24.71
CA ILE B 135 10.77 16.97 24.13
C ILE B 135 9.42 16.48 24.64
N TYR B 136 8.59 17.42 25.10
CA TYR B 136 7.26 17.04 25.58
C TYR B 136 6.35 17.05 24.36
N LEU B 137 6.07 15.87 23.82
CA LEU B 137 5.21 15.78 22.65
C LEU B 137 3.78 15.73 23.16
N GLY B 138 3.27 16.90 23.51
CA GLY B 138 1.92 16.99 24.04
C GLY B 138 1.43 18.42 24.07
N ASP B 139 0.21 18.58 24.57
CA ASP B 139 -0.40 19.89 24.63
C ASP B 139 -0.58 20.39 26.07
N GLY B 140 -0.55 21.71 26.23
CA GLY B 140 -0.71 22.30 27.55
C GLY B 140 0.61 22.33 28.29
N ASP B 141 0.61 22.94 29.48
CA ASP B 141 1.82 23.00 30.28
C ASP B 141 2.22 21.59 30.65
N PRO B 142 3.50 21.25 30.45
CA PRO B 142 4.01 19.92 30.76
C PRO B 142 4.16 19.58 32.22
N PRO B 143 4.16 18.29 32.54
CA PRO B 143 4.31 17.83 33.92
C PRO B 143 5.82 17.78 34.15
N PRO B 144 6.25 17.52 35.39
CA PRO B 144 7.69 17.46 35.67
C PRO B 144 8.31 16.33 34.84
N LEU B 145 9.54 16.53 34.39
CA LEU B 145 10.22 15.50 33.60
C LEU B 145 10.37 14.21 34.39
N ALA B 146 10.52 14.32 35.70
CA ALA B 146 10.67 13.16 36.56
C ALA B 146 9.55 12.14 36.37
N ARG B 147 8.35 12.61 36.06
CA ARG B 147 7.22 11.69 35.87
C ARG B 147 7.47 10.66 34.78
N ASP B 148 8.18 11.06 33.73
CA ASP B 148 8.46 10.15 32.61
C ASP B 148 9.87 9.59 32.56
N THR B 149 10.55 9.56 33.70
CA THR B 149 11.90 9.03 33.79
C THR B 149 11.93 7.93 34.85
N PRO B 150 12.85 6.97 34.73
CA PRO B 150 12.94 5.87 35.72
C PRO B 150 13.63 6.38 36.97
N PRO B 151 13.41 5.72 38.11
CA PRO B 151 14.04 6.14 39.37
C PRO B 151 15.55 6.23 39.25
N ASN B 152 16.12 7.25 39.91
CA ASN B 152 17.57 7.49 39.95
C ASN B 152 18.22 8.12 38.72
N PHE B 153 17.50 8.14 37.59
CA PHE B 153 18.07 8.73 36.38
C PHE B 153 18.51 10.17 36.59
N LEU B 154 17.67 10.93 37.28
CA LEU B 154 17.93 12.35 37.54
C LEU B 154 18.74 12.64 38.79
N ASP B 155 19.29 11.61 39.43
CA ASP B 155 20.10 11.82 40.64
C ASP B 155 21.26 12.77 40.41
N ASP B 156 21.42 13.74 41.31
CA ASP B 156 22.49 14.74 41.23
C ASP B 156 23.87 14.20 40.89
N ASP B 157 24.27 13.10 41.51
CA ASP B 157 25.59 12.53 41.28
C ASP B 157 25.65 11.46 40.20
N MET B 158 24.53 11.13 39.61
CA MET B 158 24.47 10.11 38.56
C MET B 158 25.02 10.68 37.24
N GLU B 159 26.18 10.17 36.81
CA GLU B 159 26.77 10.62 35.56
C GLU B 159 26.18 9.79 34.42
N ILE B 160 25.51 10.46 33.49
CA ILE B 160 24.87 9.79 32.36
C ILE B 160 25.63 9.90 31.04
N LEU B 161 25.95 8.76 30.45
CA LEU B 161 26.63 8.69 29.18
C LEU B 161 25.85 7.72 28.32
N GLY B 162 25.76 7.97 27.02
CA GLY B 162 24.99 7.05 26.20
C GLY B 162 25.21 7.08 24.69
N LYS B 163 24.25 6.49 23.98
CA LYS B 163 24.29 6.40 22.53
C LYS B 163 22.84 6.37 22.02
N ASN B 164 22.62 6.85 20.80
CA ASN B 164 21.28 6.86 20.21
C ASN B 164 21.34 6.50 18.72
N GLN B 165 20.31 5.83 18.24
CA GLN B 165 20.25 5.43 16.84
C GLN B 165 18.83 5.06 16.45
N ILE B 166 18.58 5.05 15.15
CA ILE B 166 17.26 4.71 14.63
C ILE B 166 17.19 3.24 14.29
N ILE B 167 16.19 2.56 14.84
CA ILE B 167 15.99 1.13 14.61
C ILE B 167 14.67 0.89 13.88
N LYS B 168 14.69 -0.05 12.94
CA LYS B 168 13.53 -0.37 12.13
C LYS B 168 12.53 -1.36 12.73
N SER B 169 11.77 -0.89 13.71
CA SER B 169 10.72 -1.69 14.32
C SER B 169 9.86 -0.74 15.12
N ASN B 170 8.61 -1.14 15.34
CA ASN B 170 7.68 -0.34 16.11
C ASN B 170 8.24 -0.28 17.53
N TRP B 171 8.03 0.84 18.21
CA TRP B 171 8.54 1.03 19.57
C TRP B 171 8.10 -0.05 20.56
N ARG B 172 6.85 -0.52 20.45
CA ARG B 172 6.35 -1.54 21.37
C ARG B 172 7.13 -2.86 21.32
N LEU B 173 7.58 -3.25 20.14
CA LEU B 173 8.34 -4.49 20.00
C LEU B 173 9.68 -4.32 20.73
N ALA B 174 10.21 -3.10 20.74
CA ALA B 174 11.46 -2.82 21.42
C ALA B 174 11.26 -2.92 22.94
N VAL B 175 10.20 -2.29 23.42
CA VAL B 175 9.88 -2.30 24.85
C VAL B 175 9.73 -3.72 25.40
N GLU B 176 8.91 -4.51 24.72
CA GLU B 176 8.67 -5.88 25.15
C GLU B 176 9.89 -6.77 25.07
N ASN B 177 10.78 -6.48 24.12
CA ASN B 177 12.00 -7.26 24.01
C ASN B 177 12.85 -6.95 25.23
N GLY B 178 12.97 -5.66 25.54
CA GLY B 178 13.75 -5.24 26.68
C GLY B 178 13.26 -5.72 28.04
N PHE B 179 11.95 -5.69 28.26
CA PHE B 179 11.37 -6.09 29.54
C PHE B 179 11.09 -7.60 29.65
N ASP B 180 11.41 -8.33 28.58
CA ASP B 180 11.20 -9.77 28.50
C ASP B 180 12.22 -10.53 29.35
N PRO B 181 11.78 -11.20 30.43
CA PRO B 181 12.66 -11.96 31.33
C PRO B 181 13.41 -13.12 30.66
N SER B 182 12.74 -13.82 29.77
CA SER B 182 13.32 -14.97 29.08
C SER B 182 14.14 -14.68 27.82
N HIS B 183 14.08 -13.46 27.31
CA HIS B 183 14.82 -13.14 26.09
C HIS B 183 16.31 -13.16 26.35
N ILE B 184 16.65 -13.19 27.64
CA ILE B 184 18.04 -13.22 28.09
C ILE B 184 18.84 -14.31 27.35
N TYR B 185 18.14 -15.31 26.86
CA TYR B 185 18.73 -16.42 26.12
C TYR B 185 19.54 -15.95 24.91
N ILE B 186 19.06 -14.93 24.22
CA ILE B 186 19.74 -14.42 23.03
C ILE B 186 21.07 -13.76 23.36
N HIS B 187 21.34 -13.55 24.64
CA HIS B 187 22.59 -12.91 25.05
C HIS B 187 23.65 -13.89 25.56
N LYS B 188 23.33 -15.19 25.54
CA LYS B 188 24.25 -16.20 26.04
C LYS B 188 25.67 -16.23 25.48
N ASP B 189 25.85 -15.79 24.23
CA ASP B 189 27.18 -15.78 23.63
C ASP B 189 27.76 -14.39 23.49
N SER B 190 27.17 -13.42 24.19
CA SER B 190 27.64 -12.04 24.13
C SER B 190 29.04 -11.93 24.71
N ILE B 191 29.88 -11.09 24.09
CA ILE B 191 31.24 -10.91 24.56
C ILE B 191 31.28 -10.33 25.97
N LEU B 192 30.22 -9.61 26.35
CA LEU B 192 30.18 -9.01 27.68
C LEU B 192 30.16 -10.10 28.74
N VAL B 193 29.52 -11.21 28.41
CA VAL B 193 29.40 -12.34 29.32
C VAL B 193 30.78 -12.84 29.76
N LYS B 194 31.66 -13.12 28.79
CA LYS B 194 32.99 -13.60 29.10
C LYS B 194 33.95 -12.47 29.49
N ASP B 195 34.03 -11.45 28.65
CA ASP B 195 34.92 -10.31 28.88
C ASP B 195 34.71 -9.54 30.18
N ASN B 196 33.54 -9.67 30.80
CA ASN B 196 33.29 -8.98 32.06
C ASN B 196 32.88 -9.97 33.14
N ASP B 197 33.23 -11.24 32.91
CA ASP B 197 32.97 -12.33 33.86
C ASP B 197 31.61 -12.19 34.55
N LEU B 198 30.55 -12.26 33.78
CA LEU B 198 29.20 -12.14 34.32
C LEU B 198 28.54 -13.45 34.67
N ALA B 199 27.61 -13.37 35.61
CA ALA B 199 26.82 -14.51 35.99
C ALA B 199 25.56 -14.21 35.20
N LEU B 200 25.19 -15.10 34.28
CA LEU B 200 24.00 -14.86 33.47
C LEU B 200 23.31 -16.17 33.13
N PRO B 201 22.11 -16.37 33.68
CA PRO B 201 21.36 -17.60 33.40
C PRO B 201 20.79 -17.59 31.99
N LEU B 202 20.14 -18.69 31.60
CA LEU B 202 19.54 -18.80 30.27
C LEU B 202 18.06 -18.45 30.34
N GLY B 203 17.48 -18.61 31.52
CA GLY B 203 16.07 -18.31 31.70
C GLY B 203 15.64 -18.39 33.16
N PHE B 204 14.36 -18.62 33.40
CA PHE B 204 13.81 -18.69 34.75
C PHE B 204 12.62 -19.62 34.90
N ALA B 205 12.62 -20.43 35.96
CA ALA B 205 11.51 -21.33 36.24
C ALA B 205 10.67 -20.56 37.27
N PRO B 206 9.51 -20.03 36.85
CA PRO B 206 8.62 -19.25 37.71
C PRO B 206 8.28 -19.88 39.06
N GLY B 207 8.00 -19.03 40.04
CA GLY B 207 7.65 -19.49 41.38
C GLY B 207 6.69 -18.54 42.05
N GLY B 208 5.72 -19.07 42.78
CA GLY B 208 4.75 -18.22 43.46
C GLY B 208 3.57 -17.90 42.55
N ASP B 209 2.63 -17.11 43.05
CA ASP B 209 1.44 -16.74 42.27
C ASP B 209 1.71 -15.68 41.21
N ARG B 210 0.69 -15.38 40.41
CA ARG B 210 0.78 -14.40 39.34
C ARG B 210 1.12 -13.01 39.84
N LYS B 211 0.43 -12.58 40.90
CA LYS B 211 0.65 -11.26 41.48
C LYS B 211 2.10 -11.08 41.93
N GLN B 212 2.70 -12.13 42.48
CA GLN B 212 4.08 -12.07 42.95
C GLN B 212 5.12 -11.96 41.82
N GLN B 213 4.70 -12.25 40.59
CA GLN B 213 5.63 -12.20 39.46
C GLN B 213 6.13 -10.79 39.14
N THR B 214 5.40 -9.77 39.58
CA THR B 214 5.79 -8.39 39.31
C THR B 214 5.30 -7.43 40.39
N ARG B 215 5.78 -6.20 40.32
CA ARG B 215 5.37 -5.15 41.25
C ARG B 215 4.93 -3.96 40.40
N VAL B 216 3.63 -3.74 40.34
CA VAL B 216 3.08 -2.64 39.57
C VAL B 216 3.17 -1.35 40.39
N VAL B 217 3.77 -0.34 39.79
CA VAL B 217 3.94 0.95 40.47
C VAL B 217 2.97 2.00 39.95
N ASP B 218 2.00 2.35 40.79
CA ASP B 218 1.02 3.37 40.46
C ASP B 218 0.79 4.22 41.71
N ASP B 219 1.74 4.13 42.64
CA ASP B 219 1.68 4.87 43.90
C ASP B 219 2.93 5.72 44.08
N ASP B 220 3.73 5.81 43.02
CA ASP B 220 4.96 6.60 43.07
C ASP B 220 4.60 8.07 43.22
N VAL B 221 5.20 8.73 44.21
CA VAL B 221 4.93 10.13 44.48
C VAL B 221 5.29 11.07 43.32
N VAL B 222 6.32 10.70 42.56
CA VAL B 222 6.75 11.50 41.42
C VAL B 222 5.73 11.37 40.27
N GLY B 223 4.82 10.41 40.41
CA GLY B 223 3.82 10.21 39.38
C GLY B 223 4.21 9.13 38.40
N ARG B 224 5.43 8.61 38.55
CA ARG B 224 5.92 7.55 37.67
C ARG B 224 4.93 6.39 37.66
N LYS B 225 4.79 5.76 36.50
CA LYS B 225 3.91 4.61 36.36
C LYS B 225 4.76 3.55 35.70
N GLY B 226 4.93 2.40 36.35
CA GLY B 226 5.74 1.35 35.78
C GLY B 226 5.53 -0.02 36.40
N VAL B 227 6.34 -0.98 35.96
CA VAL B 227 6.26 -2.35 36.44
C VAL B 227 7.65 -2.93 36.69
N TYR B 228 7.81 -3.58 37.84
CA TYR B 228 9.06 -4.22 38.23
C TYR B 228 8.93 -5.70 37.93
N ASP B 229 9.97 -6.28 37.33
CA ASP B 229 9.96 -7.71 37.04
C ASP B 229 10.57 -8.46 38.22
N LEU B 230 9.75 -9.24 38.92
CA LEU B 230 10.18 -9.99 40.08
C LEU B 230 10.15 -11.51 39.86
N ILE B 231 10.53 -11.95 38.67
CA ILE B 231 10.50 -13.38 38.35
C ILE B 231 11.62 -14.16 39.07
N GLY B 232 12.72 -13.48 39.37
CA GLY B 232 13.83 -14.13 40.03
C GLY B 232 13.69 -14.25 41.54
N GLU B 233 12.67 -13.64 42.11
CA GLU B 233 12.44 -13.67 43.55
C GLU B 233 11.97 -15.02 44.07
N HIS B 234 11.11 -15.69 43.30
CA HIS B 234 10.59 -17.00 43.71
C HIS B 234 10.92 -18.10 42.71
N GLY B 235 11.46 -17.72 41.56
CA GLY B 235 11.82 -18.70 40.55
C GLY B 235 13.23 -19.24 40.66
N VAL B 236 13.49 -20.35 39.97
CA VAL B 236 14.80 -20.97 39.99
C VAL B 236 15.52 -20.64 38.68
N PRO B 237 16.64 -19.89 38.76
CA PRO B 237 17.40 -19.52 37.56
C PRO B 237 17.83 -20.75 36.77
N VAL B 238 17.71 -20.68 35.45
CA VAL B 238 18.10 -21.78 34.59
C VAL B 238 19.53 -21.59 34.10
N PHE B 239 20.42 -22.48 34.53
CA PHE B 239 21.82 -22.41 34.11
C PHE B 239 22.21 -23.60 33.25
N GLU B 240 21.32 -24.58 33.20
CA GLU B 240 21.57 -25.78 32.39
C GLU B 240 20.33 -26.10 31.55
N GLY B 241 20.40 -25.78 30.27
CA GLY B 241 19.27 -26.03 29.38
C GLY B 241 19.30 -27.45 28.87
N THR B 242 18.16 -28.13 28.93
CA THR B 242 18.10 -29.52 28.50
C THR B 242 17.02 -29.83 27.46
N ILE B 243 17.28 -30.87 26.68
CA ILE B 243 16.37 -31.36 25.66
C ILE B 243 16.31 -32.87 25.88
N GLY B 244 15.11 -33.39 26.14
CA GLY B 244 14.98 -34.82 26.36
C GLY B 244 15.71 -35.26 27.62
N GLY B 245 15.99 -34.30 28.50
CA GLY B 245 16.66 -34.60 29.75
C GLY B 245 18.16 -34.48 29.67
N GLU B 246 18.69 -34.24 28.48
CA GLU B 246 20.12 -34.11 28.27
C GLU B 246 20.51 -32.63 28.22
N VAL B 247 21.59 -32.27 28.91
CA VAL B 247 22.05 -30.90 28.92
C VAL B 247 22.65 -30.54 27.57
N VAL B 248 22.15 -29.46 26.96
CA VAL B 248 22.64 -29.03 25.67
C VAL B 248 23.28 -27.65 25.69
N ARG B 249 23.02 -26.89 26.74
CA ARG B 249 23.58 -25.55 26.86
C ARG B 249 23.64 -25.10 28.32
N GLU B 250 24.70 -24.36 28.67
CA GLU B 250 24.84 -23.87 30.02
C GLU B 250 24.94 -22.35 30.07
N GLY B 251 24.41 -21.77 31.15
CA GLY B 251 24.47 -20.34 31.32
C GLY B 251 25.88 -19.94 31.67
N ALA B 252 26.07 -18.69 32.09
CA ALA B 252 27.39 -18.18 32.46
C ALA B 252 27.56 -18.23 33.97
N TYR B 253 28.68 -18.78 34.42
CA TYR B 253 28.98 -18.89 35.85
C TYR B 253 30.01 -17.88 36.32
N GLY B 254 29.88 -16.64 35.86
CA GLY B 254 30.82 -15.60 36.24
C GLY B 254 30.59 -15.13 37.66
N GLU B 255 31.53 -14.35 38.19
CA GLU B 255 31.43 -13.86 39.56
C GLU B 255 30.56 -12.61 39.71
N LYS B 256 30.49 -11.79 38.65
CA LYS B 256 29.71 -10.56 38.69
C LYS B 256 28.21 -10.79 38.58
N ILE B 257 27.49 -10.29 39.59
CA ILE B 257 26.03 -10.41 39.63
C ILE B 257 25.38 -9.14 39.09
N VAL B 258 24.61 -9.28 38.02
CA VAL B 258 23.96 -8.13 37.42
C VAL B 258 22.48 -8.38 37.11
N ALA B 259 21.76 -7.30 36.81
CA ALA B 259 20.35 -7.36 36.46
C ALA B 259 19.44 -8.12 37.43
N ASN B 260 19.43 -7.71 38.69
CA ASN B 260 18.56 -8.37 39.65
C ASN B 260 17.35 -7.48 39.90
N ASP B 261 17.34 -6.34 39.20
CA ASP B 261 16.27 -5.36 39.30
C ASP B 261 15.98 -4.78 37.91
N VAL B 262 14.84 -5.16 37.33
CA VAL B 262 14.45 -4.70 36.01
C VAL B 262 13.06 -4.06 36.06
N SER B 263 12.90 -2.89 35.44
CA SER B 263 11.61 -2.21 35.46
C SER B 263 11.30 -1.43 34.17
N ILE B 264 10.04 -1.44 33.78
CA ILE B 264 9.61 -0.72 32.59
C ILE B 264 8.69 0.43 33.00
N TRP B 265 8.93 1.62 32.44
CA TRP B 265 8.13 2.78 32.81
C TRP B 265 7.56 3.55 31.62
N LEU B 266 6.35 4.08 31.78
CA LEU B 266 5.75 4.89 30.74
C LEU B 266 6.65 6.12 30.61
N PRO B 267 6.77 6.69 29.41
CA PRO B 267 6.10 6.26 28.17
C PRO B 267 6.74 5.04 27.48
N GLY B 268 7.88 4.58 27.99
CA GLY B 268 8.55 3.45 27.39
C GLY B 268 10.05 3.49 27.62
N VAL B 269 10.45 3.37 28.89
CA VAL B 269 11.86 3.41 29.25
C VAL B 269 12.15 2.30 30.26
N LEU B 270 13.19 1.52 29.96
CA LEU B 270 13.59 0.40 30.80
C LEU B 270 14.75 0.78 31.71
N LYS B 271 14.80 0.16 32.88
CA LYS B 271 15.88 0.38 33.84
C LYS B 271 16.40 -0.98 34.31
N VAL B 272 17.67 -1.24 34.04
CA VAL B 272 18.29 -2.50 34.44
C VAL B 272 19.33 -2.16 35.52
N ASN B 273 19.15 -2.73 36.69
CA ASN B 273 20.04 -2.46 37.81
C ASN B 273 20.43 -3.70 38.61
N PRO B 274 21.74 -3.99 38.72
CA PRO B 274 22.85 -3.24 38.14
C PRO B 274 23.21 -3.81 36.77
N PHE B 275 23.79 -2.98 35.90
CA PHE B 275 24.17 -3.41 34.57
C PHE B 275 24.88 -2.25 33.89
N PRO B 276 25.93 -2.51 33.09
CA PRO B 276 26.54 -3.79 32.73
C PRO B 276 27.54 -4.29 33.79
N ASN B 277 27.74 -3.47 34.81
CA ASN B 277 28.66 -3.80 35.90
C ASN B 277 27.92 -3.61 37.21
N PRO B 278 28.30 -4.38 38.26
CA PRO B 278 27.64 -4.28 39.56
C PRO B 278 27.54 -2.88 40.16
N ASP B 279 28.33 -1.94 39.63
CA ASP B 279 28.32 -0.57 40.14
C ASP B 279 27.70 0.43 39.17
N MET B 280 26.95 -0.07 38.19
CA MET B 280 26.33 0.80 37.19
C MET B 280 24.85 0.48 36.98
N MET B 281 24.19 1.31 36.19
CA MET B 281 22.78 1.15 35.85
C MET B 281 22.57 1.49 34.39
N GLN B 282 21.58 0.86 33.77
CA GLN B 282 21.29 1.14 32.36
C GLN B 282 19.85 1.62 32.21
N PHE B 283 19.69 2.72 31.51
CA PHE B 283 18.37 3.29 31.24
C PHE B 283 18.27 3.42 29.73
N GLU B 284 17.28 2.78 29.12
CA GLU B 284 17.12 2.88 27.67
C GLU B 284 15.67 3.13 27.26
N TRP B 285 15.51 4.11 26.36
CA TRP B 285 14.21 4.50 25.84
C TRP B 285 14.00 3.92 24.44
N TYR B 286 12.73 3.66 24.10
CA TYR B 286 12.37 3.16 22.79
C TYR B 286 11.37 4.21 22.34
N VAL B 287 11.91 5.27 21.74
CA VAL B 287 11.14 6.43 21.31
C VAL B 287 10.48 6.27 19.93
N PRO B 288 9.14 6.42 19.87
CA PRO B 288 8.42 6.30 18.60
C PRO B 288 8.74 7.43 17.63
N ILE B 289 9.16 7.06 16.42
CA ILE B 289 9.47 8.02 15.37
C ILE B 289 8.26 8.01 14.42
N ASP B 290 7.87 6.82 14.00
CA ASP B 290 6.68 6.59 13.18
C ASP B 290 6.29 5.15 13.47
N GLU B 291 5.20 4.68 12.88
CA GLU B 291 4.75 3.32 13.17
C GLU B 291 5.75 2.20 12.92
N ASN B 292 6.77 2.46 12.11
CA ASN B 292 7.76 1.41 11.80
C ASN B 292 9.14 1.62 12.40
N THR B 293 9.36 2.74 13.07
CA THR B 293 10.69 3.01 13.61
C THR B 293 10.71 3.68 14.97
N HIS B 294 11.85 3.57 15.65
CA HIS B 294 12.03 4.19 16.96
C HIS B 294 13.49 4.52 17.22
N TYR B 295 13.72 5.46 18.13
CA TYR B 295 15.08 5.80 18.51
C TYR B 295 15.38 4.81 19.64
N TYR B 296 16.56 4.22 19.61
CA TYR B 296 16.96 3.31 20.68
C TYR B 296 17.95 4.19 21.42
N PHE B 297 17.43 4.92 22.40
CA PHE B 297 18.21 5.85 23.19
C PHE B 297 18.76 5.15 24.41
N GLN B 298 20.05 4.83 24.37
CA GLN B 298 20.73 4.12 25.45
C GLN B 298 21.54 5.04 26.36
N THR B 299 21.51 4.78 27.66
CA THR B 299 22.29 5.55 28.60
C THR B 299 22.76 4.63 29.71
N LEU B 300 23.95 4.89 30.21
CA LEU B 300 24.52 4.12 31.30
C LEU B 300 24.82 5.11 32.41
N GLY B 301 24.37 4.81 33.62
CA GLY B 301 24.60 5.70 34.74
C GLY B 301 25.55 5.15 35.79
N LYS B 302 26.43 6.02 36.28
CA LYS B 302 27.39 5.64 37.33
C LYS B 302 27.68 6.82 38.24
N PRO B 303 27.48 6.66 39.55
CA PRO B 303 27.75 7.75 40.48
C PRO B 303 29.19 8.26 40.33
N CYS B 304 29.35 9.58 40.39
CA CYS B 304 30.66 10.22 40.28
C CYS B 304 30.67 11.47 41.15
N ALA B 305 31.56 11.49 42.12
CA ALA B 305 31.67 12.62 43.06
C ALA B 305 32.54 13.78 42.56
N ASN B 306 33.35 13.54 41.54
CA ASN B 306 34.23 14.58 41.01
C ASN B 306 34.61 14.38 39.55
N ASP B 307 35.16 15.42 38.95
CA ASP B 307 35.59 15.41 37.56
C ASP B 307 36.51 14.25 37.25
N GLU B 308 37.45 13.99 38.15
CA GLU B 308 38.39 12.89 37.96
C GLU B 308 37.65 11.58 37.77
N GLU B 309 36.61 11.37 38.56
CA GLU B 309 35.80 10.15 38.46
C GLU B 309 35.01 10.15 37.17
N ARG B 310 34.51 11.32 36.78
CA ARG B 310 33.74 11.45 35.55
C ARG B 310 34.62 11.15 34.36
N LYS B 311 35.83 11.71 34.34
CA LYS B 311 36.77 11.49 33.25
C LYS B 311 37.10 10.01 33.19
N LYS B 312 37.41 9.43 34.35
CA LYS B 312 37.73 8.02 34.44
C LYS B 312 36.60 7.19 33.85
N TYR B 313 35.37 7.51 34.26
CA TYR B 313 34.18 6.82 33.76
C TYR B 313 34.04 7.00 32.25
N GLU B 314 34.19 8.23 31.79
CA GLU B 314 34.08 8.54 30.37
C GLU B 314 35.10 7.72 29.57
N GLN B 315 36.29 7.56 30.12
CA GLN B 315 37.33 6.78 29.45
C GLN B 315 36.94 5.32 29.30
N GLU B 316 36.51 4.70 30.39
CA GLU B 316 36.12 3.30 30.33
C GLU B 316 34.86 3.12 29.48
N PHE B 317 34.01 4.14 29.44
CA PHE B 317 32.79 4.07 28.63
C PHE B 317 33.20 3.88 27.17
N GLU B 318 34.01 4.82 26.68
CA GLU B 318 34.48 4.79 25.30
C GLU B 318 35.24 3.51 24.98
N SER B 319 36.13 3.10 25.89
CA SER B 319 36.94 1.92 25.66
C SER B 319 36.29 0.56 25.95
N LYS B 320 35.40 0.51 26.93
CA LYS B 320 34.77 -0.77 27.28
C LYS B 320 33.24 -0.85 27.27
N TRP B 321 32.60 -0.07 28.13
CA TRP B 321 31.14 -0.10 28.25
C TRP B 321 30.37 0.08 26.94
N LYS B 322 30.66 1.15 26.20
CA LYS B 322 29.96 1.39 24.95
C LYS B 322 30.17 0.25 23.94
N PRO B 323 31.43 -0.09 23.64
CA PRO B 323 31.67 -1.17 22.67
C PRO B 323 31.34 -2.59 23.14
N MET B 324 31.59 -2.88 24.40
CA MET B 324 31.34 -4.22 24.94
C MET B 324 29.90 -4.46 25.40
N ALA B 325 29.26 -3.44 25.96
CA ALA B 325 27.89 -3.58 26.44
C ALA B 325 26.85 -3.02 25.49
N LEU B 326 26.76 -1.69 25.39
CA LEU B 326 25.79 -1.05 24.53
C LEU B 326 25.74 -1.66 23.14
N GLU B 327 26.92 -1.99 22.60
CA GLU B 327 26.97 -2.58 21.28
C GLU B 327 27.13 -4.10 21.38
N GLY B 328 28.20 -4.53 22.06
CA GLY B 328 28.46 -5.95 22.21
C GLY B 328 27.34 -6.78 22.80
N PHE B 329 26.60 -6.21 23.74
CA PHE B 329 25.51 -6.93 24.39
C PHE B 329 24.16 -6.65 23.73
N ASN B 330 23.85 -5.36 23.56
CA ASN B 330 22.56 -4.97 22.99
C ASN B 330 22.36 -5.10 21.48
N ASN B 331 23.42 -5.34 20.71
CA ASN B 331 23.23 -5.48 19.26
C ASN B 331 22.29 -6.61 18.90
N ASP B 332 22.31 -7.70 19.66
CA ASP B 332 21.42 -8.82 19.37
C ASP B 332 19.96 -8.43 19.60
N ASP B 333 19.72 -7.43 20.45
CA ASP B 333 18.36 -7.00 20.71
C ASP B 333 17.79 -6.31 19.48
N ILE B 334 18.67 -5.64 18.73
CA ILE B 334 18.26 -4.92 17.53
C ILE B 334 17.65 -5.82 16.46
N TRP B 335 18.34 -6.90 16.08
CA TRP B 335 17.79 -7.79 15.06
C TRP B 335 16.67 -8.66 15.64
N ALA B 336 16.64 -8.78 16.97
CA ALA B 336 15.61 -9.55 17.63
C ALA B 336 14.29 -8.78 17.44
N ARG B 337 14.35 -7.47 17.64
CA ARG B 337 13.17 -6.61 17.47
C ARG B 337 12.71 -6.67 16.02
N GLU B 338 13.66 -6.52 15.10
CA GLU B 338 13.37 -6.55 13.67
C GLU B 338 12.72 -7.87 13.28
N ALA B 339 13.06 -8.93 13.99
CA ALA B 339 12.53 -10.26 13.70
C ALA B 339 11.05 -10.43 14.03
N MET B 340 10.52 -9.59 14.93
CA MET B 340 9.11 -9.68 15.29
C MET B 340 8.20 -8.78 14.42
N VAL B 341 8.80 -7.94 13.59
CA VAL B 341 8.02 -7.02 12.76
C VAL B 341 6.94 -7.67 11.90
N ASP B 342 7.27 -8.72 11.16
CA ASP B 342 6.29 -9.36 10.28
C ASP B 342 5.06 -9.91 10.99
N PHE B 343 5.26 -10.54 12.15
CA PHE B 343 4.15 -11.13 12.87
C PHE B 343 3.16 -10.09 13.36
N TYR B 344 3.65 -8.93 13.78
CA TYR B 344 2.77 -7.88 14.27
C TYR B 344 2.43 -6.80 13.26
N ALA B 345 3.11 -6.79 12.11
CA ALA B 345 2.90 -5.79 11.07
C ALA B 345 1.45 -5.58 10.64
N ASP B 346 0.68 -6.66 10.57
CA ASP B 346 -0.72 -6.58 10.17
C ASP B 346 -1.65 -6.52 11.39
N ASP B 347 -1.04 -6.32 12.56
CA ASP B 347 -1.76 -6.27 13.83
C ASP B 347 -2.33 -7.62 14.29
N LYS B 348 -2.18 -8.66 13.47
CA LYS B 348 -2.73 -9.98 13.84
C LYS B 348 -1.90 -10.68 14.93
N GLY B 349 -0.63 -10.30 15.03
CA GLY B 349 0.23 -10.90 16.04
C GLY B 349 -0.29 -10.66 17.45
N TRP B 350 -0.97 -9.52 17.65
CA TRP B 350 -1.52 -9.18 18.96
C TRP B 350 -2.64 -10.14 19.35
N VAL B 351 -3.11 -10.94 18.41
CA VAL B 351 -4.17 -11.89 18.68
C VAL B 351 -3.64 -13.33 18.68
N ASN B 352 -2.77 -13.64 17.72
CA ASN B 352 -2.23 -14.99 17.57
C ASN B 352 -1.01 -15.38 18.42
N GLU B 353 -0.39 -14.42 19.10
CA GLU B 353 0.77 -14.73 19.94
C GLU B 353 0.41 -15.81 20.97
N ILE B 354 1.32 -16.74 21.21
CA ILE B 354 1.09 -17.79 22.22
C ILE B 354 2.11 -17.51 23.32
N LEU B 355 1.65 -16.88 24.40
CA LEU B 355 2.50 -16.51 25.53
C LEU B 355 2.73 -17.66 26.52
N PHE B 356 3.80 -17.55 27.31
CA PHE B 356 4.06 -18.55 28.34
C PHE B 356 4.36 -17.82 29.66
N GLU B 357 4.51 -18.59 30.74
CA GLU B 357 4.72 -18.02 32.07
C GLU B 357 5.48 -16.71 32.24
N SER B 358 6.71 -16.63 31.74
CA SER B 358 7.48 -15.40 31.92
C SER B 358 6.88 -14.15 31.27
N ASP B 359 5.90 -14.33 30.38
CA ASP B 359 5.28 -13.20 29.72
C ASP B 359 4.30 -12.46 30.64
N GLU B 360 4.12 -12.98 31.85
CA GLU B 360 3.22 -12.35 32.80
C GLU B 360 3.67 -10.92 33.07
N ALA B 361 4.98 -10.69 32.98
CA ALA B 361 5.54 -9.36 33.21
C ALA B 361 5.15 -8.43 32.06
N ILE B 362 5.17 -8.95 30.85
CA ILE B 362 4.82 -8.18 29.67
C ILE B 362 3.33 -7.83 29.73
N VAL B 363 2.52 -8.78 30.19
CA VAL B 363 1.09 -8.54 30.31
C VAL B 363 0.82 -7.43 31.32
N ALA B 364 1.56 -7.42 32.42
CA ALA B 364 1.37 -6.39 33.44
C ALA B 364 1.67 -5.03 32.83
N TRP B 365 2.74 -4.96 32.03
CA TRP B 365 3.13 -3.71 31.38
C TRP B 365 2.05 -3.24 30.40
N ARG B 366 1.53 -4.15 29.59
CA ARG B 366 0.48 -3.80 28.64
C ARG B 366 -0.74 -3.21 29.32
N LYS B 367 -1.15 -3.79 30.44
CA LYS B 367 -2.30 -3.28 31.17
C LYS B 367 -1.97 -1.94 31.81
N LEU B 368 -0.77 -1.80 32.38
CA LEU B 368 -0.36 -0.54 33.00
C LEU B 368 -0.33 0.58 31.97
N ALA B 369 0.24 0.29 30.81
CA ALA B 369 0.34 1.27 29.73
C ALA B 369 -1.04 1.69 29.24
N SER B 370 -1.93 0.70 29.09
CA SER B 370 -3.28 0.96 28.62
C SER B 370 -4.06 1.85 29.59
N GLU B 371 -3.85 1.61 30.88
CA GLU B 371 -4.54 2.34 31.92
C GLU B 371 -3.96 3.71 32.32
N HIS B 372 -2.66 3.88 32.19
CA HIS B 372 -2.05 5.13 32.62
C HIS B 372 -1.36 6.03 31.59
N ASN B 373 -1.47 5.71 30.30
CA ASN B 373 -0.86 6.57 29.28
C ASN B 373 -1.65 7.88 29.27
N GLN B 374 -1.02 8.97 28.83
CA GLN B 374 -1.67 10.27 28.80
C GLN B 374 -2.31 10.63 27.46
N GLY B 375 -2.44 9.64 26.58
CA GLY B 375 -3.06 9.93 25.29
C GLY B 375 -2.55 9.07 24.17
N ILE B 376 -3.44 8.78 23.23
CA ILE B 376 -3.10 7.96 22.07
C ILE B 376 -2.82 8.88 20.87
N GLN B 377 -1.59 8.84 20.35
CA GLN B 377 -1.25 9.66 19.19
C GLN B 377 -1.95 9.04 17.98
N THR B 378 -2.53 9.88 17.13
CA THR B 378 -3.21 9.40 15.93
C THR B 378 -2.69 10.11 14.69
N GLN B 379 -2.95 9.55 13.51
CA GLN B 379 -2.49 10.14 12.26
C GLN B 379 -3.10 11.53 12.12
N ALA B 380 -4.27 11.73 12.72
CA ALA B 380 -4.95 13.02 12.68
C ALA B 380 -4.13 14.08 13.42
N HIS B 381 -3.43 13.66 14.47
CA HIS B 381 -2.58 14.59 15.21
C HIS B 381 -1.45 15.01 14.28
N VAL B 382 -1.03 14.07 13.45
CA VAL B 382 0.05 14.33 12.49
C VAL B 382 -0.37 15.27 11.35
N SER B 383 -1.48 14.97 10.68
CA SER B 383 -1.94 15.79 9.57
C SER B 383 -2.63 17.08 10.00
N GLY B 384 -3.41 17.00 11.07
CA GLY B 384 -4.15 18.14 11.57
C GLY B 384 -5.45 17.61 12.15
N LEU B 385 -5.69 17.88 13.42
CA LEU B 385 -6.90 17.39 14.09
C LEU B 385 -8.18 17.70 13.33
N GLU B 386 -9.06 16.70 13.26
CA GLU B 386 -10.32 16.81 12.54
C GLU B 386 -11.52 16.61 13.45
N HIS B 387 -12.53 17.47 13.30
CA HIS B 387 -13.74 17.36 14.11
C HIS B 387 -14.88 18.23 13.58
N HIS B 388 -16.09 17.70 13.63
CA HIS B 388 -17.28 18.40 13.17
C HIS B 388 -18.13 18.91 14.33
N ALA C 2 -11.47 -15.25 0.33
CA ALA C 2 -11.72 -13.92 -0.28
C ALA C 2 -10.41 -13.18 -0.51
N ASN C 3 -9.85 -13.35 -1.71
CA ASN C 3 -8.59 -12.71 -2.07
C ASN C 3 -8.81 -11.60 -3.10
N VAL C 4 -9.98 -11.64 -3.75
CA VAL C 4 -10.31 -10.66 -4.79
C VAL C 4 -11.63 -9.93 -4.50
N ASP C 5 -11.71 -8.68 -4.98
CA ASP C 5 -12.91 -7.87 -4.82
C ASP C 5 -14.12 -8.71 -5.26
N GLU C 6 -15.09 -8.87 -4.37
CA GLU C 6 -16.28 -9.67 -4.69
C GLU C 6 -16.99 -9.19 -5.95
N ALA C 7 -16.95 -7.88 -6.22
CA ALA C 7 -17.61 -7.33 -7.40
C ALA C 7 -17.02 -7.98 -8.67
N ILE C 8 -15.71 -8.14 -8.68
CA ILE C 8 -15.04 -8.75 -9.83
C ILE C 8 -15.37 -10.24 -9.92
N LEU C 9 -15.28 -10.94 -8.80
CA LEU C 9 -15.58 -12.38 -8.77
C LEU C 9 -16.99 -12.67 -9.29
N LYS C 10 -17.96 -11.86 -8.88
CA LYS C 10 -19.34 -12.05 -9.30
C LYS C 10 -19.50 -11.98 -10.82
N ARG C 11 -18.63 -11.20 -11.47
CA ARG C 11 -18.66 -11.03 -12.92
C ARG C 11 -18.14 -12.27 -13.67
N VAL C 12 -17.20 -12.99 -13.05
CA VAL C 12 -16.59 -14.16 -13.66
C VAL C 12 -17.35 -15.44 -13.28
N LYS C 13 -18.45 -15.70 -13.98
CA LYS C 13 -19.29 -16.86 -13.71
C LYS C 13 -18.62 -18.21 -13.93
N GLY C 14 -17.87 -18.34 -15.02
CA GLY C 14 -17.23 -19.61 -15.31
C GLY C 14 -16.01 -20.05 -14.51
N TRP C 15 -15.25 -19.10 -13.96
CA TRP C 15 -14.05 -19.50 -13.20
C TRP C 15 -13.64 -18.58 -12.06
N ALA C 16 -14.61 -18.16 -11.25
CA ALA C 16 -14.36 -17.28 -10.12
C ALA C 16 -13.32 -17.85 -9.14
N PRO C 17 -13.46 -19.14 -8.77
CA PRO C 17 -12.51 -19.75 -7.84
C PRO C 17 -11.06 -19.58 -8.29
N TYR C 18 -10.84 -19.75 -9.60
CA TYR C 18 -9.51 -19.60 -10.19
C TYR C 18 -9.01 -18.16 -10.05
N VAL C 19 -9.90 -17.21 -10.31
CA VAL C 19 -9.52 -15.80 -10.19
C VAL C 19 -9.27 -15.46 -8.72
N ASP C 20 -9.92 -16.19 -7.83
CA ASP C 20 -9.75 -15.95 -6.40
C ASP C 20 -8.48 -16.62 -5.86
N ALA C 21 -8.00 -17.64 -6.57
CA ALA C 21 -6.82 -18.39 -6.16
C ALA C 21 -5.49 -17.67 -6.41
N LYS C 22 -5.43 -16.40 -6.04
CA LYS C 22 -4.23 -15.61 -6.24
C LYS C 22 -3.00 -16.21 -5.54
N LEU C 23 -3.22 -16.86 -4.40
CA LEU C 23 -2.13 -17.46 -3.62
C LEU C 23 -1.93 -18.93 -3.95
N GLY C 24 -2.73 -19.46 -4.87
CA GLY C 24 -2.59 -20.86 -5.23
C GLY C 24 -3.61 -21.77 -4.57
N PHE C 25 -3.54 -23.05 -4.91
CA PHE C 25 -4.45 -24.04 -4.38
C PHE C 25 -3.84 -24.82 -3.22
N ARG C 26 -4.56 -24.86 -2.11
CA ARG C 26 -4.07 -25.59 -0.93
C ARG C 26 -4.45 -27.06 -1.08
N ASN C 27 -3.72 -27.93 -0.39
CA ASN C 27 -3.96 -29.37 -0.41
C ASN C 27 -3.54 -30.07 -1.70
N HIS C 28 -2.35 -29.71 -2.19
CA HIS C 28 -1.77 -30.28 -3.40
C HIS C 28 -0.26 -30.40 -3.14
N TRP C 29 0.40 -31.30 -3.87
CA TRP C 29 1.86 -31.46 -3.74
C TRP C 29 2.53 -30.46 -4.66
N TYR C 30 3.64 -29.89 -4.23
CA TYR C 30 4.39 -28.91 -5.03
C TYR C 30 5.89 -29.12 -4.94
N PRO C 31 6.59 -29.12 -6.08
CA PRO C 31 8.04 -29.30 -6.03
C PRO C 31 8.63 -27.94 -5.67
N VAL C 32 9.64 -27.90 -4.81
CA VAL C 32 10.23 -26.62 -4.43
C VAL C 32 11.74 -26.55 -4.61
N MET C 33 12.38 -27.70 -4.77
CA MET C 33 13.83 -27.74 -4.97
C MET C 33 14.23 -29.14 -5.41
N PHE C 34 15.51 -29.31 -5.71
CA PHE C 34 16.02 -30.62 -6.10
C PHE C 34 16.69 -31.25 -4.89
N SER C 35 16.57 -32.58 -4.78
CA SER C 35 17.17 -33.31 -3.66
C SER C 35 18.61 -32.92 -3.36
N LYS C 36 19.45 -32.86 -4.39
CA LYS C 36 20.86 -32.53 -4.19
C LYS C 36 21.09 -31.15 -3.61
N GLU C 37 20.02 -30.36 -3.48
CA GLU C 37 20.14 -29.01 -2.94
C GLU C 37 19.98 -28.94 -1.43
N ILE C 38 19.49 -30.02 -0.84
CA ILE C 38 19.28 -30.09 0.61
C ILE C 38 20.13 -31.21 1.20
N ASN C 39 21.12 -30.82 2.00
CA ASN C 39 22.03 -31.77 2.62
C ASN C 39 21.70 -32.09 4.08
N GLU C 40 22.29 -33.18 4.57
CA GLU C 40 22.10 -33.66 5.93
C GLU C 40 22.33 -32.58 6.99
N GLY C 41 21.34 -32.38 7.85
CA GLY C 41 21.46 -31.41 8.92
C GLY C 41 21.79 -30.00 8.46
N GLU C 42 21.26 -29.62 7.30
CA GLU C 42 21.51 -28.29 6.76
C GLU C 42 20.17 -27.67 6.36
N PRO C 43 19.45 -27.10 7.34
CA PRO C 43 18.14 -26.46 7.15
C PRO C 43 18.08 -25.43 6.02
N LYS C 44 17.06 -25.55 5.19
CA LYS C 44 16.87 -24.65 4.07
C LYS C 44 15.52 -23.94 4.21
N THR C 45 15.52 -22.63 3.96
CA THR C 45 14.31 -21.84 4.05
C THR C 45 13.69 -21.64 2.66
N LEU C 46 12.37 -21.48 2.64
CA LEU C 46 11.64 -21.23 1.41
C LEU C 46 10.24 -20.74 1.76
N LYS C 47 9.61 -20.05 0.80
CA LYS C 47 8.25 -19.58 0.99
C LYS C 47 7.40 -20.29 -0.06
N LEU C 48 6.33 -20.94 0.39
CA LEU C 48 5.42 -21.68 -0.48
C LEU C 48 3.99 -21.27 -0.16
N LEU C 49 3.26 -20.82 -1.19
CA LEU C 49 1.88 -20.37 -1.03
C LEU C 49 1.78 -19.29 0.05
N GLY C 50 2.83 -18.48 0.15
CA GLY C 50 2.87 -17.39 1.11
C GLY C 50 3.34 -17.77 2.50
N GLU C 51 3.59 -19.05 2.72
CA GLU C 51 4.03 -19.53 4.03
C GLU C 51 5.55 -19.74 4.10
N ASN C 52 6.19 -19.21 5.15
CA ASN C 52 7.62 -19.41 5.31
C ASN C 52 7.83 -20.79 5.89
N LEU C 53 8.64 -21.60 5.20
CA LEU C 53 8.90 -22.96 5.65
C LEU C 53 10.38 -23.25 5.81
N LEU C 54 10.67 -24.28 6.59
CA LEU C 54 12.02 -24.76 6.84
C LEU C 54 12.01 -26.23 6.49
N VAL C 55 13.00 -26.65 5.72
CA VAL C 55 13.11 -28.06 5.34
C VAL C 55 14.48 -28.53 5.80
N ASN C 56 14.55 -29.74 6.31
CA ASN C 56 15.80 -30.28 6.80
C ASN C 56 15.89 -31.78 6.50
N ARG C 57 17.12 -32.28 6.41
CA ARG C 57 17.34 -33.70 6.14
C ARG C 57 18.00 -34.31 7.36
N ILE C 58 17.32 -35.26 7.99
CA ILE C 58 17.85 -35.92 9.17
C ILE C 58 17.88 -37.42 8.93
N ASP C 59 19.08 -37.99 8.99
CA ASP C 59 19.30 -39.41 8.72
C ASP C 59 18.78 -39.72 7.32
N GLY C 60 19.02 -38.79 6.40
CA GLY C 60 18.59 -38.95 5.02
C GLY C 60 17.15 -38.57 4.70
N LYS C 61 16.27 -38.52 5.70
CA LYS C 61 14.87 -38.19 5.48
C LYS C 61 14.55 -36.70 5.60
N LEU C 62 13.65 -36.22 4.75
CA LEU C 62 13.27 -34.81 4.75
C LEU C 62 12.08 -34.51 5.66
N TYR C 63 12.17 -33.37 6.34
CA TYR C 63 11.13 -32.91 7.25
C TYR C 63 10.85 -31.45 6.96
N CYS C 64 9.59 -31.05 7.12
CA CYS C 64 9.21 -29.67 6.88
C CYS C 64 8.44 -29.06 8.04
N LEU C 65 8.97 -27.96 8.57
CA LEU C 65 8.36 -27.22 9.68
C LEU C 65 8.06 -25.78 9.24
N LYS C 66 6.98 -25.22 9.75
CA LYS C 66 6.66 -23.83 9.41
C LYS C 66 7.74 -22.97 10.07
N ASP C 67 8.34 -22.09 9.28
CA ASP C 67 9.40 -21.22 9.77
C ASP C 67 8.81 -20.02 10.53
N ARG C 68 8.13 -20.30 11.64
CA ARG C 68 7.54 -19.25 12.47
C ARG C 68 7.28 -19.74 13.88
N CYS C 69 8.10 -19.29 14.83
CA CYS C 69 7.92 -19.70 16.22
C CYS C 69 6.49 -19.43 16.69
N LEU C 70 5.94 -20.35 17.46
CA LEU C 70 4.58 -20.22 18.00
C LEU C 70 4.49 -19.11 19.04
N HIS C 71 5.62 -18.80 19.67
CA HIS C 71 5.67 -17.80 20.73
C HIS C 71 5.42 -16.36 20.28
N ARG C 72 6.44 -15.72 19.72
CA ARG C 72 6.31 -14.34 19.25
C ARG C 72 6.37 -14.18 17.73
N GLY C 73 6.16 -15.28 17.01
CA GLY C 73 6.12 -15.26 15.55
C GLY C 73 7.34 -14.92 14.72
N VAL C 74 8.53 -15.08 15.27
CA VAL C 74 9.74 -14.78 14.51
C VAL C 74 10.08 -16.02 13.69
N GLN C 75 10.86 -15.84 12.63
CA GLN C 75 11.27 -16.98 11.83
C GLN C 75 12.43 -17.63 12.55
N LEU C 76 12.34 -18.94 12.79
CA LEU C 76 13.40 -19.68 13.47
C LEU C 76 14.70 -19.57 12.67
N SER C 77 14.57 -19.40 11.36
CA SER C 77 15.73 -19.33 10.48
C SER C 77 16.62 -18.09 10.59
N VAL C 78 16.21 -17.08 11.37
CA VAL C 78 17.06 -15.90 11.50
C VAL C 78 18.39 -16.34 12.14
N LYS C 79 18.31 -17.27 13.08
CA LYS C 79 19.48 -17.81 13.75
C LYS C 79 19.14 -19.24 14.09
N VAL C 80 19.45 -20.14 13.17
CA VAL C 80 19.16 -21.56 13.35
C VAL C 80 19.91 -22.20 14.50
N GLU C 81 19.18 -22.95 15.31
CA GLU C 81 19.77 -23.65 16.44
C GLU C 81 19.23 -25.06 16.57
N CYS C 82 20.00 -26.01 16.06
CA CYS C 82 19.65 -27.42 16.16
C CYS C 82 20.67 -27.96 17.16
N LYS C 83 20.25 -28.05 18.42
CA LYS C 83 21.11 -28.51 19.50
C LYS C 83 21.10 -30.03 19.63
N THR C 84 20.09 -30.67 19.06
CA THR C 84 20.01 -32.13 19.05
C THR C 84 19.62 -32.45 17.61
N LYS C 85 19.93 -33.65 17.16
CA LYS C 85 19.64 -34.03 15.78
C LYS C 85 18.15 -34.05 15.40
N SER C 86 17.28 -34.36 16.37
CA SER C 86 15.85 -34.42 16.08
C SER C 86 15.06 -33.16 16.45
N THR C 87 15.74 -32.07 16.76
CA THR C 87 15.01 -30.85 17.13
C THR C 87 15.63 -29.55 16.65
N ILE C 88 14.87 -28.48 16.82
CA ILE C 88 15.34 -27.15 16.48
C ILE C 88 14.87 -26.25 17.61
N THR C 89 15.74 -25.36 18.06
CA THR C 89 15.43 -24.46 19.17
C THR C 89 15.38 -23.01 18.72
N CYS C 90 14.23 -22.37 18.91
CA CYS C 90 14.11 -20.97 18.54
C CYS C 90 15.22 -20.21 19.24
N TRP C 91 15.85 -19.31 18.51
CA TRP C 91 16.94 -18.51 19.04
C TRP C 91 16.50 -17.43 20.03
N TYR C 92 15.19 -17.19 20.10
CA TYR C 92 14.68 -16.12 20.96
C TYR C 92 14.49 -16.52 22.43
N HIS C 93 13.52 -17.36 22.71
CA HIS C 93 13.27 -17.80 24.09
C HIS C 93 13.46 -19.29 24.24
N ALA C 94 14.10 -19.89 23.23
CA ALA C 94 14.43 -21.31 23.24
C ALA C 94 13.30 -22.32 23.26
N TRP C 95 12.15 -22.00 22.66
CA TRP C 95 11.09 -22.99 22.59
C TRP C 95 11.69 -24.02 21.62
N THR C 96 11.60 -25.30 21.96
CA THR C 96 12.20 -26.34 21.12
C THR C 96 11.18 -27.30 20.52
N TYR C 97 11.26 -27.50 19.21
CA TYR C 97 10.33 -28.37 18.49
C TYR C 97 10.99 -29.58 17.84
N ARG C 98 10.23 -30.66 17.70
CA ARG C 98 10.72 -31.87 17.06
C ARG C 98 10.40 -31.77 15.56
N TRP C 99 11.38 -32.08 14.72
CA TRP C 99 11.19 -32.03 13.28
C TRP C 99 10.14 -33.02 12.83
N GLU C 100 10.10 -34.17 13.49
CA GLU C 100 9.18 -35.26 13.13
C GLU C 100 7.69 -34.98 13.29
N ASP C 101 7.29 -34.16 14.26
CA ASP C 101 5.87 -33.88 14.45
C ASP C 101 5.58 -32.44 14.86
N GLY C 102 6.62 -31.62 14.97
CA GLY C 102 6.44 -30.23 15.33
C GLY C 102 6.04 -29.97 16.77
N VAL C 103 5.92 -31.02 17.57
CA VAL C 103 5.54 -30.88 18.97
C VAL C 103 6.56 -30.03 19.75
N LEU C 104 6.06 -29.09 20.54
CA LEU C 104 6.92 -28.27 21.37
C LEU C 104 7.32 -29.23 22.49
N CYS C 105 8.53 -29.79 22.39
CA CYS C 105 8.98 -30.79 23.37
C CYS C 105 9.80 -30.25 24.55
N ASP C 106 10.35 -29.06 24.40
CA ASP C 106 11.15 -28.47 25.48
C ASP C 106 11.21 -26.94 25.36
N ILE C 107 11.55 -26.30 26.47
CA ILE C 107 11.70 -24.85 26.52
C ILE C 107 12.86 -24.60 27.47
N LEU C 108 14.03 -24.35 26.90
CA LEU C 108 15.24 -24.13 27.66
C LEU C 108 15.19 -22.99 28.69
N THR C 109 14.40 -21.95 28.42
CA THR C 109 14.31 -20.83 29.35
C THR C 109 13.33 -21.08 30.50
N ASN C 110 12.55 -22.15 30.40
CA ASN C 110 11.59 -22.50 31.45
C ASN C 110 11.12 -23.94 31.33
N PRO C 111 11.89 -24.89 31.87
CA PRO C 111 11.56 -26.32 31.83
C PRO C 111 10.28 -26.74 32.54
N THR C 112 9.69 -25.85 33.35
CA THR C 112 8.47 -26.20 34.07
C THR C 112 7.23 -25.63 33.38
N SER C 113 7.44 -24.94 32.27
CA SER C 113 6.34 -24.33 31.52
C SER C 113 5.23 -25.32 31.16
N ALA C 114 3.99 -24.89 31.40
CA ALA C 114 2.82 -25.72 31.11
C ALA C 114 2.58 -25.85 29.61
N GLN C 115 3.30 -25.05 28.81
CA GLN C 115 3.12 -25.12 27.37
C GLN C 115 3.81 -26.35 26.79
N ILE C 116 4.89 -26.77 27.44
CA ILE C 116 5.65 -27.92 26.97
C ILE C 116 4.76 -29.13 26.75
N GLY C 117 4.83 -29.68 25.54
CA GLY C 117 4.02 -30.84 25.21
C GLY C 117 2.57 -30.53 24.89
N ARG C 118 2.17 -29.26 25.07
CA ARG C 118 0.79 -28.85 24.83
C ARG C 118 0.62 -27.95 23.59
N GLN C 119 1.69 -27.76 22.82
CA GLN C 119 1.62 -26.94 21.60
C GLN C 119 2.30 -27.72 20.47
N LYS C 120 1.88 -27.44 19.25
CA LYS C 120 2.44 -28.11 18.09
C LYS C 120 2.59 -27.16 16.91
N LEU C 121 3.80 -27.06 16.38
CA LEU C 121 4.10 -26.21 15.25
C LEU C 121 3.64 -26.96 14.01
N LYS C 122 3.15 -26.22 13.02
CA LYS C 122 2.67 -26.82 11.79
C LYS C 122 3.76 -27.53 11.01
N THR C 123 3.47 -28.76 10.59
CA THR C 123 4.41 -29.53 9.78
C THR C 123 3.68 -29.91 8.49
N TYR C 124 4.44 -30.14 7.43
CA TYR C 124 3.85 -30.52 6.15
C TYR C 124 4.57 -31.74 5.60
N PRO C 125 3.83 -32.67 5.01
CA PRO C 125 4.44 -33.87 4.45
C PRO C 125 5.45 -33.48 3.36
N VAL C 126 6.53 -34.25 3.24
CA VAL C 126 7.55 -33.98 2.24
C VAL C 126 8.03 -35.31 1.69
N GLN C 127 8.21 -35.38 0.37
CA GLN C 127 8.69 -36.61 -0.22
C GLN C 127 9.53 -36.32 -1.46
N GLU C 128 10.61 -37.06 -1.61
CA GLU C 128 11.51 -36.90 -2.73
C GLU C 128 11.15 -37.95 -3.77
N ALA C 129 11.12 -37.52 -5.03
CA ALA C 129 10.82 -38.42 -6.15
C ALA C 129 11.49 -37.86 -7.39
N LYS C 130 12.24 -38.72 -8.08
CA LYS C 130 12.96 -38.32 -9.29
C LYS C 130 13.98 -37.22 -9.04
N GLY C 131 14.49 -37.15 -7.81
CA GLY C 131 15.47 -36.14 -7.47
C GLY C 131 14.86 -34.78 -7.17
N CYS C 132 13.54 -34.74 -7.08
CA CYS C 132 12.80 -33.51 -6.80
C CYS C 132 12.15 -33.56 -5.43
N VAL C 133 12.16 -32.42 -4.73
CA VAL C 133 11.56 -32.36 -3.41
C VAL C 133 10.14 -31.79 -3.48
N PHE C 134 9.15 -32.61 -3.16
CA PHE C 134 7.76 -32.19 -3.17
C PHE C 134 7.24 -31.98 -1.76
N ILE C 135 6.53 -30.88 -1.55
CA ILE C 135 5.95 -30.59 -0.24
C ILE C 135 4.44 -30.55 -0.39
N TYR C 136 3.73 -31.29 0.44
CA TYR C 136 2.28 -31.28 0.38
C TYR C 136 1.81 -30.11 1.23
N LEU C 137 1.47 -28.99 0.60
CA LEU C 137 1.02 -27.83 1.33
C LEU C 137 -0.47 -27.99 1.56
N GLY C 138 -0.82 -28.80 2.56
CA GLY C 138 -2.22 -29.05 2.85
C GLY C 138 -2.41 -29.61 4.25
N ASP C 139 -3.64 -29.94 4.58
CA ASP C 139 -3.96 -30.46 5.91
C ASP C 139 -4.47 -31.91 5.85
N GLY C 140 -4.18 -32.67 6.91
CA GLY C 140 -4.61 -34.06 6.94
C GLY C 140 -3.69 -34.97 6.16
N ASP C 141 -4.05 -36.24 6.08
CA ASP C 141 -3.25 -37.21 5.35
C ASP C 141 -3.23 -36.89 3.86
N PRO C 142 -2.03 -36.82 3.28
CA PRO C 142 -1.86 -36.52 1.85
C PRO C 142 -2.28 -37.62 0.89
N PRO C 143 -2.66 -37.24 -0.33
CA PRO C 143 -3.07 -38.22 -1.34
C PRO C 143 -1.79 -38.69 -2.03
N PRO C 144 -1.88 -39.70 -2.90
CA PRO C 144 -0.67 -40.17 -3.58
C PRO C 144 -0.05 -39.05 -4.43
N LEU C 145 1.28 -38.97 -4.44
CA LEU C 145 1.96 -37.93 -5.21
C LEU C 145 1.53 -37.94 -6.68
N ALA C 146 1.35 -39.14 -7.23
CA ALA C 146 0.95 -39.29 -8.62
C ALA C 146 -0.25 -38.43 -9.02
N ARG C 147 -1.17 -38.20 -8.08
CA ARG C 147 -2.35 -37.39 -8.39
C ARG C 147 -2.00 -35.99 -8.88
N ASP C 148 -0.93 -35.42 -8.31
CA ASP C 148 -0.52 -34.07 -8.67
C ASP C 148 0.67 -34.00 -9.60
N THR C 149 0.91 -35.06 -10.36
CA THR C 149 2.01 -35.07 -11.32
C THR C 149 1.43 -35.48 -12.67
N PRO C 150 2.02 -34.98 -13.76
CA PRO C 150 1.53 -35.33 -15.10
C PRO C 150 1.93 -36.76 -15.44
N PRO C 151 1.22 -37.41 -16.36
CA PRO C 151 1.50 -38.78 -16.78
C PRO C 151 2.96 -38.99 -17.19
N ASN C 152 3.50 -40.14 -16.81
CA ASN C 152 4.87 -40.54 -17.13
C ASN C 152 5.99 -39.88 -16.34
N PHE C 153 5.68 -38.82 -15.61
CA PHE C 153 6.72 -38.16 -14.83
C PHE C 153 7.33 -39.16 -13.85
N LEU C 154 6.51 -40.05 -13.33
CA LEU C 154 6.98 -41.04 -12.36
C LEU C 154 7.38 -42.41 -12.91
N ASP C 155 7.39 -42.58 -14.23
CA ASP C 155 7.77 -43.87 -14.81
C ASP C 155 9.15 -44.31 -14.32
N ASP C 156 9.30 -45.61 -14.09
CA ASP C 156 10.56 -46.19 -13.60
C ASP C 156 11.83 -45.79 -14.33
N ASP C 157 11.79 -45.82 -15.67
CA ASP C 157 12.96 -45.51 -16.48
C ASP C 157 13.18 -44.03 -16.83
N MET C 158 12.17 -43.21 -16.58
CA MET C 158 12.25 -41.78 -16.88
C MET C 158 13.30 -41.06 -16.04
N GLU C 159 14.38 -40.64 -16.68
CA GLU C 159 15.44 -39.91 -15.98
C GLU C 159 15.08 -38.42 -15.98
N ILE C 160 14.97 -37.83 -14.79
CA ILE C 160 14.60 -36.42 -14.65
C ILE C 160 15.73 -35.48 -14.24
N LEU C 161 15.93 -34.43 -15.04
CA LEU C 161 16.94 -33.42 -14.76
C LEU C 161 16.26 -32.06 -14.91
N GLY C 162 16.77 -31.04 -14.25
CA GLY C 162 16.13 -29.75 -14.38
C GLY C 162 16.83 -28.53 -13.83
N LYS C 163 16.06 -27.46 -13.70
CA LYS C 163 16.53 -26.19 -13.21
C LYS C 163 15.35 -25.51 -12.54
N ASN C 164 15.63 -24.69 -11.54
CA ASN C 164 14.57 -23.98 -10.84
C ASN C 164 15.03 -22.56 -10.54
N GLN C 165 14.06 -21.64 -10.54
CA GLN C 165 14.36 -20.25 -10.26
C GLN C 165 13.08 -19.53 -9.87
N ILE C 166 13.25 -18.34 -9.32
CA ILE C 166 12.15 -17.52 -8.87
C ILE C 166 11.84 -16.48 -9.95
N ILE C 167 10.60 -16.44 -10.41
CA ILE C 167 10.17 -15.50 -11.43
C ILE C 167 9.18 -14.52 -10.82
N LYS C 168 9.28 -13.25 -11.20
CA LYS C 168 8.38 -12.23 -10.66
C LYS C 168 7.08 -12.04 -11.44
N SER C 169 6.15 -12.97 -11.25
CA SER C 169 4.82 -12.89 -11.83
C SER C 169 3.97 -13.89 -11.06
N ASN C 170 2.67 -13.65 -11.01
CA ASN C 170 1.77 -14.56 -10.33
C ASN C 170 1.83 -15.88 -11.09
N TRP C 171 1.63 -17.00 -10.38
CA TRP C 171 1.70 -18.32 -10.99
C TRP C 171 0.73 -18.60 -12.14
N ARG C 172 -0.45 -18.00 -12.09
CA ARG C 172 -1.45 -18.23 -13.13
C ARG C 172 -1.03 -17.66 -14.49
N LEU C 173 -0.34 -16.53 -14.48
CA LEU C 173 0.12 -15.93 -15.73
C LEU C 173 1.14 -16.89 -16.35
N ALA C 174 1.92 -17.55 -15.50
CA ALA C 174 2.93 -18.50 -15.96
C ALA C 174 2.26 -19.73 -16.56
N VAL C 175 1.23 -20.22 -15.86
CA VAL C 175 0.48 -21.38 -16.32
C VAL C 175 -0.14 -21.12 -17.68
N GLU C 176 -0.87 -20.02 -17.80
CA GLU C 176 -1.52 -19.68 -19.04
C GLU C 176 -0.57 -19.40 -20.20
N ASN C 177 0.59 -18.83 -19.92
CA ASN C 177 1.55 -18.58 -20.98
C ASN C 177 2.04 -19.94 -21.52
N GLY C 178 2.27 -20.87 -20.61
CA GLY C 178 2.73 -22.20 -20.99
C GLY C 178 1.75 -23.03 -21.80
N PHE C 179 0.48 -23.02 -21.40
CA PHE C 179 -0.55 -23.80 -22.07
C PHE C 179 -1.20 -23.06 -23.25
N ASP C 180 -0.68 -21.88 -23.55
CA ASP C 180 -1.18 -21.02 -24.63
C ASP C 180 -0.70 -21.52 -26.01
N PRO C 181 -1.62 -22.05 -26.83
CA PRO C 181 -1.23 -22.55 -28.17
C PRO C 181 -0.61 -21.51 -29.11
N SER C 182 -1.09 -20.27 -29.05
CA SER C 182 -0.58 -19.23 -29.93
C SER C 182 0.68 -18.48 -29.46
N HIS C 183 1.06 -18.62 -28.20
CA HIS C 183 2.23 -17.89 -27.72
C HIS C 183 3.51 -18.35 -28.38
N ILE C 184 3.42 -19.49 -29.06
CA ILE C 184 4.54 -20.10 -29.77
C ILE C 184 5.24 -19.05 -30.66
N TYR C 185 4.49 -18.04 -31.06
CA TYR C 185 5.01 -16.94 -31.87
C TYR C 185 6.24 -16.28 -31.24
N ILE C 186 6.26 -16.18 -29.91
CA ILE C 186 7.39 -15.55 -29.23
C ILE C 186 8.68 -16.38 -29.31
N HIS C 187 8.55 -17.63 -29.71
CA HIS C 187 9.72 -18.52 -29.81
C HIS C 187 10.27 -18.67 -31.22
N LYS C 188 9.72 -17.94 -32.19
CA LYS C 188 10.16 -18.05 -33.58
C LYS C 188 11.66 -17.83 -33.82
N ASP C 189 12.32 -17.03 -32.99
CA ASP C 189 13.74 -16.78 -33.16
C ASP C 189 14.64 -17.48 -32.15
N SER C 190 14.08 -18.40 -31.37
CA SER C 190 14.89 -19.12 -30.39
C SER C 190 16.01 -19.88 -31.06
N ILE C 191 17.19 -19.91 -30.42
CA ILE C 191 18.33 -20.62 -30.96
C ILE C 191 18.03 -22.11 -31.03
N LEU C 192 17.12 -22.58 -30.20
CA LEU C 192 16.76 -23.99 -30.21
C LEU C 192 16.15 -24.41 -31.54
N VAL C 193 15.33 -23.54 -32.13
CA VAL C 193 14.66 -23.82 -33.40
C VAL C 193 15.64 -24.17 -34.52
N LYS C 194 16.66 -23.33 -34.69
CA LYS C 194 17.66 -23.56 -35.73
C LYS C 194 18.67 -24.62 -35.27
N ASP C 195 19.31 -24.36 -34.13
CA ASP C 195 20.32 -25.25 -33.58
C ASP C 195 19.87 -26.69 -33.36
N ASN C 196 18.56 -26.95 -33.32
CA ASN C 196 18.09 -28.32 -33.15
C ASN C 196 17.15 -28.76 -34.27
N ASP C 197 17.21 -28.03 -35.39
CA ASP C 197 16.42 -28.36 -36.58
C ASP C 197 14.94 -28.65 -36.30
N LEU C 198 14.27 -27.72 -35.62
CA LEU C 198 12.87 -27.91 -35.28
C LEU C 198 11.86 -27.44 -36.32
N ALA C 199 10.73 -28.14 -36.35
CA ALA C 199 9.63 -27.77 -37.21
C ALA C 199 8.77 -27.02 -36.20
N LEU C 200 8.54 -25.73 -36.45
CA LEU C 200 7.75 -24.94 -35.51
C LEU C 200 6.91 -23.90 -36.24
N PRO C 201 5.58 -24.06 -36.19
CA PRO C 201 4.76 -23.06 -36.88
C PRO C 201 4.69 -21.77 -36.07
N LEU C 202 3.99 -20.77 -36.61
CA LEU C 202 3.84 -19.48 -35.95
C LEU C 202 2.57 -19.50 -35.09
N GLY C 203 1.59 -20.29 -35.52
CA GLY C 203 0.33 -20.38 -34.80
C GLY C 203 -0.58 -21.47 -35.34
N PHE C 204 -1.89 -21.33 -35.11
CA PHE C 204 -2.88 -22.33 -35.55
C PHE C 204 -4.25 -21.78 -35.94
N ALA C 205 -4.80 -22.29 -37.04
CA ALA C 205 -6.14 -21.90 -37.47
C ALA C 205 -7.02 -23.07 -37.04
N PRO C 206 -7.73 -22.92 -35.90
CA PRO C 206 -8.60 -23.97 -35.36
C PRO C 206 -9.62 -24.54 -36.33
N GLY C 207 -9.96 -25.81 -36.12
CA GLY C 207 -10.95 -26.48 -36.95
C GLY C 207 -11.86 -27.29 -36.03
N GLY C 208 -13.05 -27.62 -36.50
CA GLY C 208 -13.98 -28.37 -35.68
C GLY C 208 -14.61 -27.50 -34.61
N ASP C 209 -15.45 -28.08 -33.75
CA ASP C 209 -16.11 -27.33 -32.70
C ASP C 209 -15.24 -27.08 -31.48
N ARG C 210 -15.80 -26.35 -30.51
CA ARG C 210 -15.09 -26.01 -29.28
C ARG C 210 -14.70 -27.24 -28.46
N LYS C 211 -15.65 -28.17 -28.31
CA LYS C 211 -15.41 -29.40 -27.55
C LYS C 211 -14.17 -30.14 -28.09
N GLN C 212 -14.00 -30.12 -29.40
CA GLN C 212 -12.88 -30.80 -30.06
C GLN C 212 -11.53 -30.10 -29.84
N GLN C 213 -11.56 -28.83 -29.43
CA GLN C 213 -10.34 -28.07 -29.22
C GLN C 213 -9.47 -28.60 -28.07
N THR C 214 -10.09 -29.34 -27.16
CA THR C 214 -9.35 -29.87 -26.02
C THR C 214 -9.94 -31.18 -25.53
N ARG C 215 -9.24 -31.81 -24.60
CA ARG C 215 -9.71 -33.05 -23.99
C ARG C 215 -9.56 -32.87 -22.49
N VAL C 216 -10.69 -32.73 -21.81
CA VAL C 216 -10.71 -32.55 -20.36
C VAL C 216 -10.60 -33.92 -19.69
N VAL C 217 -9.55 -34.10 -18.91
CA VAL C 217 -9.34 -35.37 -18.22
C VAL C 217 -9.70 -35.30 -16.74
N ASP C 218 -10.72 -36.07 -16.36
CA ASP C 218 -11.18 -36.15 -14.98
C ASP C 218 -11.64 -37.57 -14.71
N ASP C 219 -11.10 -38.49 -15.50
CA ASP C 219 -11.44 -39.91 -15.38
C ASP C 219 -10.15 -40.73 -15.23
N ASP C 220 -9.04 -40.04 -14.97
CA ASP C 220 -7.77 -40.72 -14.79
C ASP C 220 -7.90 -41.55 -13.52
N VAL C 221 -7.33 -42.76 -13.53
CA VAL C 221 -7.43 -43.65 -12.39
C VAL C 221 -6.67 -43.16 -11.15
N VAL C 222 -5.53 -42.51 -11.34
CA VAL C 222 -4.75 -42.02 -10.20
C VAL C 222 -5.37 -40.74 -9.65
N GLY C 223 -6.39 -40.23 -10.34
CA GLY C 223 -7.07 -39.03 -9.88
C GLY C 223 -6.57 -37.69 -10.40
N ARG C 224 -5.58 -37.70 -11.29
CA ARG C 224 -5.09 -36.42 -11.82
C ARG C 224 -6.15 -35.70 -12.65
N LYS C 225 -6.12 -34.38 -12.61
CA LYS C 225 -7.09 -33.56 -13.34
C LYS C 225 -6.36 -32.59 -14.25
N GLY C 226 -6.68 -32.62 -15.54
CA GLY C 226 -6.01 -31.75 -16.48
C GLY C 226 -6.69 -31.60 -17.83
N VAL C 227 -6.02 -30.87 -18.71
CA VAL C 227 -6.55 -30.64 -20.04
C VAL C 227 -5.49 -30.80 -21.12
N TYR C 228 -5.85 -31.48 -22.19
CA TYR C 228 -4.94 -31.67 -23.32
C TYR C 228 -5.33 -30.67 -24.39
N ASP C 229 -4.33 -30.03 -24.98
CA ASP C 229 -4.58 -29.07 -26.05
C ASP C 229 -4.54 -29.82 -27.38
N LEU C 230 -5.70 -29.97 -28.01
CA LEU C 230 -5.83 -30.68 -29.27
C LEU C 230 -6.09 -29.74 -30.46
N ILE C 231 -5.59 -28.51 -30.37
CA ILE C 231 -5.81 -27.53 -31.43
C ILE C 231 -5.26 -27.99 -32.79
N GLY C 232 -4.10 -28.65 -32.78
CA GLY C 232 -3.51 -29.11 -34.02
C GLY C 232 -4.11 -30.40 -34.54
N GLU C 233 -5.23 -30.81 -33.94
CA GLU C 233 -5.91 -32.03 -34.34
C GLU C 233 -6.85 -31.78 -35.51
N HIS C 234 -7.45 -30.59 -35.54
CA HIS C 234 -8.36 -30.22 -36.62
C HIS C 234 -7.98 -28.85 -37.17
N GLY C 235 -6.95 -28.26 -36.59
CA GLY C 235 -6.50 -26.95 -37.02
C GLY C 235 -5.33 -26.97 -37.99
N VAL C 236 -5.29 -25.98 -38.87
CA VAL C 236 -4.23 -25.85 -39.85
C VAL C 236 -3.08 -25.04 -39.24
N PRO C 237 -1.92 -25.70 -39.02
CA PRO C 237 -0.78 -24.97 -38.45
C PRO C 237 -0.39 -23.79 -39.34
N VAL C 238 -0.05 -22.67 -38.72
CA VAL C 238 0.31 -21.48 -39.48
C VAL C 238 1.82 -21.37 -39.68
N PHE C 239 2.24 -21.46 -40.94
CA PHE C 239 3.66 -21.36 -41.28
C PHE C 239 3.97 -20.06 -42.02
N GLU C 240 2.94 -19.46 -42.62
CA GLU C 240 3.11 -18.19 -43.34
C GLU C 240 2.30 -17.08 -42.67
N GLY C 241 3.00 -16.18 -41.99
CA GLY C 241 2.31 -15.09 -41.33
C GLY C 241 2.12 -13.94 -42.30
N THR C 242 0.88 -13.50 -42.46
CA THR C 242 0.60 -12.43 -43.40
C THR C 242 -0.11 -11.20 -42.82
N ILE C 243 0.14 -10.06 -43.45
CA ILE C 243 -0.47 -8.79 -43.08
C ILE C 243 -1.03 -8.25 -44.39
N GLY C 244 -2.34 -8.05 -44.46
CA GLY C 244 -2.95 -7.56 -45.69
C GLY C 244 -2.75 -8.54 -46.83
N GLY C 245 -2.54 -9.81 -46.49
CA GLY C 245 -2.36 -10.83 -47.50
C GLY C 245 -0.91 -11.09 -47.92
N GLU C 246 0.02 -10.24 -47.48
CA GLU C 246 1.42 -10.41 -47.84
C GLU C 246 2.22 -11.13 -46.76
N VAL C 247 3.03 -12.10 -47.18
CA VAL C 247 3.85 -12.88 -46.26
C VAL C 247 4.95 -12.02 -45.64
N VAL C 248 4.89 -11.81 -44.32
CA VAL C 248 5.89 -11.01 -43.65
C VAL C 248 6.81 -11.82 -42.74
N ARG C 249 6.39 -13.05 -42.43
CA ARG C 249 7.18 -13.94 -41.58
C ARG C 249 6.78 -15.41 -41.76
N GLU C 250 7.76 -16.31 -41.75
CA GLU C 250 7.46 -17.73 -41.89
C GLU C 250 7.92 -18.49 -40.66
N GLY C 251 7.31 -19.66 -40.45
CA GLY C 251 7.69 -20.50 -39.33
C GLY C 251 8.94 -21.26 -39.68
N ALA C 252 9.28 -22.27 -38.88
CA ALA C 252 10.48 -23.07 -39.13
C ALA C 252 10.13 -24.41 -39.76
N TYR C 253 10.86 -24.75 -40.81
CA TYR C 253 10.65 -26.00 -41.56
C TYR C 253 11.68 -27.07 -41.25
N GLY C 254 11.98 -27.25 -39.97
CA GLY C 254 12.94 -28.26 -39.57
C GLY C 254 12.37 -29.66 -39.68
N GLU C 255 13.23 -30.67 -39.52
CA GLU C 255 12.81 -32.06 -39.62
C GLU C 255 12.22 -32.67 -38.35
N LYS C 256 12.71 -32.23 -37.20
CA LYS C 256 12.23 -32.77 -35.92
C LYS C 256 10.83 -32.31 -35.55
N ILE C 257 9.95 -33.27 -35.30
CA ILE C 257 8.57 -32.99 -34.92
C ILE C 257 8.45 -33.02 -33.39
N VAL C 258 8.11 -31.89 -32.80
CA VAL C 258 7.97 -31.82 -31.35
C VAL C 258 6.65 -31.19 -30.94
N ALA C 259 6.30 -31.38 -29.66
CA ALA C 259 5.07 -30.83 -29.09
C ALA C 259 3.81 -31.31 -29.80
N ASN C 260 3.70 -32.61 -30.04
CA ASN C 260 2.51 -33.16 -30.67
C ASN C 260 1.34 -32.94 -29.72
N ASP C 261 1.61 -33.06 -28.42
CA ASP C 261 0.57 -32.86 -27.43
C ASP C 261 1.06 -32.13 -26.19
N VAL C 262 0.29 -31.13 -25.80
CA VAL C 262 0.58 -30.31 -24.63
C VAL C 262 -0.59 -30.46 -23.67
N SER C 263 -0.29 -30.62 -22.40
CA SER C 263 -1.32 -30.76 -21.39
C SER C 263 -0.95 -30.02 -20.10
N ILE C 264 -1.96 -29.47 -19.44
CA ILE C 264 -1.74 -28.75 -18.19
C ILE C 264 -2.51 -29.53 -17.12
N TRP C 265 -1.91 -29.67 -15.95
CA TRP C 265 -2.54 -30.43 -14.86
C TRP C 265 -2.49 -29.70 -13.53
N LEU C 266 -3.50 -29.93 -12.70
CA LEU C 266 -3.53 -29.33 -11.36
C LEU C 266 -2.36 -29.99 -10.61
N PRO C 267 -1.72 -29.26 -9.68
CA PRO C 267 -1.98 -27.89 -9.24
C PRO C 267 -1.47 -26.80 -10.18
N GLY C 268 -0.74 -27.19 -11.22
CA GLY C 268 -0.22 -26.22 -12.15
C GLY C 268 1.11 -26.67 -12.74
N VAL C 269 1.07 -27.77 -13.48
CA VAL C 269 2.26 -28.34 -14.12
C VAL C 269 1.93 -28.67 -15.58
N LEU C 270 2.81 -28.24 -16.47
CA LEU C 270 2.63 -28.47 -17.90
C LEU C 270 3.49 -29.61 -18.42
N LYS C 271 2.96 -30.34 -19.41
CA LYS C 271 3.68 -31.43 -20.03
C LYS C 271 3.69 -31.22 -21.54
N VAL C 272 4.89 -31.11 -22.12
CA VAL C 272 5.03 -30.93 -23.56
C VAL C 272 5.72 -32.19 -24.07
N ASN C 273 5.05 -32.90 -24.97
CA ASN C 273 5.59 -34.15 -25.50
C ASN C 273 5.46 -34.32 -27.02
N PRO C 274 6.58 -34.53 -27.71
CA PRO C 274 7.94 -34.60 -27.17
C PRO C 274 8.60 -33.23 -27.22
N PHE C 275 9.58 -32.99 -26.35
CA PHE C 275 10.27 -31.71 -26.33
C PHE C 275 11.42 -31.81 -25.34
N PRO C 276 12.56 -31.16 -25.62
CA PRO C 276 12.86 -30.32 -26.79
C PRO C 276 13.37 -31.15 -27.97
N ASN C 277 13.44 -32.47 -27.79
CA ASN C 277 13.91 -33.38 -28.83
C ASN C 277 12.85 -34.47 -28.98
N PRO C 278 12.75 -35.08 -30.17
CA PRO C 278 11.75 -36.14 -30.42
C PRO C 278 11.74 -37.32 -29.43
N ASP C 279 12.83 -37.51 -28.70
CA ASP C 279 12.89 -38.60 -27.74
C ASP C 279 12.86 -38.12 -26.28
N MET C 280 12.42 -36.88 -26.06
CA MET C 280 12.36 -36.31 -24.72
C MET C 280 10.99 -35.73 -24.37
N MET C 281 10.83 -35.39 -23.09
CA MET C 281 9.59 -34.79 -22.57
C MET C 281 9.92 -33.64 -21.64
N GLN C 282 9.10 -32.59 -21.65
CA GLN C 282 9.32 -31.48 -20.74
C GLN C 282 8.15 -31.37 -19.78
N PHE C 283 8.47 -31.26 -18.49
CA PHE C 283 7.49 -31.14 -17.43
C PHE C 283 7.86 -29.87 -16.65
N GLU C 284 6.97 -28.90 -16.59
CA GLU C 284 7.29 -27.71 -15.83
C GLU C 284 6.18 -27.24 -14.92
N TRP C 285 6.58 -26.88 -13.70
CA TRP C 285 5.68 -26.40 -12.66
C TRP C 285 5.81 -24.89 -12.49
N TYR C 286 4.72 -24.27 -12.09
CA TYR C 286 4.68 -22.84 -11.83
C TYR C 286 4.12 -22.78 -10.39
N VAL C 287 5.04 -22.91 -9.45
CA VAL C 287 4.71 -22.97 -8.02
C VAL C 287 4.55 -21.61 -7.36
N PRO C 288 3.37 -21.38 -6.75
CA PRO C 288 3.09 -20.10 -6.07
C PRO C 288 3.97 -19.90 -4.83
N ILE C 289 4.68 -18.78 -4.78
CA ILE C 289 5.54 -18.41 -3.64
C ILE C 289 4.74 -17.39 -2.82
N ASP C 290 4.17 -16.41 -3.51
CA ASP C 290 3.29 -15.40 -2.92
C ASP C 290 2.45 -14.87 -4.08
N GLU C 291 1.70 -13.79 -3.86
CA GLU C 291 0.84 -13.29 -4.93
C GLU C 291 1.57 -12.79 -6.18
N ASN C 292 2.81 -12.35 -6.01
CA ASN C 292 3.58 -11.79 -7.13
C ASN C 292 4.70 -12.63 -7.71
N THR C 293 4.99 -13.77 -7.10
CA THR C 293 6.10 -14.60 -7.57
C THR C 293 5.81 -16.09 -7.60
N HIS C 294 6.64 -16.82 -8.33
CA HIS C 294 6.48 -18.27 -8.42
C HIS C 294 7.80 -18.95 -8.74
N TYR C 295 7.87 -20.24 -8.44
CA TYR C 295 9.06 -21.01 -8.79
C TYR C 295 8.77 -21.53 -10.19
N TYR C 296 9.73 -21.36 -11.09
CA TYR C 296 9.60 -21.89 -12.44
C TYR C 296 10.45 -23.16 -12.37
N PHE C 297 9.80 -24.26 -11.99
CA PHE C 297 10.45 -25.55 -11.83
C PHE C 297 10.44 -26.34 -13.13
N GLN C 298 11.54 -26.28 -13.87
CA GLN C 298 11.67 -26.97 -15.15
C GLN C 298 12.36 -28.32 -15.07
N THR C 299 11.78 -29.32 -15.72
CA THR C 299 12.37 -30.65 -15.76
C THR C 299 12.23 -31.22 -17.16
N LEU C 300 13.25 -31.98 -17.56
CA LEU C 300 13.29 -32.63 -18.86
C LEU C 300 13.45 -34.11 -18.56
N GLY C 301 12.62 -34.94 -19.17
CA GLY C 301 12.70 -36.36 -18.95
C GLY C 301 13.06 -37.14 -20.19
N LYS C 302 13.92 -38.14 -20.03
CA LYS C 302 14.33 -38.99 -21.14
C LYS C 302 14.59 -40.39 -20.60
N PRO C 303 13.94 -41.41 -21.18
CA PRO C 303 14.17 -42.78 -20.70
C PRO C 303 15.65 -43.15 -20.73
N CYS C 304 16.09 -43.81 -19.66
CA CYS C 304 17.47 -44.26 -19.55
C CYS C 304 17.42 -45.67 -18.93
N ALA C 305 18.10 -46.61 -19.59
CA ALA C 305 18.10 -48.01 -19.14
C ALA C 305 19.13 -48.38 -18.09
N ASN C 306 20.16 -47.57 -17.93
CA ASN C 306 21.20 -47.85 -16.96
C ASN C 306 21.94 -46.60 -16.54
N ASP C 307 23.00 -46.76 -15.76
CA ASP C 307 23.79 -45.63 -15.30
C ASP C 307 24.66 -45.05 -16.42
N GLU C 308 24.90 -45.84 -17.45
CA GLU C 308 25.71 -45.38 -18.57
C GLU C 308 24.90 -44.34 -19.36
N GLU C 309 23.66 -44.67 -19.68
CA GLU C 309 22.81 -43.75 -20.43
C GLU C 309 22.49 -42.52 -19.57
N ARG C 310 22.23 -42.76 -18.29
CA ARG C 310 21.93 -41.67 -17.37
C ARG C 310 23.07 -40.66 -17.38
N LYS C 311 24.30 -41.17 -17.27
CA LYS C 311 25.46 -40.29 -17.27
C LYS C 311 25.57 -39.57 -18.60
N LYS C 312 25.27 -40.29 -19.68
CA LYS C 312 25.33 -39.70 -21.01
C LYS C 312 24.34 -38.54 -21.08
N TYR C 313 23.09 -38.82 -20.70
CA TYR C 313 22.02 -37.84 -20.71
C TYR C 313 22.40 -36.61 -19.88
N GLU C 314 22.95 -36.83 -18.69
CA GLU C 314 23.35 -35.73 -17.82
C GLU C 314 24.32 -34.79 -18.52
N GLN C 315 25.33 -35.37 -19.18
CA GLN C 315 26.33 -34.58 -19.89
C GLN C 315 25.69 -33.80 -21.03
N GLU C 316 24.75 -34.42 -21.72
CA GLU C 316 24.04 -33.77 -22.82
C GLU C 316 23.20 -32.62 -22.27
N PHE C 317 22.57 -32.87 -21.12
CA PHE C 317 21.72 -31.87 -20.45
C PHE C 317 22.52 -30.61 -20.14
N GLU C 318 23.69 -30.79 -19.55
CA GLU C 318 24.53 -29.67 -19.17
C GLU C 318 25.12 -28.87 -20.33
N SER C 319 25.58 -29.58 -21.36
CA SER C 319 26.21 -28.93 -22.52
C SER C 319 25.22 -28.48 -23.59
N LYS C 320 24.07 -29.14 -23.68
CA LYS C 320 23.11 -28.77 -24.71
C LYS C 320 21.71 -28.35 -24.24
N TRP C 321 20.93 -29.33 -23.78
CA TRP C 321 19.56 -29.09 -23.35
C TRP C 321 19.28 -27.91 -22.42
N LYS C 322 20.04 -27.82 -21.32
CA LYS C 322 19.82 -26.73 -20.37
C LYS C 322 20.05 -25.37 -21.02
N PRO C 323 21.24 -25.13 -21.60
CA PRO C 323 21.51 -23.83 -22.23
C PRO C 323 20.71 -23.56 -23.50
N MET C 324 20.50 -24.59 -24.32
CA MET C 324 19.78 -24.42 -25.58
C MET C 324 18.25 -24.44 -25.46
N ALA C 325 17.73 -25.32 -24.61
CA ALA C 325 16.28 -25.42 -24.46
C ALA C 325 15.74 -24.69 -23.23
N LEU C 326 16.03 -25.20 -22.04
CA LEU C 326 15.53 -24.58 -20.81
C LEU C 326 15.81 -23.08 -20.75
N GLU C 327 16.95 -22.67 -21.30
CA GLU C 327 17.27 -21.26 -21.27
C GLU C 327 17.06 -20.63 -22.63
N GLY C 328 17.70 -21.17 -23.66
CA GLY C 328 17.56 -20.64 -25.00
C GLY C 328 16.13 -20.57 -25.53
N PHE C 329 15.29 -21.50 -25.12
CA PHE C 329 13.90 -21.49 -25.59
C PHE C 329 12.96 -20.77 -24.60
N ASN C 330 12.96 -21.23 -23.35
CA ASN C 330 12.07 -20.68 -22.34
C ASN C 330 12.41 -19.31 -21.77
N ASN C 331 13.59 -18.77 -22.05
CA ASN C 331 13.90 -17.46 -21.51
C ASN C 331 12.89 -16.41 -21.99
N ASP C 332 12.33 -16.60 -23.17
CA ASP C 332 11.34 -15.66 -23.67
C ASP C 332 10.03 -15.76 -22.88
N ASP C 333 9.72 -16.95 -22.38
CA ASP C 333 8.50 -17.13 -21.59
C ASP C 333 8.57 -16.30 -20.32
N ILE C 334 9.77 -16.11 -19.80
CA ILE C 334 9.96 -15.36 -18.59
C ILE C 334 9.53 -13.90 -18.71
N TRP C 335 10.11 -13.15 -19.65
CA TRP C 335 9.71 -11.77 -19.77
C TRP C 335 8.28 -11.63 -20.30
N ALA C 336 7.79 -12.66 -21.00
CA ALA C 336 6.42 -12.63 -21.50
C ALA C 336 5.48 -12.63 -20.30
N ARG C 337 5.78 -13.47 -19.31
CA ARG C 337 4.97 -13.56 -18.08
C ARG C 337 4.99 -12.23 -17.34
N GLU C 338 6.18 -11.65 -17.22
CA GLU C 338 6.34 -10.38 -16.53
C GLU C 338 5.58 -9.25 -17.20
N ALA C 339 5.43 -9.33 -18.53
CA ALA C 339 4.74 -8.31 -19.30
C ALA C 339 3.23 -8.25 -19.04
N MET C 340 2.65 -9.33 -18.51
CA MET C 340 1.21 -9.35 -18.24
C MET C 340 0.90 -8.95 -16.80
N VAL C 341 1.94 -8.75 -16.01
CA VAL C 341 1.74 -8.39 -14.61
C VAL C 341 0.86 -7.15 -14.42
N ASP C 342 1.24 -6.04 -15.03
CA ASP C 342 0.47 -4.80 -14.88
C ASP C 342 -1.01 -4.93 -15.18
N PHE C 343 -1.36 -5.58 -16.28
CA PHE C 343 -2.77 -5.72 -16.67
C PHE C 343 -3.60 -6.49 -15.66
N TYR C 344 -2.98 -7.51 -15.04
CA TYR C 344 -3.68 -8.35 -14.08
C TYR C 344 -3.44 -8.02 -12.60
N ALA C 345 -2.46 -7.17 -12.32
CA ALA C 345 -2.10 -6.80 -10.94
C ALA C 345 -3.23 -6.26 -10.09
N ASP C 346 -4.11 -5.47 -10.68
CA ASP C 346 -5.23 -4.90 -9.94
C ASP C 346 -6.45 -5.81 -10.09
N ASP C 347 -6.22 -7.00 -10.62
CA ASP C 347 -7.28 -7.98 -10.84
C ASP C 347 -8.29 -7.57 -11.93
N LYS C 348 -8.07 -6.41 -12.55
CA LYS C 348 -8.98 -5.93 -13.59
C LYS C 348 -8.83 -6.69 -14.92
N GLY C 349 -7.61 -7.13 -15.20
CA GLY C 349 -7.34 -7.86 -16.43
C GLY C 349 -8.20 -9.11 -16.60
N TRP C 350 -8.62 -9.70 -15.49
CA TRP C 350 -9.46 -10.89 -15.52
C TRP C 350 -10.85 -10.56 -16.07
N VAL C 351 -11.14 -9.27 -16.19
CA VAL C 351 -12.43 -8.81 -16.72
C VAL C 351 -12.27 -8.17 -18.09
N ASN C 352 -11.20 -7.38 -18.27
CA ASN C 352 -10.98 -6.67 -19.51
C ASN C 352 -10.24 -7.38 -20.66
N GLU C 353 -9.65 -8.54 -20.39
CA GLU C 353 -8.93 -9.29 -21.43
C GLU C 353 -9.87 -9.57 -22.62
N ILE C 354 -9.35 -9.49 -23.84
CA ILE C 354 -10.15 -9.80 -25.02
C ILE C 354 -9.53 -11.05 -25.65
N LEU C 355 -10.19 -12.19 -25.44
CA LEU C 355 -9.70 -13.46 -25.93
C LEU C 355 -10.05 -13.78 -27.37
N PHE C 356 -9.34 -14.75 -27.96
CA PHE C 356 -9.65 -15.19 -29.31
C PHE C 356 -9.65 -16.73 -29.33
N GLU C 357 -9.96 -17.31 -30.48
CA GLU C 357 -10.11 -18.76 -30.59
C GLU C 357 -9.14 -19.71 -29.90
N SER C 358 -7.83 -19.49 -30.04
CA SER C 358 -6.87 -20.39 -29.41
C SER C 358 -6.95 -20.37 -27.88
N ASP C 359 -7.57 -19.34 -27.30
CA ASP C 359 -7.70 -19.25 -25.85
C ASP C 359 -8.73 -20.22 -25.29
N GLU C 360 -9.40 -20.96 -26.15
CA GLU C 360 -10.41 -21.93 -25.70
C GLU C 360 -9.75 -22.94 -24.75
N ALA C 361 -8.50 -23.28 -25.02
CA ALA C 361 -7.75 -24.23 -24.19
C ALA C 361 -7.56 -23.66 -22.78
N ILE C 362 -7.19 -22.38 -22.71
CA ILE C 362 -6.98 -21.73 -21.42
C ILE C 362 -8.28 -21.67 -20.62
N VAL C 363 -9.39 -21.36 -21.29
CA VAL C 363 -10.69 -21.29 -20.65
C VAL C 363 -11.05 -22.65 -20.04
N ALA C 364 -10.81 -23.72 -20.80
CA ALA C 364 -11.07 -25.07 -20.31
C ALA C 364 -10.26 -25.30 -19.02
N TRP C 365 -8.98 -24.90 -19.05
CA TRP C 365 -8.13 -25.04 -17.86
C TRP C 365 -8.69 -24.26 -16.68
N ARG C 366 -9.09 -23.02 -16.93
CA ARG C 366 -9.63 -22.19 -15.89
C ARG C 366 -10.84 -22.85 -15.22
N LYS C 367 -11.70 -23.46 -16.04
CA LYS C 367 -12.88 -24.12 -15.50
C LYS C 367 -12.52 -25.39 -14.75
N LEU C 368 -11.61 -26.20 -15.31
CA LEU C 368 -11.18 -27.42 -14.63
C LEU C 368 -10.56 -27.10 -13.28
N ALA C 369 -9.68 -26.11 -13.27
CA ALA C 369 -8.99 -25.70 -12.05
C ALA C 369 -9.99 -25.23 -11.00
N SER C 370 -10.98 -24.44 -11.44
CA SER C 370 -12.00 -23.92 -10.54
C SER C 370 -12.85 -25.02 -9.93
N GLU C 371 -13.10 -26.08 -10.69
CA GLU C 371 -13.94 -27.18 -10.22
C GLU C 371 -13.25 -28.34 -9.48
N HIS C 372 -11.98 -28.60 -9.79
CA HIS C 372 -11.29 -29.72 -9.15
C HIS C 372 -10.15 -29.39 -8.22
N ASN C 373 -9.87 -28.10 -7.98
CA ASN C 373 -8.79 -27.74 -7.08
C ASN C 373 -9.21 -28.25 -5.70
N GLN C 374 -8.24 -28.47 -4.81
CA GLN C 374 -8.54 -28.99 -3.47
C GLN C 374 -8.66 -27.97 -2.35
N GLY C 375 -8.72 -26.69 -2.71
CA GLY C 375 -8.84 -25.65 -1.70
C GLY C 375 -8.16 -24.38 -2.10
N ILE C 376 -8.70 -23.25 -1.65
CA ILE C 376 -8.15 -21.95 -1.98
C ILE C 376 -7.32 -21.40 -0.83
N GLN C 377 -6.03 -21.18 -1.07
CA GLN C 377 -5.16 -20.62 -0.05
C GLN C 377 -5.56 -19.16 0.18
N THR C 378 -5.67 -18.73 1.43
CA THR C 378 -6.04 -17.36 1.74
C THR C 378 -4.99 -16.74 2.66
N GLN C 379 -5.05 -15.42 2.82
CA GLN C 379 -4.09 -14.74 3.69
C GLN C 379 -4.26 -15.19 5.13
N ALA C 380 -5.46 -15.64 5.47
CA ALA C 380 -5.74 -16.12 6.81
C ALA C 380 -4.95 -17.40 7.08
N HIS C 381 -4.75 -18.20 6.05
CA HIS C 381 -3.97 -19.42 6.21
C HIS C 381 -2.54 -19.02 6.56
N VAL C 382 -2.10 -17.90 5.99
CA VAL C 382 -0.75 -17.40 6.22
C VAL C 382 -0.58 -16.80 7.62
N SER C 383 -1.51 -15.96 8.06
CA SER C 383 -1.39 -15.33 9.36
C SER C 383 -1.96 -16.17 10.49
N GLY C 384 -3.02 -16.92 10.19
CA GLY C 384 -3.66 -17.77 11.19
C GLY C 384 -5.15 -17.76 10.93
N LEU C 385 -5.72 -18.93 10.67
CA LEU C 385 -7.15 -19.02 10.39
C LEU C 385 -7.97 -18.37 11.50
N GLU C 386 -8.98 -17.61 11.09
CA GLU C 386 -9.84 -16.91 12.02
C GLU C 386 -11.27 -17.42 11.95
N HIS C 387 -11.91 -17.49 13.12
CA HIS C 387 -13.29 -17.95 13.21
C HIS C 387 -13.92 -17.49 14.52
N HIS C 388 -15.13 -16.95 14.43
CA HIS C 388 -15.87 -16.47 15.59
C HIS C 388 -17.08 -17.36 15.84
N HIS C 389 -17.27 -17.75 17.11
CA HIS C 389 -18.41 -18.60 17.49
C HIS C 389 -19.73 -17.92 17.11
N ILE D 4 -21.39 55.14 15.61
CA ILE D 4 -20.74 53.82 15.85
C ILE D 4 -21.60 52.66 15.35
N TRP D 5 -22.64 52.99 14.58
CA TRP D 5 -23.53 51.96 14.03
C TRP D 5 -23.70 52.16 12.52
N LEU D 6 -23.74 51.07 11.79
CA LEU D 6 -23.90 51.12 10.34
C LEU D 6 -25.23 50.46 9.97
N LYS D 7 -25.94 51.06 9.02
CA LYS D 7 -27.22 50.51 8.58
C LYS D 7 -26.99 49.29 7.69
N VAL D 8 -27.53 48.16 8.12
CA VAL D 8 -27.38 46.92 7.37
C VAL D 8 -28.55 46.77 6.39
N CYS D 9 -29.74 46.57 6.94
CA CYS D 9 -30.93 46.40 6.12
C CYS D 9 -32.15 46.32 7.02
N ALA D 10 -33.32 46.13 6.42
CA ALA D 10 -34.55 45.99 7.17
C ALA D 10 -34.67 44.51 7.54
N ALA D 11 -34.99 44.24 8.80
CA ALA D 11 -35.11 42.87 9.28
C ALA D 11 -35.97 42.00 8.36
N SER D 12 -36.93 42.62 7.68
CA SER D 12 -37.82 41.89 6.79
C SER D 12 -37.17 41.45 5.49
N ASP D 13 -36.04 42.07 5.14
CA ASP D 13 -35.34 41.72 3.90
C ASP D 13 -34.49 40.46 4.05
N MET D 14 -34.47 39.90 5.25
CA MET D 14 -33.69 38.69 5.49
C MET D 14 -34.54 37.53 6.00
N GLN D 15 -34.51 36.43 5.26
CA GLN D 15 -35.25 35.23 5.64
C GLN D 15 -34.46 34.53 6.73
N PRO D 16 -35.16 33.81 7.64
CA PRO D 16 -34.39 33.13 8.68
C PRO D 16 -33.37 32.20 8.04
N GLY D 17 -32.26 31.99 8.72
CA GLY D 17 -31.23 31.11 8.18
C GLY D 17 -30.47 31.65 6.98
N THR D 18 -30.44 32.96 6.81
CA THR D 18 -29.72 33.57 5.68
C THR D 18 -28.60 34.48 6.15
N ILE D 19 -27.67 34.76 5.24
CA ILE D 19 -26.51 35.60 5.54
C ILE D 19 -26.47 36.83 4.64
N ARG D 20 -25.90 37.92 5.14
CA ARG D 20 -25.80 39.13 4.36
C ARG D 20 -24.44 39.78 4.59
N ARG D 21 -23.69 39.99 3.52
CA ARG D 21 -22.37 40.60 3.61
C ARG D 21 -22.47 42.11 3.71
N VAL D 22 -21.76 42.68 4.68
CA VAL D 22 -21.76 44.12 4.86
C VAL D 22 -20.39 44.72 4.55
N ASN D 23 -20.26 45.27 3.35
CA ASN D 23 -19.00 45.88 2.95
C ASN D 23 -18.87 47.23 3.64
N ARG D 24 -17.67 47.54 4.11
CA ARG D 24 -17.41 48.80 4.78
C ARG D 24 -16.26 49.53 4.08
N VAL D 25 -16.48 50.79 3.75
CA VAL D 25 -15.46 51.59 3.08
C VAL D 25 -14.16 51.65 3.89
N GLY D 26 -13.05 51.38 3.22
CA GLY D 26 -11.75 51.41 3.87
C GLY D 26 -11.61 50.49 5.07
N ALA D 27 -12.34 49.38 5.07
CA ALA D 27 -12.27 48.43 6.18
C ALA D 27 -12.67 47.03 5.74
N ALA D 28 -12.35 46.04 6.59
CA ALA D 28 -12.69 44.66 6.28
C ALA D 28 -14.21 44.44 6.40
N PRO D 29 -14.78 43.62 5.51
CA PRO D 29 -16.21 43.32 5.49
C PRO D 29 -16.72 42.51 6.68
N LEU D 30 -18.02 42.61 6.94
CA LEU D 30 -18.66 41.88 8.04
C LEU D 30 -19.75 40.98 7.49
N ALA D 31 -20.19 40.03 8.31
CA ALA D 31 -21.24 39.11 7.93
C ALA D 31 -22.37 39.19 8.95
N VAL D 32 -23.58 39.43 8.46
CA VAL D 32 -24.75 39.51 9.34
C VAL D 32 -25.61 38.27 9.12
N TYR D 33 -25.80 37.52 10.19
CA TYR D 33 -26.58 36.30 10.14
C TYR D 33 -27.94 36.47 10.83
N ARG D 34 -28.96 35.84 10.27
CA ARG D 34 -30.29 35.89 10.88
C ARG D 34 -30.66 34.49 11.30
N VAL D 35 -30.57 34.23 12.59
CA VAL D 35 -30.92 32.92 13.11
C VAL D 35 -32.30 33.01 13.75
N GLY D 36 -33.32 32.64 12.99
CA GLY D 36 -34.69 32.71 13.49
C GLY D 36 -35.15 34.15 13.57
N ASP D 37 -35.22 34.69 14.79
CA ASP D 37 -35.67 36.07 14.97
C ASP D 37 -34.58 36.99 15.50
N GLN D 38 -33.36 36.45 15.69
CA GLN D 38 -32.26 37.26 16.17
C GLN D 38 -31.15 37.39 15.15
N PHE D 39 -30.48 38.53 15.15
CA PHE D 39 -29.39 38.79 14.22
C PHE D 39 -28.04 38.77 14.93
N TYR D 40 -27.01 38.33 14.22
CA TYR D 40 -25.67 38.25 14.77
C TYR D 40 -24.70 38.77 13.73
N ALA D 41 -23.49 39.15 14.16
CA ALA D 41 -22.49 39.66 13.23
C ALA D 41 -21.07 39.27 13.64
N THR D 42 -20.23 39.05 12.63
CA THR D 42 -18.83 38.69 12.83
C THR D 42 -18.05 39.19 11.62
N GLU D 43 -16.74 38.97 11.62
CA GLU D 43 -15.92 39.36 10.48
C GLU D 43 -16.43 38.47 9.35
N ASP D 44 -16.37 38.96 8.12
CA ASP D 44 -16.82 38.14 7.00
C ASP D 44 -15.73 37.14 6.61
N THR D 45 -14.48 37.56 6.74
CA THR D 45 -13.35 36.71 6.37
C THR D 45 -13.07 35.60 7.38
N CYS D 46 -13.06 34.36 6.88
CA CYS D 46 -12.78 33.19 7.72
C CYS D 46 -11.36 33.35 8.28
N THR D 47 -11.17 33.03 9.56
CA THR D 47 -9.86 33.18 10.18
C THR D 47 -8.85 32.15 9.70
N HIS D 48 -9.33 31.10 9.03
CA HIS D 48 -8.43 30.05 8.53
C HIS D 48 -7.84 30.37 7.15
N GLY D 49 -8.36 31.40 6.49
CA GLY D 49 -7.83 31.75 5.19
C GLY D 49 -8.31 33.10 4.68
N ILE D 50 -8.84 33.12 3.47
CA ILE D 50 -9.32 34.35 2.87
C ILE D 50 -10.73 34.19 2.31
N ALA D 51 -11.43 33.15 2.75
CA ALA D 51 -12.79 32.92 2.26
C ALA D 51 -13.79 33.92 2.84
N SER D 52 -14.91 34.11 2.13
CA SER D 52 -15.96 34.99 2.59
C SER D 52 -17.07 34.12 3.19
N LEU D 53 -17.25 34.21 4.51
CA LEU D 53 -18.24 33.42 5.22
C LEU D 53 -19.67 33.70 4.75
N SER D 54 -19.89 34.86 4.16
CA SER D 54 -21.22 35.22 3.68
C SER D 54 -21.60 34.33 2.49
N GLU D 55 -20.60 33.65 1.93
CA GLU D 55 -20.85 32.76 0.81
C GLU D 55 -20.89 31.31 1.28
N GLY D 56 -20.96 31.14 2.60
CA GLY D 56 -21.01 29.81 3.17
C GLY D 56 -22.44 29.34 3.46
N THR D 57 -22.56 28.34 4.32
CA THR D 57 -23.89 27.80 4.65
C THR D 57 -24.17 27.91 6.14
N LEU D 58 -25.36 28.42 6.45
CA LEU D 58 -25.78 28.58 7.84
C LEU D 58 -26.66 27.44 8.30
N ASP D 59 -26.25 26.75 9.36
CA ASP D 59 -27.01 25.65 9.91
C ASP D 59 -27.27 25.96 11.37
N GLY D 60 -28.43 26.55 11.66
CA GLY D 60 -28.74 26.92 13.03
C GLY D 60 -27.95 28.18 13.33
N ASP D 61 -27.06 28.12 14.32
CA ASP D 61 -26.24 29.27 14.66
C ASP D 61 -24.77 29.03 14.31
N VAL D 62 -24.54 28.02 13.46
CA VAL D 62 -23.19 27.67 13.02
C VAL D 62 -22.98 27.94 11.54
N ILE D 63 -21.99 28.78 11.22
CA ILE D 63 -21.68 29.11 9.84
C ILE D 63 -20.53 28.24 9.33
N GLU D 64 -20.74 27.63 8.16
CA GLU D 64 -19.73 26.77 7.56
C GLU D 64 -19.03 27.49 6.41
N CYS D 65 -17.69 27.52 6.46
CA CYS D 65 -16.90 28.18 5.43
C CYS D 65 -16.92 27.40 4.10
N PRO D 66 -17.10 28.10 2.98
CA PRO D 66 -17.15 27.45 1.66
C PRO D 66 -15.81 26.89 1.15
N PHE D 67 -14.70 27.39 1.70
CA PHE D 67 -13.39 26.93 1.28
C PHE D 67 -13.04 25.51 1.71
N HIS D 68 -12.89 25.31 3.02
CA HIS D 68 -12.48 24.00 3.51
C HIS D 68 -13.44 23.29 4.46
N GLY D 69 -14.61 23.86 4.71
CA GLY D 69 -15.56 23.22 5.60
C GLY D 69 -15.39 23.55 7.07
N GLY D 70 -14.51 24.49 7.38
CA GLY D 70 -14.34 24.91 8.76
C GLY D 70 -15.62 25.60 9.19
N ALA D 71 -15.87 25.71 10.49
CA ALA D 71 -17.11 26.36 10.92
C ALA D 71 -16.97 27.16 12.21
N PHE D 72 -17.89 28.11 12.40
CA PHE D 72 -17.90 28.96 13.57
C PHE D 72 -19.31 29.15 14.11
N ASN D 73 -19.40 29.40 15.42
CA ASN D 73 -20.69 29.67 16.05
C ASN D 73 -20.83 31.18 15.85
N VAL D 74 -21.87 31.60 15.13
CA VAL D 74 -22.06 33.03 14.84
C VAL D 74 -22.41 33.91 16.04
N CYS D 75 -22.72 33.31 17.18
CA CYS D 75 -23.06 34.06 18.39
C CYS D 75 -21.81 34.35 19.21
N THR D 76 -20.97 33.33 19.36
CA THR D 76 -19.74 33.47 20.14
C THR D 76 -18.51 33.71 19.29
N GLY D 77 -18.57 33.30 18.03
CA GLY D 77 -17.44 33.47 17.14
C GLY D 77 -16.39 32.39 17.34
N MET D 78 -16.72 31.38 18.14
CA MET D 78 -15.80 30.29 18.42
C MET D 78 -15.84 29.21 17.33
N PRO D 79 -14.69 28.59 17.03
CA PRO D 79 -14.62 27.54 16.02
C PRO D 79 -15.55 26.38 16.38
N ALA D 80 -16.26 25.85 15.40
CA ALA D 80 -17.18 24.74 15.62
C ALA D 80 -16.71 23.47 14.91
N SER D 81 -15.99 23.66 13.80
CA SER D 81 -15.46 22.54 13.03
C SER D 81 -14.03 22.82 12.56
N SER D 82 -13.23 21.77 12.48
CA SER D 82 -11.85 21.91 12.00
C SER D 82 -12.00 22.28 10.51
N PRO D 83 -10.94 22.81 9.88
CA PRO D 83 -9.61 23.12 10.42
C PRO D 83 -9.52 24.44 11.19
N CYS D 84 -10.64 25.15 11.31
CA CYS D 84 -10.63 26.43 12.02
C CYS D 84 -10.22 26.29 13.48
N THR D 85 -9.43 27.25 13.97
CA THR D 85 -8.97 27.25 15.36
C THR D 85 -8.95 28.65 15.96
N VAL D 86 -8.84 29.67 15.12
CA VAL D 86 -8.81 31.06 15.59
C VAL D 86 -10.20 31.67 15.69
N PRO D 87 -10.58 32.14 16.90
CA PRO D 87 -11.89 32.75 17.12
C PRO D 87 -12.17 33.92 16.19
N LEU D 88 -13.42 34.01 15.76
CA LEU D 88 -13.87 35.05 14.85
C LEU D 88 -14.23 36.31 15.66
N GLY D 89 -13.99 37.48 15.06
CA GLY D 89 -14.32 38.72 15.75
C GLY D 89 -15.82 38.94 15.67
N VAL D 90 -16.46 39.14 16.82
CA VAL D 90 -17.90 39.35 16.85
C VAL D 90 -18.25 40.83 17.01
N PHE D 91 -19.28 41.27 16.29
CA PHE D 91 -19.72 42.65 16.33
C PHE D 91 -21.14 42.80 16.87
N GLU D 92 -21.38 43.91 17.55
CA GLU D 92 -22.69 44.21 18.14
C GLU D 92 -23.76 44.50 17.09
N VAL D 93 -24.88 43.79 17.20
CA VAL D 93 -26.01 43.97 16.29
C VAL D 93 -27.19 44.55 17.05
N GLU D 94 -27.90 45.47 16.42
CA GLU D 94 -29.04 46.12 17.05
C GLU D 94 -30.20 46.34 16.08
N VAL D 95 -31.39 45.90 16.47
CA VAL D 95 -32.58 46.06 15.64
C VAL D 95 -33.43 47.16 16.26
N LYS D 96 -33.82 48.14 15.46
CA LYS D 96 -34.64 49.25 15.94
C LYS D 96 -35.51 49.82 14.83
N GLU D 97 -36.81 49.87 15.10
CA GLU D 97 -37.79 50.40 14.14
C GLU D 97 -37.78 49.49 12.90
N GLY D 98 -37.51 48.21 13.13
CA GLY D 98 -37.49 47.25 12.04
C GLY D 98 -36.22 47.20 11.21
N GLU D 99 -35.26 48.06 11.53
CA GLU D 99 -34.01 48.08 10.78
C GLU D 99 -32.86 47.43 11.55
N VAL D 100 -31.97 46.78 10.81
CA VAL D 100 -30.82 46.11 11.40
C VAL D 100 -29.62 47.04 11.37
N TYR D 101 -28.91 47.11 12.50
CA TYR D 101 -27.73 47.95 12.64
C TYR D 101 -26.58 47.15 13.21
N VAL D 102 -25.37 47.39 12.70
CA VAL D 102 -24.19 46.68 13.18
C VAL D 102 -23.17 47.70 13.70
N ALA D 103 -22.54 47.36 14.83
CA ALA D 103 -21.56 48.24 15.47
C ALA D 103 -20.26 48.41 14.68
N GLY D 104 -19.77 49.64 14.64
CA GLY D 104 -18.54 49.94 13.93
C GLY D 104 -17.36 49.06 14.31
N GLU D 105 -17.16 48.89 15.62
CA GLU D 105 -16.05 48.06 16.13
C GLU D 105 -16.60 46.78 16.74
N LYS D 106 -15.72 45.79 16.91
CA LYS D 106 -16.13 44.52 17.50
C LYS D 106 -16.19 44.71 19.01
N LYS D 107 -16.88 43.81 19.70
CA LYS D 107 -17.00 43.92 21.15
C LYS D 107 -15.76 43.42 21.89
N ASN E 2 -4.39 -36.93 46.54
CA ASN E 2 -5.34 -35.78 46.61
C ASN E 2 -6.70 -36.31 47.01
N GLN E 3 -7.68 -36.11 46.13
CA GLN E 3 -9.04 -36.57 46.39
C GLN E 3 -9.77 -36.71 45.07
N ILE E 4 -10.52 -37.80 44.91
CA ILE E 4 -11.26 -38.03 43.69
C ILE E 4 -12.21 -36.87 43.42
N TRP E 5 -13.03 -36.50 44.39
CA TRP E 5 -13.95 -35.39 44.22
C TRP E 5 -13.53 -34.20 45.08
N LEU E 6 -13.51 -33.01 44.48
CA LEU E 6 -13.12 -31.79 45.18
C LEU E 6 -14.34 -30.95 45.51
N LYS E 7 -14.53 -30.62 46.78
CA LYS E 7 -15.68 -29.80 47.17
C LYS E 7 -15.44 -28.37 46.70
N VAL E 8 -16.38 -27.85 45.93
CA VAL E 8 -16.28 -26.49 45.40
C VAL E 8 -17.09 -25.50 46.22
N CYS E 9 -18.41 -25.64 46.17
CA CYS E 9 -19.31 -24.74 46.90
C CYS E 9 -20.73 -25.30 46.86
N ALA E 10 -21.66 -24.55 47.43
CA ALA E 10 -23.06 -24.97 47.42
C ALA E 10 -23.60 -24.60 46.06
N ALA E 11 -24.36 -25.51 45.45
CA ALA E 11 -24.93 -25.25 44.14
C ALA E 11 -25.66 -23.91 44.12
N SER E 12 -26.18 -23.51 45.28
CA SER E 12 -26.91 -22.26 45.39
C SER E 12 -26.03 -21.01 45.48
N ASP E 13 -24.72 -21.21 45.66
CA ASP E 13 -23.81 -20.06 45.74
C ASP E 13 -23.43 -19.58 44.34
N MET E 14 -23.91 -20.27 43.32
CA MET E 14 -23.60 -19.89 41.94
C MET E 14 -24.85 -19.55 41.12
N GLN E 15 -24.84 -18.37 40.53
CA GLN E 15 -25.94 -17.92 39.70
C GLN E 15 -25.75 -18.46 38.29
N PRO E 16 -26.86 -18.67 37.56
CA PRO E 16 -26.75 -19.19 36.19
C PRO E 16 -25.86 -18.24 35.38
N GLY E 17 -25.01 -18.80 34.53
CA GLY E 17 -24.14 -17.97 33.72
C GLY E 17 -22.92 -17.42 34.43
N THR E 18 -22.55 -17.99 35.57
CA THR E 18 -21.38 -17.51 36.29
C THR E 18 -20.26 -18.55 36.25
N ILE E 19 -19.06 -18.11 36.62
CA ILE E 19 -17.88 -18.98 36.62
C ILE E 19 -17.14 -18.86 37.93
N ARG E 20 -16.58 -19.96 38.39
CA ARG E 20 -15.81 -19.92 39.62
C ARG E 20 -14.50 -20.65 39.43
N ARG E 21 -13.43 -20.05 39.94
CA ARG E 21 -12.11 -20.64 39.83
C ARG E 21 -11.83 -21.52 41.04
N VAL E 22 -11.31 -22.71 40.79
CA VAL E 22 -10.98 -23.65 41.86
C VAL E 22 -9.49 -23.93 41.90
N ASN E 23 -8.79 -23.36 42.88
CA ASN E 23 -7.36 -23.57 43.01
C ASN E 23 -7.06 -24.90 43.68
N ARG E 24 -5.97 -25.53 43.25
CA ARG E 24 -5.58 -26.81 43.81
C ARG E 24 -4.12 -26.80 44.21
N VAL E 25 -3.82 -27.39 45.36
CA VAL E 25 -2.45 -27.44 45.84
C VAL E 25 -1.65 -28.39 44.95
N GLY E 26 -0.53 -27.90 44.43
CA GLY E 26 0.32 -28.72 43.58
C GLY E 26 -0.22 -29.03 42.19
N ALA E 27 -1.27 -28.34 41.77
CA ALA E 27 -1.86 -28.58 40.45
C ALA E 27 -2.41 -27.30 39.84
N ALA E 28 -2.67 -27.34 38.53
CA ALA E 28 -3.22 -26.17 37.83
C ALA E 28 -4.67 -25.96 38.24
N PRO E 29 -5.13 -24.70 38.24
CA PRO E 29 -6.51 -24.36 38.62
C PRO E 29 -7.59 -24.81 37.64
N LEU E 30 -8.80 -24.99 38.16
CA LEU E 30 -9.91 -25.40 37.34
C LEU E 30 -10.92 -24.27 37.33
N ALA E 31 -11.88 -24.35 36.42
CA ALA E 31 -12.94 -23.36 36.30
C ALA E 31 -14.24 -24.15 36.22
N VAL E 32 -15.18 -23.79 37.07
CA VAL E 32 -16.48 -24.45 37.08
C VAL E 32 -17.51 -23.45 36.57
N TYR E 33 -18.30 -23.87 35.59
CA TYR E 33 -19.31 -23.01 35.02
C TYR E 33 -20.71 -23.52 35.30
N ARG E 34 -21.65 -22.59 35.48
CA ARG E 34 -23.03 -22.98 35.70
C ARG E 34 -23.83 -22.51 34.49
N VAL E 35 -24.25 -23.47 33.68
CA VAL E 35 -25.04 -23.17 32.49
C VAL E 35 -26.47 -23.55 32.83
N GLY E 36 -27.28 -22.55 33.16
CA GLY E 36 -28.65 -22.82 33.55
C GLY E 36 -28.60 -23.48 34.91
N ASP E 37 -29.05 -24.73 34.98
CA ASP E 37 -29.02 -25.48 36.22
C ASP E 37 -27.97 -26.58 36.21
N GLN E 38 -27.19 -26.64 35.13
CA GLN E 38 -26.16 -27.65 35.00
C GLN E 38 -24.78 -27.09 35.29
N PHE E 39 -23.88 -27.95 35.76
CA PHE E 39 -22.52 -27.53 36.08
C PHE E 39 -21.48 -28.27 35.24
N TYR E 40 -20.50 -27.52 34.75
CA TYR E 40 -19.43 -28.08 33.94
C TYR E 40 -18.10 -27.55 34.49
N ALA E 41 -17.00 -28.17 34.08
CA ALA E 41 -15.69 -27.73 34.56
C ALA E 41 -14.59 -28.06 33.56
N THR E 42 -13.56 -27.22 33.52
CA THR E 42 -12.42 -27.41 32.63
C THR E 42 -11.20 -26.83 33.32
N GLU E 43 -10.05 -26.91 32.66
CA GLU E 43 -8.83 -26.31 33.20
C GLU E 43 -9.21 -24.82 33.20
N ASP E 44 -8.62 -24.05 34.10
CA ASP E 44 -8.92 -22.62 34.15
C ASP E 44 -8.05 -21.84 33.17
N THR E 45 -6.84 -22.35 32.93
CA THR E 45 -5.89 -21.69 32.05
C THR E 45 -6.20 -21.92 30.57
N CYS E 46 -6.35 -20.83 29.82
CA CYS E 46 -6.63 -20.92 28.39
C CYS E 46 -5.52 -21.73 27.73
N THR E 47 -5.86 -22.62 26.80
CA THR E 47 -4.84 -23.43 26.13
C THR E 47 -4.00 -22.61 25.14
N HIS E 48 -4.47 -21.41 24.82
CA HIS E 48 -3.77 -20.56 23.86
C HIS E 48 -2.70 -19.68 24.52
N GLY E 49 -2.69 -19.64 25.85
CA GLY E 49 -1.71 -18.80 26.53
C GLY E 49 -1.65 -19.00 28.03
N ILE E 50 -1.72 -17.91 28.77
CA ILE E 50 -1.65 -17.96 30.23
C ILE E 50 -2.83 -17.25 30.89
N ALA E 51 -3.85 -16.94 30.10
CA ALA E 51 -5.03 -16.26 30.64
C ALA E 51 -5.86 -17.16 31.55
N SER E 52 -6.66 -16.53 32.41
CA SER E 52 -7.54 -17.27 33.31
C SER E 52 -8.94 -17.19 32.71
N LEU E 53 -9.49 -18.33 32.31
CA LEU E 53 -10.82 -18.34 31.69
C LEU E 53 -11.93 -17.91 32.65
N SER E 54 -11.65 -18.02 33.95
CA SER E 54 -12.65 -17.64 34.94
C SER E 54 -12.85 -16.12 34.94
N GLU E 55 -11.91 -15.42 34.30
CA GLU E 55 -11.97 -13.97 34.19
C GLU E 55 -12.56 -13.57 32.83
N GLY E 56 -13.04 -14.56 32.10
CA GLY E 56 -13.61 -14.30 30.79
C GLY E 56 -15.12 -14.09 30.84
N THR E 57 -15.78 -14.23 29.70
CA THR E 57 -17.22 -14.04 29.64
C THR E 57 -17.90 -15.30 29.16
N LEU E 58 -18.91 -15.75 29.91
CA LEU E 58 -19.64 -16.94 29.57
C LEU E 58 -20.90 -16.60 28.79
N ASP E 59 -21.00 -17.10 27.56
CA ASP E 59 -22.16 -16.87 26.72
C ASP E 59 -22.78 -18.23 26.43
N GLY E 60 -23.79 -18.59 27.22
CA GLY E 60 -24.42 -19.87 27.05
C GLY E 60 -23.45 -20.92 27.55
N ASP E 61 -23.08 -21.87 26.69
CA ASP E 61 -22.14 -22.92 27.08
C ASP E 61 -20.76 -22.67 26.49
N VAL E 62 -20.51 -21.42 26.08
CA VAL E 62 -19.22 -21.06 25.49
C VAL E 62 -18.51 -19.99 26.30
N ILE E 63 -17.28 -20.28 26.72
CA ILE E 63 -16.49 -19.34 27.48
C ILE E 63 -15.49 -18.61 26.57
N GLU E 64 -15.47 -17.29 26.66
CA GLU E 64 -14.59 -16.45 25.85
C GLU E 64 -13.39 -15.99 26.66
N CYS E 65 -12.19 -16.22 26.15
CA CYS E 65 -10.96 -15.82 26.83
C CYS E 65 -10.78 -14.30 26.80
N PRO E 66 -10.43 -13.70 27.95
CA PRO E 66 -10.24 -12.25 28.04
C PRO E 66 -8.98 -11.68 27.37
N PHE E 67 -8.04 -12.55 27.04
CA PHE E 67 -6.80 -12.12 26.41
C PHE E 67 -6.90 -11.81 24.92
N HIS E 68 -7.27 -12.82 24.11
CA HIS E 68 -7.35 -12.64 22.67
C HIS E 68 -8.69 -12.94 22.02
N GLY E 69 -9.70 -13.21 22.84
CA GLY E 69 -11.02 -13.48 22.31
C GLY E 69 -11.27 -14.90 21.85
N GLY E 70 -10.33 -15.80 22.12
CA GLY E 70 -10.55 -17.20 21.75
C GLY E 70 -11.68 -17.70 22.63
N ALA E 71 -12.28 -18.85 22.30
CA ALA E 71 -13.39 -19.37 23.08
C ALA E 71 -13.46 -20.90 23.05
N PHE E 72 -14.15 -21.47 24.03
CA PHE E 72 -14.30 -22.92 24.12
C PHE E 72 -15.71 -23.28 24.54
N ASN E 73 -16.10 -24.51 24.25
CA ASN E 73 -17.40 -25.00 24.67
C ASN E 73 -17.08 -25.64 26.02
N VAL E 74 -17.73 -25.17 27.09
CA VAL E 74 -17.47 -25.69 28.42
C VAL E 74 -17.87 -27.15 28.64
N CYS E 75 -18.77 -27.67 27.81
CA CYS E 75 -19.23 -29.05 27.94
C CYS E 75 -18.25 -30.05 27.33
N THR E 76 -17.73 -29.73 26.16
CA THR E 76 -16.81 -30.63 25.47
C THR E 76 -15.35 -30.18 25.56
N GLY E 77 -15.15 -28.92 25.90
CA GLY E 77 -13.80 -28.39 26.00
C GLY E 77 -13.20 -28.10 24.64
N MET E 78 -13.97 -28.31 23.57
CA MET E 78 -13.50 -28.06 22.22
C MET E 78 -13.45 -26.56 21.87
N PRO E 79 -12.45 -26.15 21.09
CA PRO E 79 -12.32 -24.75 20.70
C PRO E 79 -13.59 -24.28 19.96
N ALA E 80 -14.01 -23.05 20.21
CA ALA E 80 -15.20 -22.51 19.57
C ALA E 80 -14.87 -21.25 18.79
N SER E 81 -13.73 -20.64 19.10
CA SER E 81 -13.29 -19.43 18.42
C SER E 81 -11.77 -19.36 18.35
N SER E 82 -11.27 -18.92 17.20
CA SER E 82 -9.84 -18.75 17.01
C SER E 82 -9.43 -17.66 17.99
N PRO E 83 -8.14 -17.57 18.36
CA PRO E 83 -7.00 -18.39 17.94
C PRO E 83 -6.83 -19.72 18.68
N CYS E 84 -7.78 -20.08 19.52
CA CYS E 84 -7.67 -21.34 20.25
C CYS E 84 -7.79 -22.54 19.33
N THR E 85 -6.91 -23.53 19.52
CA THR E 85 -6.92 -24.74 18.69
C THR E 85 -6.75 -26.01 19.54
N VAL E 86 -6.17 -25.86 20.72
CA VAL E 86 -5.96 -27.01 21.61
C VAL E 86 -7.13 -27.16 22.58
N PRO E 87 -7.74 -28.36 22.63
CA PRO E 87 -8.88 -28.64 23.51
C PRO E 87 -8.56 -28.50 24.99
N LEU E 88 -9.55 -28.09 25.77
CA LEU E 88 -9.39 -27.95 27.22
C LEU E 88 -9.65 -29.30 27.87
N GLY E 89 -8.98 -29.56 28.98
CA GLY E 89 -9.22 -30.79 29.69
C GLY E 89 -10.56 -30.57 30.38
N VAL E 90 -11.44 -31.56 30.37
CA VAL E 90 -12.73 -31.42 31.01
C VAL E 90 -12.78 -32.26 32.29
N PHE E 91 -13.40 -31.71 33.32
CA PHE E 91 -13.51 -32.40 34.59
C PHE E 91 -14.97 -32.56 34.97
N GLU E 92 -15.35 -33.80 35.30
CA GLU E 92 -16.71 -34.13 35.67
C GLU E 92 -17.13 -33.37 36.94
N VAL E 93 -18.38 -32.92 36.95
CA VAL E 93 -18.92 -32.21 38.09
C VAL E 93 -20.20 -32.90 38.53
N GLU E 94 -20.38 -33.03 39.84
CA GLU E 94 -21.60 -33.65 40.36
C GLU E 94 -22.07 -32.91 41.61
N VAL E 95 -23.38 -32.92 41.82
CA VAL E 95 -23.99 -32.25 42.96
C VAL E 95 -24.50 -33.28 43.97
N LYS E 96 -23.89 -33.31 45.15
CA LYS E 96 -24.30 -34.22 46.20
C LYS E 96 -24.77 -33.42 47.41
N GLU E 97 -26.05 -33.55 47.73
CA GLU E 97 -26.62 -32.82 48.86
C GLU E 97 -26.58 -31.32 48.57
N GLY E 98 -26.94 -30.94 47.35
CA GLY E 98 -26.92 -29.54 46.99
C GLY E 98 -25.52 -28.94 47.08
N GLU E 99 -24.51 -29.81 47.05
CA GLU E 99 -23.12 -29.38 47.14
C GLU E 99 -22.43 -29.69 45.81
N VAL E 100 -21.62 -28.74 45.32
CA VAL E 100 -20.90 -28.93 44.06
C VAL E 100 -19.55 -29.60 44.24
N TYR E 101 -19.31 -30.62 43.42
CA TYR E 101 -18.06 -31.37 43.47
C TYR E 101 -17.46 -31.49 42.08
N VAL E 102 -16.16 -31.24 41.97
CA VAL E 102 -15.48 -31.34 40.69
C VAL E 102 -14.42 -32.44 40.79
N ALA E 103 -14.28 -33.23 39.73
CA ALA E 103 -13.30 -34.31 39.71
C ALA E 103 -11.87 -33.77 39.79
N GLY E 104 -10.98 -34.56 40.36
CA GLY E 104 -9.58 -34.16 40.49
C GLY E 104 -8.75 -34.57 39.28
N GLU E 105 -9.31 -35.46 38.46
CA GLU E 105 -8.64 -35.94 37.26
C GLU E 105 -9.55 -35.63 36.08
N LYS E 106 -8.96 -35.24 34.95
CA LYS E 106 -9.78 -34.95 33.78
C LYS E 106 -10.30 -36.21 33.12
N LYS E 107 -11.41 -36.05 32.38
CA LYS E 107 -12.00 -37.17 31.67
C LYS E 107 -11.12 -37.48 30.47
N LEU E 108 -11.15 -38.74 30.04
CA LEU E 108 -10.34 -39.16 28.91
C LEU E 108 -11.20 -39.91 27.90
N GLU E 109 -10.67 -40.06 26.69
CA GLU E 109 -11.37 -40.81 25.66
C GLU E 109 -11.02 -42.27 25.98
N HIS E 110 -11.40 -42.68 27.19
CA HIS E 110 -11.12 -44.01 27.71
C HIS E 110 -12.40 -44.64 28.30
N HIS E 111 -12.73 -45.83 27.83
CA HIS E 111 -13.93 -46.55 28.28
C HIS E 111 -15.22 -45.73 28.20
N HIS E 112 -15.54 -45.22 27.01
CA HIS E 112 -16.77 -44.45 26.85
C HIS E 112 -17.37 -44.69 25.46
N HIS E 113 -18.35 -43.90 25.07
CA HIS E 113 -19.00 -44.08 23.76
C HIS E 113 -17.99 -44.09 22.60
N HIS E 114 -18.22 -44.99 21.64
CA HIS E 114 -17.31 -45.10 20.49
C HIS E 114 -17.57 -43.98 19.48
N HIS E 115 -16.65 -43.84 18.53
CA HIS E 115 -16.76 -42.80 17.51
C HIS E 115 -17.10 -43.38 16.14
N ILE F 4 -32.33 -14.93 -46.24
CA ILE F 4 -33.75 -14.62 -45.94
C ILE F 4 -34.22 -15.45 -44.74
N TRP F 5 -35.37 -15.08 -44.16
CA TRP F 5 -35.93 -15.76 -42.99
C TRP F 5 -35.59 -17.24 -42.85
N LEU F 6 -35.29 -17.64 -41.61
CA LEU F 6 -34.95 -19.03 -41.31
C LEU F 6 -35.86 -19.54 -40.20
N LYS F 7 -36.43 -20.73 -40.41
CA LYS F 7 -37.31 -21.36 -39.43
C LYS F 7 -36.46 -21.90 -38.29
N VAL F 8 -36.61 -21.31 -37.10
CA VAL F 8 -35.83 -21.72 -35.94
C VAL F 8 -36.46 -22.84 -35.12
N CYS F 9 -37.70 -22.63 -34.68
CA CYS F 9 -38.38 -23.64 -33.87
C CYS F 9 -39.77 -23.20 -33.48
N ALA F 10 -40.48 -24.07 -32.77
CA ALA F 10 -41.83 -23.77 -32.30
C ALA F 10 -41.67 -22.94 -31.02
N ALA F 11 -42.49 -21.91 -30.86
CA ALA F 11 -42.42 -21.05 -29.68
C ALA F 11 -42.40 -21.83 -28.38
N SER F 12 -43.23 -22.87 -28.29
CA SER F 12 -43.31 -23.68 -27.09
C SER F 12 -42.05 -24.50 -26.81
N ASP F 13 -41.12 -24.53 -27.77
CA ASP F 13 -39.89 -25.29 -27.60
C ASP F 13 -38.98 -24.56 -26.61
N MET F 14 -39.31 -23.31 -26.32
CA MET F 14 -38.53 -22.51 -25.41
C MET F 14 -39.33 -22.02 -24.21
N GLN F 15 -38.82 -22.30 -23.01
CA GLN F 15 -39.48 -21.84 -21.79
C GLN F 15 -39.15 -20.36 -21.63
N PRO F 16 -40.01 -19.60 -20.93
CA PRO F 16 -39.76 -18.17 -20.73
C PRO F 16 -38.42 -17.92 -20.08
N GLY F 17 -37.77 -16.82 -20.47
CA GLY F 17 -36.48 -16.46 -19.91
C GLY F 17 -35.29 -17.35 -20.29
N THR F 18 -35.45 -18.15 -21.34
CA THR F 18 -34.36 -19.02 -21.78
C THR F 18 -33.73 -18.56 -23.08
N ILE F 19 -32.59 -19.18 -23.42
CA ILE F 19 -31.85 -18.82 -24.62
C ILE F 19 -31.54 -20.07 -25.45
N ARG F 20 -31.57 -19.92 -26.77
CA ARG F 20 -31.30 -21.02 -27.67
C ARG F 20 -30.26 -20.58 -28.70
N ARG F 21 -29.28 -21.44 -28.92
CA ARG F 21 -28.24 -21.14 -29.91
C ARG F 21 -28.64 -21.69 -31.27
N VAL F 22 -28.48 -20.87 -32.30
CA VAL F 22 -28.83 -21.29 -33.65
C VAL F 22 -27.57 -21.34 -34.52
N ASN F 23 -27.08 -22.54 -34.77
CA ASN F 23 -25.90 -22.72 -35.61
C ASN F 23 -26.26 -22.52 -37.07
N ARG F 24 -25.34 -21.90 -37.82
CA ARG F 24 -25.54 -21.64 -39.23
C ARG F 24 -24.30 -22.07 -40.01
N VAL F 25 -24.46 -23.02 -40.93
CA VAL F 25 -23.35 -23.50 -41.72
C VAL F 25 -22.67 -22.34 -42.46
N GLY F 26 -21.35 -22.29 -42.37
CA GLY F 26 -20.59 -21.24 -43.03
C GLY F 26 -20.78 -19.85 -42.47
N ALA F 27 -21.57 -19.73 -41.39
CA ALA F 27 -21.83 -18.43 -40.79
C ALA F 27 -21.69 -18.47 -39.27
N ALA F 28 -21.60 -17.29 -38.67
CA ALA F 28 -21.48 -17.18 -37.21
C ALA F 28 -22.81 -17.54 -36.54
N PRO F 29 -22.77 -18.33 -35.47
CA PRO F 29 -24.00 -18.71 -34.77
C PRO F 29 -24.79 -17.52 -34.21
N LEU F 30 -26.08 -17.73 -34.01
CA LEU F 30 -26.97 -16.71 -33.48
C LEU F 30 -27.55 -17.17 -32.15
N ALA F 31 -28.13 -16.24 -31.41
CA ALA F 31 -28.75 -16.56 -30.13
C ALA F 31 -30.18 -16.04 -30.15
N VAL F 32 -31.14 -16.91 -29.87
CA VAL F 32 -32.53 -16.50 -29.85
C VAL F 32 -32.98 -16.50 -28.40
N TYR F 33 -33.46 -15.34 -27.94
CA TYR F 33 -33.90 -15.19 -26.57
C TYR F 33 -35.41 -15.10 -26.45
N ARG F 34 -35.95 -15.73 -25.41
CA ARG F 34 -37.38 -15.65 -25.17
C ARG F 34 -37.59 -14.91 -23.86
N VAL F 35 -37.98 -13.65 -23.96
CA VAL F 35 -38.24 -12.81 -22.79
C VAL F 35 -39.75 -12.76 -22.62
N GLY F 36 -40.25 -13.55 -21.67
CA GLY F 36 -41.68 -13.61 -21.44
C GLY F 36 -42.29 -14.39 -22.60
N ASP F 37 -43.06 -13.70 -23.44
CA ASP F 37 -43.68 -14.32 -24.60
C ASP F 37 -43.09 -13.74 -25.88
N GLN F 38 -42.17 -12.80 -25.71
CA GLN F 38 -41.51 -12.14 -26.84
C GLN F 38 -40.22 -12.87 -27.21
N PHE F 39 -39.83 -12.77 -28.47
CA PHE F 39 -38.61 -13.41 -28.95
C PHE F 39 -37.69 -12.38 -29.60
N TYR F 40 -36.39 -12.56 -29.41
CA TYR F 40 -35.39 -11.66 -29.99
C TYR F 40 -34.20 -12.50 -30.42
N ALA F 41 -33.33 -11.92 -31.23
CA ALA F 41 -32.16 -12.63 -31.71
C ALA F 41 -30.97 -11.70 -31.97
N THR F 42 -29.77 -12.21 -31.69
CA THR F 42 -28.54 -11.45 -31.91
C THR F 42 -27.47 -12.45 -32.31
N GLU F 43 -26.27 -11.95 -32.54
CA GLU F 43 -25.15 -12.81 -32.86
C GLU F 43 -24.94 -13.52 -31.53
N ASP F 44 -24.53 -14.79 -31.56
CA ASP F 44 -24.32 -15.54 -30.32
C ASP F 44 -23.00 -15.22 -29.62
N THR F 45 -21.98 -14.90 -30.40
CA THR F 45 -20.67 -14.59 -29.84
C THR F 45 -20.57 -13.21 -29.21
N CYS F 46 -20.16 -13.15 -27.94
CA CYS F 46 -20.01 -11.86 -27.27
C CYS F 46 -19.02 -11.04 -28.10
N THR F 47 -19.25 -9.74 -28.23
CA THR F 47 -18.36 -8.90 -29.03
C THR F 47 -17.04 -8.59 -28.30
N HIS F 48 -16.97 -8.98 -27.03
CA HIS F 48 -15.78 -8.74 -26.23
C HIS F 48 -14.82 -9.91 -26.22
N GLY F 49 -15.25 -11.05 -26.73
CA GLY F 49 -14.39 -12.22 -26.73
C GLY F 49 -14.91 -13.38 -27.56
N ILE F 50 -14.78 -14.59 -27.01
CA ILE F 50 -15.23 -15.80 -27.69
C ILE F 50 -16.34 -16.53 -26.92
N ALA F 51 -16.90 -15.87 -25.92
CA ALA F 51 -17.97 -16.46 -25.12
C ALA F 51 -19.26 -16.60 -25.90
N SER F 52 -20.05 -17.61 -25.54
CA SER F 52 -21.34 -17.84 -26.17
C SER F 52 -22.41 -17.19 -25.27
N LEU F 53 -23.08 -16.17 -25.79
CA LEU F 53 -24.11 -15.49 -25.01
C LEU F 53 -25.26 -16.42 -24.65
N SER F 54 -25.50 -17.44 -25.47
CA SER F 54 -26.58 -18.37 -25.20
C SER F 54 -26.29 -19.15 -23.91
N GLU F 55 -25.06 -19.08 -23.43
CA GLU F 55 -24.68 -19.76 -22.19
C GLU F 55 -24.61 -18.75 -21.05
N GLY F 56 -25.19 -17.57 -21.29
CA GLY F 56 -25.19 -16.52 -20.28
C GLY F 56 -26.49 -16.42 -19.49
N THR F 57 -26.66 -15.31 -18.80
CA THR F 57 -27.84 -15.08 -17.97
C THR F 57 -28.71 -13.94 -18.50
N LEU F 58 -29.99 -14.22 -18.70
CA LEU F 58 -30.92 -13.24 -19.20
C LEU F 58 -31.70 -12.57 -18.06
N ASP F 59 -31.66 -11.24 -18.02
CA ASP F 59 -32.39 -10.47 -17.02
C ASP F 59 -33.22 -9.41 -17.74
N GLY F 60 -34.51 -9.66 -17.89
CA GLY F 60 -35.34 -8.72 -18.62
C GLY F 60 -34.92 -8.82 -20.07
N ASP F 61 -34.62 -7.69 -20.70
CA ASP F 61 -34.18 -7.70 -22.09
C ASP F 61 -32.67 -7.49 -22.18
N VAL F 62 -31.96 -7.87 -21.12
CA VAL F 62 -30.51 -7.72 -21.07
C VAL F 62 -29.83 -9.08 -20.90
N ILE F 63 -28.93 -9.41 -21.82
CA ILE F 63 -28.20 -10.67 -21.74
C ILE F 63 -26.82 -10.42 -21.11
N GLU F 64 -26.49 -11.20 -20.09
CA GLU F 64 -25.21 -11.06 -19.41
C GLU F 64 -24.25 -12.15 -19.89
N CYS F 65 -23.10 -11.74 -20.39
CA CYS F 65 -22.10 -12.69 -20.86
C CYS F 65 -21.54 -13.52 -19.70
N PRO F 66 -21.39 -14.84 -19.89
CA PRO F 66 -20.87 -15.74 -18.85
C PRO F 66 -19.38 -15.61 -18.55
N PHE F 67 -18.64 -14.96 -19.43
CA PHE F 67 -17.20 -14.80 -19.25
C PHE F 67 -16.78 -13.69 -18.28
N HIS F 68 -17.05 -12.44 -18.66
CA HIS F 68 -16.63 -11.30 -17.84
C HIS F 68 -17.73 -10.39 -17.27
N GLY F 69 -18.99 -10.77 -17.46
CA GLY F 69 -20.06 -9.95 -16.91
C GLY F 69 -20.49 -8.81 -17.81
N GLY F 70 -19.95 -8.77 -19.02
CA GLY F 70 -20.35 -7.74 -19.95
C GLY F 70 -21.81 -8.02 -20.25
N ALA F 71 -22.54 -7.05 -20.79
CA ALA F 71 -23.95 -7.26 -21.08
C ALA F 71 -24.46 -6.45 -22.27
N PHE F 72 -25.57 -6.92 -22.84
CA PHE F 72 -26.19 -6.29 -24.00
C PHE F 72 -27.70 -6.30 -23.88
N ASN F 73 -28.34 -5.35 -24.56
CA ASN F 73 -29.80 -5.27 -24.59
C ASN F 73 -30.14 -6.11 -25.82
N VAL F 74 -30.84 -7.23 -25.64
CA VAL F 74 -31.16 -8.12 -26.76
C VAL F 74 -32.06 -7.51 -27.83
N CYS F 75 -32.58 -6.31 -27.56
CA CYS F 75 -33.46 -5.63 -28.50
C CYS F 75 -32.69 -4.67 -29.41
N THR F 76 -31.82 -3.85 -28.82
CA THR F 76 -31.03 -2.90 -29.59
C THR F 76 -29.64 -3.43 -29.90
N GLY F 77 -29.17 -4.38 -29.09
CA GLY F 77 -27.85 -4.93 -29.29
C GLY F 77 -26.76 -4.05 -28.72
N MET F 78 -27.16 -2.92 -28.14
CA MET F 78 -26.21 -1.98 -27.55
C MET F 78 -25.68 -2.51 -26.21
N PRO F 79 -24.42 -2.16 -25.87
CA PRO F 79 -23.85 -2.61 -24.60
C PRO F 79 -24.63 -2.07 -23.41
N ALA F 80 -24.86 -2.93 -22.41
CA ALA F 80 -25.58 -2.53 -21.21
C ALA F 80 -24.62 -2.51 -20.03
N SER F 81 -23.53 -3.25 -20.17
CA SER F 81 -22.51 -3.33 -19.13
C SER F 81 -21.11 -3.50 -19.72
N SER F 82 -20.14 -2.89 -19.05
CA SER F 82 -18.74 -3.00 -19.45
C SER F 82 -18.36 -4.45 -19.13
N PRO F 83 -17.26 -4.96 -19.72
CA PRO F 83 -16.33 -4.30 -20.64
C PRO F 83 -16.79 -4.24 -22.10
N CYS F 84 -17.99 -4.76 -22.38
CA CYS F 84 -18.49 -4.73 -23.75
C CYS F 84 -18.65 -3.30 -24.27
N THR F 85 -18.11 -3.06 -25.47
CA THR F 85 -18.17 -1.75 -26.11
C THR F 85 -18.68 -1.85 -27.55
N VAL F 86 -18.48 -3.00 -28.19
CA VAL F 86 -18.92 -3.19 -29.57
C VAL F 86 -20.36 -3.70 -29.61
N PRO F 87 -21.25 -2.95 -30.27
CA PRO F 87 -22.66 -3.32 -30.39
C PRO F 87 -22.86 -4.68 -31.04
N LEU F 88 -23.78 -5.46 -30.48
CA LEU F 88 -24.11 -6.79 -31.00
C LEU F 88 -24.97 -6.68 -32.26
N GLY F 89 -24.79 -7.62 -33.18
CA GLY F 89 -25.60 -7.62 -34.39
C GLY F 89 -26.98 -8.13 -34.01
N VAL F 90 -28.00 -7.35 -34.36
CA VAL F 90 -29.38 -7.71 -34.05
C VAL F 90 -30.14 -8.23 -35.28
N PHE F 91 -30.98 -9.25 -35.07
CA PHE F 91 -31.77 -9.83 -36.16
C PHE F 91 -33.24 -9.86 -35.72
N GLU F 92 -34.09 -9.13 -36.41
CA GLU F 92 -35.51 -9.11 -36.05
C GLU F 92 -36.09 -10.52 -36.22
N VAL F 93 -36.97 -10.90 -35.30
CA VAL F 93 -37.57 -12.23 -35.35
C VAL F 93 -39.08 -12.11 -35.60
N GLU F 94 -39.63 -13.14 -36.23
CA GLU F 94 -41.04 -13.18 -36.54
C GLU F 94 -41.65 -14.44 -35.96
N VAL F 95 -42.83 -14.32 -35.37
CA VAL F 95 -43.52 -15.47 -34.82
C VAL F 95 -44.88 -15.60 -35.51
N LYS F 96 -44.99 -16.58 -36.41
CA LYS F 96 -46.24 -16.78 -37.11
C LYS F 96 -46.77 -18.21 -36.93
N GLU F 97 -47.99 -18.29 -36.42
CA GLU F 97 -48.66 -19.57 -36.16
C GLU F 97 -47.85 -20.44 -35.19
N GLY F 98 -47.38 -19.82 -34.11
CA GLY F 98 -46.61 -20.55 -33.12
C GLY F 98 -45.25 -21.01 -33.60
N GLU F 99 -44.76 -20.42 -34.69
CA GLU F 99 -43.46 -20.80 -35.24
C GLU F 99 -42.50 -19.61 -35.20
N VAL F 100 -41.26 -19.86 -34.75
CA VAL F 100 -40.24 -18.82 -34.64
C VAL F 100 -39.35 -18.68 -35.88
N TYR F 101 -39.29 -17.46 -36.43
CA TYR F 101 -38.48 -17.17 -37.61
C TYR F 101 -37.53 -16.00 -37.34
N VAL F 102 -36.27 -16.15 -37.75
CA VAL F 102 -35.27 -15.11 -37.58
C VAL F 102 -34.69 -14.67 -38.93
N ALA F 103 -34.70 -13.37 -39.18
CA ALA F 103 -34.18 -12.81 -40.44
C ALA F 103 -32.80 -13.37 -40.78
N GLY F 104 -32.47 -13.39 -42.06
CA GLY F 104 -31.17 -13.89 -42.48
C GLY F 104 -30.05 -12.90 -42.25
N GLU F 105 -30.36 -11.62 -42.44
CA GLU F 105 -29.39 -10.55 -42.25
C GLU F 105 -29.74 -9.72 -41.03
N LYS F 106 -28.81 -8.84 -40.63
CA LYS F 106 -29.01 -7.95 -39.50
C LYS F 106 -30.18 -7.00 -39.76
N LYS F 107 -30.33 -6.01 -38.89
CA LYS F 107 -31.41 -5.04 -38.97
C LYS F 107 -32.70 -5.65 -38.41
#